data_6TG2
#
_entry.id   6TG2
#
_cell.length_a   67.920
_cell.length_b   132.130
_cell.length_c   69.460
_cell.angle_alpha   90.000
_cell.angle_beta   91.230
_cell.angle_gamma   90.000
#
_symmetry.space_group_name_H-M   'P 1 21 1'
#
loop_
_entity.id
_entity.type
_entity.pdbx_description
1 polymer MotA
2 non-polymer '(2~{R})-2-[[(3~{R},4~{R},5~{S})-3,4,5,6-tetrakis(oxidanyl)-2-oxidanylidene-hexyl]amino]pentanedioic acid'
3 non-polymer 1,2-ETHANEDIOL
4 non-polymer 'CALCIUM ION'
5 non-polymer DI(HYDROXYETHYL)ETHER
6 water water
#
_entity_poly.entity_id   1
_entity_poly.type   'polypeptide(L)'
_entity_poly.pdbx_seq_one_letter_code
;MGSSHHHHHHSSGLVPRGSHMDVVIASSGGGWQEAQDKALWAPAAKALNITYTQDTFQNWAEARAQVESGSVTWDIIQIG
IADEPQAKAAGVLEKLDPDIVNKADFPPGSVTDSFVANSNYSTLIAWNKKTYGDNGPKSMADFFDVKKFPGKRALWNQPI
GMIEAAALALGTPRDKVYEFLSTEEGRKAAIAKLTELAPSVSVWWESGAQAAQLIKDGEVDMIITWGGRVQGAINDGANF
AYTFNDAQLGTDGYAIVKGAPHRDAAMRFLKEMSKAEYQKDLPNSFATAPANMKAYDLAKYTPEKMATMASAPENVAVQY
SVDPNFWAKHAKWASEAYDNVRLSRHHHHHH
;
_entity_poly.pdbx_strand_id   A,B,C,D
#
loop_
_chem_comp.id
_chem_comp.type
_chem_comp.name
_chem_comp.formula
CA non-polymer 'CALCIUM ION' 'Ca 2'
EDO non-polymer 1,2-ETHANEDIOL 'C2 H6 O2'
N72 non-polymer '(2~{R})-2-[[(3~{R},4~{R},5~{S})-3,4,5,6-tetrakis(oxidanyl)-2-oxidanylidene-hexyl]amino]pentanedioic acid' 'C11 H19 N O9'
PEG non-polymer DI(HYDROXYETHYL)ETHER 'C4 H10 O3'
#
# COMPACT_ATOMS: atom_id res chain seq x y z
N HIS A 20 -28.17 13.10 19.59
CA HIS A 20 -27.16 13.85 20.35
C HIS A 20 -26.03 12.95 20.88
N MET A 21 -26.30 11.63 20.96
CA MET A 21 -25.38 10.58 21.37
C MET A 21 -24.62 10.05 20.11
N ASP A 22 -25.00 10.54 18.90
CA ASP A 22 -24.42 10.07 17.65
C ASP A 22 -22.99 10.49 17.41
N VAL A 23 -22.17 9.52 16.97
CA VAL A 23 -20.80 9.79 16.55
C VAL A 23 -20.91 10.43 15.12
N VAL A 24 -20.25 11.57 14.91
CA VAL A 24 -20.29 12.21 13.59
C VAL A 24 -19.08 11.79 12.76
N ILE A 25 -19.32 11.08 11.64
CA ILE A 25 -18.28 10.62 10.71
C ILE A 25 -18.39 11.39 9.38
N ALA A 26 -17.28 11.88 8.86
CA ALA A 26 -17.30 12.66 7.61
C ALA A 26 -16.27 12.19 6.60
N SER A 27 -16.72 11.98 5.36
CA SER A 27 -15.87 11.64 4.20
C SER A 27 -16.13 12.65 3.05
N SER A 28 -15.79 12.31 1.79
CA SER A 28 -15.94 13.21 0.64
C SER A 28 -17.19 12.96 -0.25
N GLY A 29 -18.12 12.14 0.22
CA GLY A 29 -19.36 11.88 -0.51
C GLY A 29 -19.25 10.89 -1.66
N GLY A 30 -20.34 10.75 -2.41
CA GLY A 30 -20.45 9.89 -3.58
C GLY A 30 -20.30 8.42 -3.31
N GLY A 31 -19.79 7.69 -4.31
CA GLY A 31 -19.59 6.24 -4.25
C GLY A 31 -18.59 5.80 -3.21
N TRP A 32 -17.56 6.63 -2.96
CA TRP A 32 -16.57 6.34 -1.93
C TRP A 32 -17.22 6.36 -0.53
N GLN A 33 -18.03 7.40 -0.21
CA GLN A 33 -18.68 7.48 1.10
C GLN A 33 -19.67 6.33 1.28
N GLU A 34 -20.43 6.00 0.22
CA GLU A 34 -21.40 4.92 0.20
C GLU A 34 -20.71 3.58 0.48
N ALA A 35 -19.55 3.32 -0.16
CA ALA A 35 -18.74 2.10 0.06
C ALA A 35 -18.31 1.97 1.54
N GLN A 36 -17.78 3.07 2.16
CA GLN A 36 -17.36 3.10 3.56
C GLN A 36 -18.55 2.93 4.49
N ASP A 37 -19.68 3.56 4.16
CA ASP A 37 -20.87 3.43 4.98
C ASP A 37 -21.40 2.00 5.00
N LYS A 38 -21.47 1.38 3.83
CA LYS A 38 -22.02 0.02 3.68
C LYS A 38 -21.09 -1.06 4.22
N ALA A 39 -19.81 -0.95 3.91
CA ALA A 39 -18.84 -1.95 4.33
C ALA A 39 -18.32 -1.76 5.74
N LEU A 40 -18.12 -0.48 6.17
CA LEU A 40 -17.49 -0.22 7.46
C LEU A 40 -18.39 0.37 8.56
N TRP A 41 -19.02 1.52 8.31
CA TRP A 41 -19.76 2.29 9.30
C TRP A 41 -21.01 1.58 9.83
N ALA A 42 -21.92 1.14 8.92
CA ALA A 42 -23.16 0.49 9.34
C ALA A 42 -22.90 -0.82 10.11
N PRO A 43 -22.05 -1.77 9.61
CA PRO A 43 -21.82 -3.01 10.40
C PRO A 43 -21.04 -2.80 11.71
N ALA A 44 -20.02 -1.91 11.72
CA ALA A 44 -19.22 -1.66 12.94
C ALA A 44 -20.06 -1.00 14.02
N ALA A 45 -20.97 -0.07 13.63
CA ALA A 45 -21.85 0.63 14.58
C ALA A 45 -22.77 -0.37 15.26
N LYS A 46 -23.34 -1.28 14.46
CA LYS A 46 -24.27 -2.34 14.86
C LYS A 46 -23.60 -3.25 15.88
N ALA A 47 -22.35 -3.68 15.58
CA ALA A 47 -21.54 -4.55 16.44
C ALA A 47 -21.18 -3.88 17.79
N LEU A 48 -21.04 -2.54 17.80
CA LEU A 48 -20.70 -1.80 19.02
C LEU A 48 -21.89 -1.19 19.75
N ASN A 49 -23.10 -1.29 19.16
CA ASN A 49 -24.34 -0.71 19.70
C ASN A 49 -24.24 0.83 19.75
N ILE A 50 -23.63 1.43 18.71
CA ILE A 50 -23.47 2.87 18.62
C ILE A 50 -24.29 3.44 17.44
N THR A 51 -24.69 4.71 17.56
CA THR A 51 -25.41 5.40 16.49
C THR A 51 -24.47 6.42 15.87
N TYR A 52 -24.60 6.65 14.56
CA TYR A 52 -23.73 7.60 13.89
C TYR A 52 -24.47 8.50 12.91
N THR A 53 -23.87 9.66 12.64
CA THR A 53 -24.34 10.66 11.69
C THR A 53 -23.23 10.89 10.68
N GLN A 54 -23.58 11.06 9.42
CA GLN A 54 -22.64 11.30 8.33
C GLN A 54 -22.62 12.77 7.93
N ASP A 55 -21.48 13.21 7.46
CA ASP A 55 -21.28 14.54 6.91
C ASP A 55 -20.30 14.37 5.74
N THR A 56 -20.16 15.40 4.91
CA THR A 56 -19.30 15.42 3.72
C THR A 56 -18.45 16.70 3.74
N PHE A 57 -17.22 16.60 3.27
CA PHE A 57 -16.30 17.72 3.14
C PHE A 57 -15.26 17.33 2.10
N GLN A 58 -14.67 18.33 1.44
CA GLN A 58 -13.64 18.11 0.43
C GLN A 58 -12.24 18.52 0.86
N ASN A 59 -12.12 19.49 1.78
CA ASN A 59 -10.84 20.07 2.23
C ASN A 59 -10.64 19.93 3.74
N TRP A 60 -9.47 19.45 4.19
CA TRP A 60 -9.10 19.29 5.62
C TRP A 60 -9.17 20.62 6.40
N ALA A 61 -8.99 21.77 5.71
CA ALA A 61 -9.08 23.11 6.30
C ALA A 61 -10.48 23.38 6.91
N GLU A 62 -11.49 22.59 6.51
CA GLU A 62 -12.85 22.72 7.05
C GLU A 62 -12.84 22.18 8.50
N ALA A 63 -12.02 21.11 8.77
CA ALA A 63 -11.86 20.55 10.12
C ALA A 63 -11.01 21.51 10.95
N ARG A 64 -9.97 22.13 10.32
CA ARG A 64 -9.13 23.14 10.96
C ARG A 64 -9.97 24.31 11.46
N ALA A 65 -10.99 24.73 10.67
CA ALA A 65 -11.90 25.82 10.98
C ALA A 65 -12.73 25.50 12.22
N GLN A 66 -13.21 24.23 12.36
CA GLN A 66 -13.99 23.78 13.52
C GLN A 66 -13.13 23.85 14.79
N VAL A 67 -11.87 23.37 14.71
CA VAL A 67 -10.92 23.36 15.84
C VAL A 67 -10.57 24.78 16.27
N GLU A 68 -10.19 25.64 15.31
CA GLU A 68 -9.82 27.04 15.55
C GLU A 68 -10.98 27.89 16.07
N SER A 69 -12.23 27.56 15.70
CA SER A 69 -13.43 28.29 16.15
C SER A 69 -13.86 27.87 17.56
N GLY A 70 -13.39 26.71 18.02
CA GLY A 70 -13.75 26.14 19.31
C GLY A 70 -15.09 25.43 19.27
N SER A 71 -15.66 25.25 18.05
CA SER A 71 -16.96 24.63 17.80
C SER A 71 -16.82 23.34 16.95
N VAL A 72 -16.26 22.29 17.56
CA VAL A 72 -16.03 21.01 16.88
C VAL A 72 -17.31 20.17 16.91
N THR A 73 -17.79 19.76 15.72
CA THR A 73 -19.00 18.94 15.60
C THR A 73 -18.67 17.55 15.02
N TRP A 74 -17.57 17.45 14.27
CA TRP A 74 -17.14 16.16 13.71
C TRP A 74 -16.35 15.35 14.73
N ASP A 75 -16.52 14.03 14.67
CA ASP A 75 -15.74 13.14 15.52
C ASP A 75 -14.63 12.52 14.67
N ILE A 76 -15.01 11.68 13.69
CA ILE A 76 -14.10 11.02 12.76
C ILE A 76 -14.10 11.73 11.42
N ILE A 77 -12.90 11.95 10.86
CA ILE A 77 -12.72 12.53 9.54
C ILE A 77 -11.90 11.59 8.71
N GLN A 78 -12.42 11.25 7.52
CA GLN A 78 -11.64 10.46 6.58
C GLN A 78 -10.76 11.50 5.85
N ILE A 79 -9.43 11.33 5.85
CA ILE A 79 -8.54 12.26 5.17
C ILE A 79 -7.52 11.47 4.35
N GLY A 80 -6.77 12.20 3.52
CA GLY A 80 -5.67 11.65 2.74
C GLY A 80 -4.43 11.64 3.61
N ILE A 81 -3.54 10.65 3.40
CA ILE A 81 -2.32 10.51 4.19
C ILE A 81 -1.37 11.76 4.11
N ALA A 82 -1.32 12.47 2.98
CA ALA A 82 -0.47 13.65 2.82
C ALA A 82 -1.06 14.91 3.48
N ASP A 83 -2.34 14.85 3.90
CA ASP A 83 -2.94 15.96 4.63
C ASP A 83 -2.73 15.77 6.14
N GLU A 84 -2.47 14.50 6.56
CA GLU A 84 -2.22 14.11 7.94
C GLU A 84 -1.08 14.93 8.60
N PRO A 85 0.11 15.11 7.97
CA PRO A 85 1.16 15.89 8.66
C PRO A 85 0.78 17.36 8.95
N GLN A 86 0.17 18.06 7.99
CA GLN A 86 -0.21 19.45 8.20
C GLN A 86 -1.40 19.58 9.16
N ALA A 87 -2.34 18.58 9.17
CA ALA A 87 -3.48 18.57 10.09
C ALA A 87 -2.99 18.34 11.53
N LYS A 88 -2.01 17.44 11.69
CA LYS A 88 -1.41 17.11 12.97
C LYS A 88 -0.63 18.32 13.51
N ALA A 89 0.17 19.00 12.65
CA ALA A 89 0.98 20.17 13.02
C ALA A 89 0.11 21.33 13.48
N ALA A 90 -1.08 21.48 12.89
CA ALA A 90 -2.03 22.55 13.18
C ALA A 90 -2.90 22.25 14.41
N GLY A 91 -2.70 21.10 15.05
CA GLY A 91 -3.46 20.68 16.23
C GLY A 91 -4.92 20.35 15.96
N VAL A 92 -5.17 19.80 14.79
CA VAL A 92 -6.53 19.46 14.33
C VAL A 92 -6.87 17.99 14.68
N LEU A 93 -5.83 17.17 14.95
CA LEU A 93 -6.02 15.74 15.21
C LEU A 93 -5.68 15.28 16.61
N GLU A 94 -6.51 14.36 17.14
CA GLU A 94 -6.31 13.72 18.43
C GLU A 94 -5.23 12.65 18.27
N LYS A 95 -4.46 12.40 19.34
CA LYS A 95 -3.49 11.32 19.33
C LYS A 95 -4.32 10.06 19.63
N LEU A 96 -4.22 9.08 18.74
CA LEU A 96 -4.96 7.83 18.83
C LEU A 96 -4.45 6.96 19.94
N ASP A 97 -5.36 6.20 20.58
CA ASP A 97 -5.03 5.25 21.65
C ASP A 97 -3.98 4.24 21.12
N PRO A 98 -2.98 3.85 21.92
CA PRO A 98 -1.84 3.05 21.40
C PRO A 98 -2.11 1.78 20.58
N ASP A 99 -2.87 0.79 21.07
CA ASP A 99 -3.07 -0.47 20.33
C ASP A 99 -4.43 -0.48 19.60
N ILE A 100 -4.80 0.65 18.95
CA ILE A 100 -6.07 0.83 18.21
C ILE A 100 -6.18 -0.16 17.04
N VAL A 101 -5.05 -0.48 16.40
CA VAL A 101 -4.97 -1.47 15.32
C VAL A 101 -3.70 -2.27 15.53
N ASN A 102 -3.58 -3.42 14.83
CA ASN A 102 -2.33 -4.14 14.84
C ASN A 102 -1.64 -3.60 13.60
N LYS A 103 -0.64 -2.69 13.79
CA LYS A 103 0.11 -2.02 12.71
C LYS A 103 0.73 -3.02 11.71
N ALA A 104 0.97 -4.27 12.16
CA ALA A 104 1.54 -5.33 11.31
C ALA A 104 0.54 -5.76 10.19
N ASP A 105 -0.77 -5.51 10.39
CA ASP A 105 -1.80 -5.82 9.39
C ASP A 105 -1.86 -4.75 8.29
N PHE A 106 -1.16 -3.63 8.45
CA PHE A 106 -1.25 -2.53 7.51
C PHE A 106 0.07 -2.26 6.79
N PRO A 107 0.07 -1.62 5.58
CA PRO A 107 1.36 -1.28 4.94
C PRO A 107 2.21 -0.34 5.84
N PRO A 108 3.55 -0.48 5.84
CA PRO A 108 4.37 0.41 6.71
C PRO A 108 4.21 1.89 6.38
N GLY A 109 3.96 2.68 7.42
CA GLY A 109 3.74 4.12 7.30
C GLY A 109 2.29 4.49 7.09
N SER A 110 1.41 3.52 6.77
CA SER A 110 0.00 3.81 6.55
C SER A 110 -0.77 4.02 7.89
N VAL A 111 -0.12 3.71 9.04
CA VAL A 111 -0.68 3.92 10.38
C VAL A 111 0.30 4.80 11.18
N THR A 112 -0.18 5.95 11.68
CA THR A 112 0.63 6.87 12.50
C THR A 112 -0.02 6.92 13.88
N ASP A 113 0.50 7.81 14.76
CA ASP A 113 -0.07 8.04 16.07
C ASP A 113 -1.44 8.79 15.98
N SER A 114 -1.80 9.34 14.79
CA SER A 114 -3.04 10.12 14.64
C SER A 114 -3.88 9.72 13.42
N PHE A 115 -3.51 8.64 12.73
CA PHE A 115 -4.16 8.22 11.50
C PHE A 115 -4.13 6.72 11.28
N VAL A 116 -5.26 6.20 10.77
CA VAL A 116 -5.36 4.79 10.46
C VAL A 116 -5.90 4.67 9.06
N ALA A 117 -5.11 4.03 8.17
CA ALA A 117 -5.46 3.78 6.80
C ALA A 117 -6.69 2.89 6.69
N ASN A 118 -7.52 3.15 5.67
CA ASN A 118 -8.67 2.31 5.36
C ASN A 118 -8.54 1.79 3.93
N SER A 119 -7.79 2.51 3.06
CA SER A 119 -7.66 2.12 1.65
C SER A 119 -6.49 2.73 0.90
N ASN A 120 -6.18 2.12 -0.25
CA ASN A 120 -5.23 2.59 -1.25
C ASN A 120 -6.02 2.93 -2.50
N TYR A 121 -5.66 4.05 -3.14
CA TYR A 121 -6.31 4.50 -4.37
C TYR A 121 -5.28 5.21 -5.30
N SER A 122 -5.73 5.52 -6.51
CA SER A 122 -4.86 6.22 -7.46
C SER A 122 -5.47 7.48 -8.00
N THR A 123 -4.61 8.46 -8.20
CA THR A 123 -4.89 9.75 -8.86
C THR A 123 -4.33 9.54 -10.26
N LEU A 124 -5.22 9.27 -11.21
CA LEU A 124 -4.82 8.88 -12.56
C LEU A 124 -5.45 9.68 -13.71
N ILE A 125 -4.97 9.38 -14.94
CA ILE A 125 -5.44 9.97 -16.20
C ILE A 125 -6.57 9.11 -16.79
N ALA A 126 -7.69 9.78 -17.13
CA ALA A 126 -8.82 9.20 -17.85
C ALA A 126 -9.10 10.10 -19.07
N TRP A 127 -9.49 9.50 -20.20
CA TRP A 127 -9.79 10.31 -21.38
C TRP A 127 -11.08 9.85 -22.02
N ASN A 128 -11.69 10.78 -22.76
CA ASN A 128 -12.93 10.58 -23.51
C ASN A 128 -12.65 9.78 -24.80
N LYS A 129 -13.26 8.58 -24.91
CA LYS A 129 -13.10 7.75 -26.10
C LYS A 129 -13.84 8.32 -27.30
N LYS A 130 -14.88 9.16 -27.07
CA LYS A 130 -15.57 9.82 -28.17
C LYS A 130 -14.61 10.83 -28.85
N THR A 131 -13.77 11.51 -28.05
CA THR A 131 -12.81 12.48 -28.52
C THR A 131 -11.54 11.86 -29.13
N TYR A 132 -10.91 10.91 -28.44
CA TYR A 132 -9.62 10.37 -28.88
C TYR A 132 -9.58 8.89 -29.23
N GLY A 133 -10.68 8.18 -28.97
CA GLY A 133 -10.75 6.74 -29.21
C GLY A 133 -9.73 6.05 -28.34
N ASP A 134 -9.00 5.08 -28.91
CA ASP A 134 -7.99 4.36 -28.14
C ASP A 134 -6.70 5.18 -28.00
N ASN A 135 -6.51 6.19 -28.87
CA ASN A 135 -5.33 7.05 -28.96
C ASN A 135 -5.46 8.27 -28.06
N GLY A 136 -5.69 8.02 -26.79
CA GLY A 136 -5.81 9.08 -25.80
C GLY A 136 -4.48 9.30 -25.10
N PRO A 137 -4.40 10.29 -24.20
CA PRO A 137 -3.15 10.53 -23.45
C PRO A 137 -2.80 9.38 -22.48
N LYS A 138 -1.58 8.82 -22.61
CA LYS A 138 -1.19 7.69 -21.76
C LYS A 138 -0.04 7.98 -20.77
N SER A 139 0.29 9.26 -20.60
CA SER A 139 1.34 9.73 -19.68
C SER A 139 1.03 11.17 -19.34
N MET A 140 1.73 11.71 -18.33
CA MET A 140 1.53 13.11 -17.93
C MET A 140 1.97 14.06 -19.01
N ALA A 141 3.08 13.73 -19.73
CA ALA A 141 3.56 14.53 -20.85
C ALA A 141 2.45 14.68 -21.92
N ASP A 142 1.72 13.57 -22.22
CA ASP A 142 0.60 13.54 -23.17
C ASP A 142 -0.57 14.39 -22.67
N PHE A 143 -0.91 14.26 -21.37
CA PHE A 143 -2.00 15.02 -20.74
C PHE A 143 -1.78 16.53 -20.88
N PHE A 144 -0.56 17.01 -20.63
CA PHE A 144 -0.21 18.42 -20.71
C PHE A 144 0.09 18.90 -22.15
N ASP A 145 0.09 17.98 -23.15
CA ASP A 145 0.36 18.29 -24.58
C ASP A 145 -0.92 18.64 -25.40
N VAL A 146 -1.25 19.94 -25.45
CA VAL A 146 -2.44 20.51 -26.11
C VAL A 146 -2.36 20.42 -27.66
N LYS A 147 -1.14 20.33 -28.20
CA LYS A 147 -0.94 20.23 -29.65
C LYS A 147 -1.23 18.82 -30.16
N LYS A 148 -0.66 17.80 -29.50
CA LYS A 148 -0.88 16.41 -29.85
C LYS A 148 -2.29 15.97 -29.44
N PHE A 149 -2.77 16.44 -28.28
CA PHE A 149 -4.12 16.11 -27.80
C PHE A 149 -4.92 17.37 -27.54
N PRO A 150 -5.53 17.99 -28.58
CA PRO A 150 -6.34 19.20 -28.32
C PRO A 150 -7.62 18.82 -27.57
N GLY A 151 -8.03 19.67 -26.63
CA GLY A 151 -9.24 19.38 -25.88
C GLY A 151 -9.30 19.93 -24.48
N LYS A 152 -10.47 19.78 -23.88
CA LYS A 152 -10.80 20.26 -22.54
C LYS A 152 -10.26 19.36 -21.45
N ARG A 153 -9.41 19.97 -20.60
CA ARG A 153 -8.81 19.28 -19.45
C ARG A 153 -9.59 19.59 -18.16
N ALA A 154 -9.58 18.62 -17.23
CA ALA A 154 -10.17 18.77 -15.89
C ALA A 154 -9.14 18.37 -14.83
N LEU A 155 -8.89 19.30 -13.91
CA LEU A 155 -7.95 19.07 -12.82
C LEU A 155 -8.67 19.31 -11.51
N TRP A 156 -8.10 18.79 -10.42
CA TRP A 156 -8.62 18.97 -9.08
C TRP A 156 -8.45 20.42 -8.66
N ASN A 157 -9.34 20.94 -7.81
CA ASN A 157 -9.17 22.30 -7.31
C ASN A 157 -8.20 22.35 -6.06
N GLN A 158 -7.61 21.21 -5.69
CA GLN A 158 -6.61 21.04 -4.63
C GLN A 158 -5.30 20.49 -5.22
N PRO A 159 -4.12 20.81 -4.63
CA PRO A 159 -2.84 20.48 -5.32
C PRO A 159 -2.24 19.06 -5.21
N ILE A 160 -2.67 18.23 -4.25
CA ILE A 160 -2.08 16.88 -4.13
C ILE A 160 -2.39 16.04 -5.39
N GLY A 161 -1.34 15.56 -6.03
CA GLY A 161 -1.41 14.81 -7.27
C GLY A 161 -1.32 15.71 -8.49
N MET A 162 -1.60 17.01 -8.34
CA MET A 162 -1.61 18.00 -9.42
C MET A 162 -0.25 18.60 -9.61
N ILE A 163 0.40 19.07 -8.53
CA ILE A 163 1.78 19.56 -8.59
C ILE A 163 2.70 18.48 -9.17
N GLU A 164 2.55 17.24 -8.71
CA GLU A 164 3.37 16.09 -9.11
C GLU A 164 3.15 15.72 -10.56
N ALA A 165 1.88 15.87 -11.07
CA ALA A 165 1.51 15.58 -12.46
C ALA A 165 2.28 16.54 -13.38
N ALA A 166 2.41 17.82 -12.95
CA ALA A 166 3.16 18.81 -13.71
C ALA A 166 4.66 18.48 -13.73
N ALA A 167 5.21 17.94 -12.63
CA ALA A 167 6.63 17.54 -12.54
C ALA A 167 6.91 16.38 -13.51
N LEU A 168 5.98 15.41 -13.58
CA LEU A 168 6.07 14.28 -14.51
C LEU A 168 5.95 14.74 -15.95
N ALA A 169 5.08 15.76 -16.19
CA ALA A 169 4.88 16.33 -17.52
C ALA A 169 6.16 17.02 -18.01
N LEU A 170 6.97 17.57 -17.07
CA LEU A 170 8.24 18.21 -17.38
C LEU A 170 9.34 17.18 -17.71
N GLY A 171 9.05 15.88 -17.50
CA GLY A 171 9.98 14.80 -17.82
C GLY A 171 10.79 14.28 -16.66
N THR A 172 10.33 14.57 -15.44
CA THR A 172 10.94 14.07 -14.21
C THR A 172 10.57 12.58 -14.15
N PRO A 173 11.55 11.67 -13.88
CA PRO A 173 11.21 10.25 -13.71
C PRO A 173 10.34 10.06 -12.47
N ARG A 174 9.49 9.01 -12.48
CA ARG A 174 8.56 8.70 -11.39
C ARG A 174 9.23 8.56 -10.03
N ASP A 175 10.40 7.92 -10.00
CA ASP A 175 11.15 7.71 -8.76
C ASP A 175 11.84 8.99 -8.23
N LYS A 176 11.82 10.10 -9.02
CA LYS A 176 12.46 11.36 -8.64
C LYS A 176 11.50 12.58 -8.50
N VAL A 177 10.18 12.31 -8.52
CA VAL A 177 9.12 13.33 -8.41
C VAL A 177 9.36 14.34 -7.26
N TYR A 178 9.53 13.82 -6.03
CA TYR A 178 9.71 14.59 -4.83
C TYR A 178 11.13 15.13 -4.66
N GLU A 179 12.12 14.47 -5.29
CA GLU A 179 13.51 14.95 -5.29
C GLU A 179 13.53 16.26 -6.12
N PHE A 180 12.80 16.27 -7.26
CA PHE A 180 12.64 17.41 -8.16
C PHE A 180 11.86 18.52 -7.44
N LEU A 181 10.80 18.16 -6.71
CA LEU A 181 9.97 19.14 -6.00
C LEU A 181 10.59 19.62 -4.68
N SER A 182 11.71 19.01 -4.22
CA SER A 182 12.39 19.48 -3.02
C SER A 182 13.24 20.73 -3.35
N THR A 183 13.43 21.03 -4.65
CA THR A 183 14.17 22.21 -5.13
C THR A 183 13.19 23.33 -5.44
N GLU A 184 13.59 24.59 -5.17
CA GLU A 184 12.77 25.78 -5.44
C GLU A 184 12.54 25.90 -6.94
N GLU A 185 13.60 25.58 -7.73
CA GLU A 185 13.63 25.56 -9.20
C GLU A 185 12.58 24.56 -9.72
N GLY A 186 12.52 23.36 -9.11
CA GLY A 186 11.56 22.33 -9.46
C GLY A 186 10.13 22.72 -9.18
N ARG A 187 9.92 23.36 -8.02
CA ARG A 187 8.63 23.86 -7.55
C ARG A 187 8.09 24.96 -8.45
N LYS A 188 8.96 25.90 -8.85
CA LYS A 188 8.62 26.99 -9.76
C LYS A 188 8.25 26.47 -11.16
N ALA A 189 9.05 25.53 -11.72
CA ALA A 189 8.83 24.95 -13.03
C ALA A 189 7.49 24.21 -13.09
N ALA A 190 7.13 23.48 -12.01
CA ALA A 190 5.87 22.74 -11.92
C ALA A 190 4.68 23.71 -11.94
N ILE A 191 4.81 24.86 -11.27
CA ILE A 191 3.75 25.87 -11.23
C ILE A 191 3.61 26.52 -12.60
N ALA A 192 4.77 26.83 -13.24
CA ALA A 192 4.81 27.42 -14.58
C ALA A 192 4.18 26.45 -15.61
N LYS A 193 4.37 25.13 -15.41
CA LYS A 193 3.79 24.11 -16.29
C LYS A 193 2.26 24.05 -16.12
N LEU A 194 1.73 24.19 -14.90
CA LEU A 194 0.28 24.21 -14.65
C LEU A 194 -0.35 25.48 -15.24
N THR A 195 0.36 26.60 -15.18
CA THR A 195 -0.06 27.90 -15.71
C THR A 195 -0.19 27.82 -17.23
N GLU A 196 0.76 27.13 -17.87
CA GLU A 196 0.80 26.92 -19.32
C GLU A 196 -0.42 26.06 -19.79
N LEU A 197 -0.85 25.09 -18.97
CA LEU A 197 -2.00 24.24 -19.29
C LEU A 197 -3.35 24.87 -18.92
N ALA A 198 -3.37 25.75 -17.91
CA ALA A 198 -4.58 26.41 -17.40
C ALA A 198 -5.58 26.93 -18.51
N PRO A 199 -5.14 27.55 -19.66
CA PRO A 199 -6.11 27.94 -20.70
C PRO A 199 -6.95 26.79 -21.29
N SER A 200 -6.42 25.55 -21.27
CA SER A 200 -7.14 24.37 -21.77
C SER A 200 -7.93 23.66 -20.67
N VAL A 201 -7.89 24.17 -19.41
CA VAL A 201 -8.63 23.58 -18.30
C VAL A 201 -10.04 24.21 -18.25
N SER A 202 -11.06 23.44 -18.65
CA SER A 202 -12.46 23.89 -18.68
C SER A 202 -13.12 23.82 -17.29
N VAL A 203 -12.62 22.91 -16.43
CA VAL A 203 -13.19 22.77 -15.09
C VAL A 203 -12.15 22.32 -14.08
N TRP A 204 -12.14 22.99 -12.90
CA TRP A 204 -11.35 22.61 -11.74
C TRP A 204 -12.37 21.88 -10.83
N TRP A 205 -12.45 20.54 -10.98
CA TRP A 205 -13.41 19.73 -10.25
C TRP A 205 -13.14 19.78 -8.74
N GLU A 206 -14.21 19.71 -7.96
CA GLU A 206 -14.15 19.84 -6.51
C GLU A 206 -14.39 18.56 -5.73
N SER A 207 -15.25 17.67 -6.25
CA SER A 207 -15.53 16.41 -5.59
C SER A 207 -15.41 15.27 -6.61
N GLY A 208 -15.19 14.04 -6.12
CA GLY A 208 -15.05 12.86 -6.95
C GLY A 208 -16.33 12.53 -7.70
N ALA A 209 -17.49 12.85 -7.09
CA ALA A 209 -18.79 12.62 -7.72
C ALA A 209 -19.02 13.61 -8.86
N GLN A 210 -18.48 14.85 -8.73
CA GLN A 210 -18.59 15.86 -9.79
C GLN A 210 -17.69 15.42 -10.95
N ALA A 211 -16.49 14.90 -10.64
CA ALA A 211 -15.53 14.37 -11.63
C ALA A 211 -16.16 13.16 -12.39
N ALA A 212 -16.87 12.28 -11.66
CA ALA A 212 -17.55 11.12 -12.22
C ALA A 212 -18.69 11.57 -13.16
N GLN A 213 -19.41 12.63 -12.78
CA GLN A 213 -20.48 13.21 -13.57
C GLN A 213 -19.96 13.83 -14.89
N LEU A 214 -18.80 14.51 -14.83
CA LEU A 214 -18.17 15.11 -16.01
C LEU A 214 -17.81 14.01 -17.02
N ILE A 215 -17.39 12.84 -16.50
CA ILE A 215 -17.02 11.67 -17.28
C ILE A 215 -18.27 11.05 -17.91
N LYS A 216 -19.33 10.85 -17.13
CA LYS A 216 -20.58 10.26 -17.61
C LYS A 216 -21.22 11.11 -18.70
N ASP A 217 -21.13 12.44 -18.58
CA ASP A 217 -21.69 13.38 -19.55
C ASP A 217 -20.78 13.69 -20.74
N GLY A 218 -19.50 13.29 -20.66
CA GLY A 218 -18.54 13.58 -21.70
C GLY A 218 -18.28 15.08 -21.83
N GLU A 219 -18.41 15.84 -20.72
CA GLU A 219 -18.21 17.31 -20.69
C GLU A 219 -16.75 17.73 -20.78
N VAL A 220 -15.83 16.78 -20.58
CA VAL A 220 -14.38 16.96 -20.68
C VAL A 220 -13.79 15.94 -21.64
N ASP A 221 -12.59 16.25 -22.17
CA ASP A 221 -11.92 15.35 -23.09
C ASP A 221 -10.89 14.49 -22.34
N MET A 222 -10.36 15.02 -21.23
CA MET A 222 -9.41 14.33 -20.36
C MET A 222 -9.44 14.88 -18.94
N ILE A 223 -9.21 14.00 -17.96
CA ILE A 223 -9.27 14.35 -16.54
C ILE A 223 -8.25 13.60 -15.68
N ILE A 224 -7.74 14.30 -14.67
CA ILE A 224 -6.89 13.71 -13.63
C ILE A 224 -7.82 13.63 -12.40
N THR A 225 -8.16 12.41 -11.99
CA THR A 225 -9.05 12.15 -10.85
C THR A 225 -8.77 10.76 -10.27
N TRP A 226 -9.57 10.39 -9.28
CA TRP A 226 -9.44 9.13 -8.54
C TRP A 226 -10.06 7.95 -9.29
N GLY A 227 -9.30 6.85 -9.35
CA GLY A 227 -9.63 5.61 -10.05
C GLY A 227 -11.00 5.01 -9.82
N GLY A 228 -11.45 4.99 -8.56
CA GLY A 228 -12.75 4.46 -8.17
C GLY A 228 -13.89 5.25 -8.75
N ARG A 229 -13.70 6.57 -8.79
CA ARG A 229 -14.65 7.52 -9.37
C ARG A 229 -14.75 7.28 -10.87
N VAL A 230 -13.57 7.10 -11.55
CA VAL A 230 -13.47 6.80 -12.99
C VAL A 230 -14.19 5.49 -13.30
N GLN A 231 -13.82 4.44 -12.59
CA GLN A 231 -14.38 3.11 -12.79
C GLN A 231 -15.89 3.06 -12.58
N GLY A 232 -16.37 3.81 -11.60
CA GLY A 232 -17.77 3.94 -11.27
C GLY A 232 -18.52 4.57 -12.40
N ALA A 233 -17.93 5.66 -12.98
CA ALA A 233 -18.52 6.33 -14.14
C ALA A 233 -18.60 5.40 -15.36
N ILE A 234 -17.49 4.65 -15.63
CA ILE A 234 -17.40 3.68 -16.73
C ILE A 234 -18.44 2.57 -16.52
N ASN A 235 -18.60 2.04 -15.28
CA ASN A 235 -19.62 1.03 -14.96
C ASN A 235 -21.02 1.58 -15.21
N ASP A 236 -21.21 2.90 -15.04
CA ASP A 236 -22.48 3.60 -15.29
C ASP A 236 -22.71 3.89 -16.79
N GLY A 237 -21.74 3.52 -17.64
CA GLY A 237 -21.84 3.65 -19.09
C GLY A 237 -21.04 4.76 -19.74
N ALA A 238 -20.12 5.42 -19.01
CA ALA A 238 -19.28 6.49 -19.56
C ALA A 238 -18.34 5.91 -20.61
N ASN A 239 -18.23 6.61 -21.77
CA ASN A 239 -17.36 6.20 -22.87
C ASN A 239 -15.94 6.80 -22.70
N PHE A 240 -15.30 6.36 -21.63
CA PHE A 240 -13.97 6.79 -21.21
C PHE A 240 -13.05 5.59 -21.04
N ALA A 241 -11.76 5.85 -21.06
CA ALA A 241 -10.72 4.87 -20.82
C ALA A 241 -9.76 5.53 -19.85
N TYR A 242 -8.92 4.74 -19.16
CA TYR A 242 -7.95 5.26 -18.21
C TYR A 242 -6.73 4.36 -18.18
N THR A 243 -5.69 4.87 -17.53
CA THR A 243 -4.42 4.18 -17.38
C THR A 243 -3.88 4.42 -15.96
N PHE A 244 -3.13 3.44 -15.44
CA PHE A 244 -2.41 3.58 -14.17
C PHE A 244 -1.03 4.20 -14.41
N ASN A 245 -0.61 4.35 -15.69
CA ASN A 245 0.68 4.91 -16.01
C ASN A 245 0.77 6.35 -15.60
N ASP A 246 1.82 6.69 -14.81
CA ASP A 246 2.10 8.00 -14.20
C ASP A 246 1.12 8.34 -13.08
N ALA A 247 0.32 7.35 -12.60
CA ALA A 247 -0.64 7.61 -11.53
C ALA A 247 0.07 7.70 -10.18
N GLN A 248 -0.53 8.46 -9.26
CA GLN A 248 -0.04 8.61 -7.91
C GLN A 248 -0.77 7.60 -7.03
N LEU A 249 -0.02 6.79 -6.30
CA LEU A 249 -0.58 5.82 -5.37
C LEU A 249 -0.78 6.51 -4.01
N GLY A 250 -2.03 6.62 -3.60
CA GLY A 250 -2.42 7.30 -2.36
C GLY A 250 -3.00 6.42 -1.28
N THR A 251 -3.09 6.98 -0.09
CA THR A 251 -3.63 6.28 1.08
C THR A 251 -4.64 7.17 1.74
N ASP A 252 -5.82 6.60 1.93
CA ASP A 252 -6.90 7.25 2.65
C ASP A 252 -7.01 6.54 3.99
N GLY A 253 -7.49 7.27 4.97
CA GLY A 253 -7.69 6.73 6.30
C GLY A 253 -8.47 7.68 7.15
N TYR A 254 -8.55 7.35 8.45
CA TYR A 254 -9.31 8.05 9.46
C TYR A 254 -8.46 8.66 10.52
N ALA A 255 -8.96 9.78 11.05
CA ALA A 255 -8.35 10.52 12.14
C ALA A 255 -9.50 11.00 13.02
N ILE A 256 -9.20 11.30 14.30
CA ILE A 256 -10.19 11.84 15.23
C ILE A 256 -9.86 13.32 15.42
N VAL A 257 -10.89 14.17 15.29
CA VAL A 257 -10.75 15.63 15.42
C VAL A 257 -10.42 16.02 16.86
N LYS A 258 -9.40 16.89 17.07
CA LYS A 258 -9.03 17.36 18.41
C LYS A 258 -10.22 18.09 19.04
N GLY A 259 -10.69 17.56 20.18
CA GLY A 259 -11.84 18.08 20.91
C GLY A 259 -13.16 17.55 20.38
N ALA A 260 -13.12 16.38 19.67
CA ALA A 260 -14.29 15.67 19.15
C ALA A 260 -15.30 15.48 20.33
N PRO A 261 -16.60 15.82 20.12
CA PRO A 261 -17.58 15.69 21.22
C PRO A 261 -17.78 14.27 21.77
N HIS A 262 -17.59 13.25 20.92
CA HIS A 262 -17.73 11.83 21.27
C HIS A 262 -16.40 11.09 21.04
N ARG A 263 -15.29 11.70 21.51
CA ARG A 263 -13.90 11.23 21.39
C ARG A 263 -13.72 9.74 21.68
N ASP A 264 -14.18 9.29 22.86
CA ASP A 264 -14.00 7.91 23.34
C ASP A 264 -14.84 6.89 22.56
N ALA A 265 -16.10 7.23 22.21
CA ALA A 265 -16.96 6.38 21.38
C ALA A 265 -16.37 6.30 19.94
N ALA A 266 -15.87 7.43 19.41
CA ALA A 266 -15.23 7.50 18.08
C ALA A 266 -14.02 6.54 18.00
N MET A 267 -13.20 6.50 19.08
CA MET A 267 -12.02 5.65 19.25
C MET A 267 -12.36 4.16 19.14
N ARG A 268 -13.46 3.75 19.81
CA ARG A 268 -13.95 2.37 19.80
C ARG A 268 -14.49 2.04 18.39
N PHE A 269 -15.21 3.00 17.74
CA PHE A 269 -15.78 2.89 16.41
C PHE A 269 -14.68 2.68 15.37
N LEU A 270 -13.61 3.49 15.50
CA LEU A 270 -12.43 3.42 14.64
C LEU A 270 -11.70 2.08 14.81
N LYS A 271 -11.54 1.60 16.05
CA LYS A 271 -10.91 0.30 16.34
C LYS A 271 -11.68 -0.83 15.61
N GLU A 272 -13.03 -0.81 15.73
CA GLU A 272 -13.90 -1.81 15.10
C GLU A 272 -13.90 -1.78 13.56
N MET A 273 -14.11 -0.59 12.94
CA MET A 273 -14.23 -0.45 11.49
C MET A 273 -12.91 -0.76 10.74
N SER A 274 -11.79 -0.77 11.44
CA SER A 274 -10.47 -1.05 10.89
C SER A 274 -10.20 -2.56 10.77
N LYS A 275 -10.99 -3.40 11.47
CA LYS A 275 -10.86 -4.86 11.44
C LYS A 275 -11.05 -5.42 10.02
N ALA A 276 -10.34 -6.51 9.69
CA ALA A 276 -10.37 -7.18 8.39
C ALA A 276 -11.76 -7.68 7.95
N GLU A 277 -12.64 -8.02 8.89
CA GLU A 277 -13.99 -8.51 8.61
C GLU A 277 -14.89 -7.46 7.96
N TYR A 278 -14.58 -6.15 8.15
CA TYR A 278 -15.32 -5.04 7.57
C TYR A 278 -14.61 -4.57 6.29
N GLN A 279 -13.27 -4.40 6.39
CA GLN A 279 -12.34 -4.00 5.31
C GLN A 279 -12.48 -4.88 4.04
N LYS A 280 -12.75 -6.20 4.23
CA LYS A 280 -12.93 -7.15 3.14
C LYS A 280 -14.09 -6.79 2.19
N ASP A 281 -15.10 -6.04 2.69
CA ASP A 281 -16.30 -5.65 1.93
C ASP A 281 -16.19 -4.29 1.24
N LEU A 282 -15.18 -3.50 1.56
CA LEU A 282 -14.97 -2.18 0.95
C LEU A 282 -14.95 -2.22 -0.61
N PRO A 283 -14.29 -3.19 -1.30
CA PRO A 283 -14.32 -3.17 -2.77
C PRO A 283 -15.60 -3.71 -3.43
N ASN A 284 -16.61 -4.16 -2.64
CA ASN A 284 -17.85 -4.75 -3.16
C ASN A 284 -18.62 -3.86 -4.13
N SER A 285 -18.76 -2.57 -3.80
CA SER A 285 -19.51 -1.65 -4.64
C SER A 285 -18.67 -0.52 -5.25
N PHE A 286 -17.37 -0.50 -4.96
CA PHE A 286 -16.48 0.58 -5.40
C PHE A 286 -15.05 0.08 -5.64
N ALA A 287 -14.42 0.53 -6.73
CA ALA A 287 -13.06 0.17 -7.08
C ALA A 287 -12.07 0.90 -6.14
N THR A 288 -11.73 0.22 -5.04
CA THR A 288 -10.79 0.64 -3.99
C THR A 288 -10.01 -0.59 -3.52
N ALA A 289 -8.88 -0.38 -2.85
CA ALA A 289 -8.07 -1.48 -2.33
C ALA A 289 -8.02 -1.36 -0.81
N PRO A 290 -8.54 -2.36 -0.04
CA PRO A 290 -8.48 -2.25 1.42
C PRO A 290 -7.04 -2.18 1.93
N ALA A 291 -6.81 -1.36 2.97
CA ALA A 291 -5.47 -1.15 3.57
C ALA A 291 -5.06 -2.30 4.53
N ASN A 292 -6.04 -2.89 5.23
CA ASN A 292 -5.77 -4.02 6.12
C ASN A 292 -5.51 -5.27 5.26
N MET A 293 -4.26 -5.76 5.28
CA MET A 293 -3.78 -6.91 4.50
C MET A 293 -4.49 -8.21 4.81
N LYS A 294 -5.06 -8.37 6.03
CA LYS A 294 -5.77 -9.59 6.43
C LYS A 294 -7.10 -9.70 5.68
N ALA A 295 -7.60 -8.58 5.12
CA ALA A 295 -8.86 -8.56 4.35
C ALA A 295 -8.76 -9.44 3.09
N TYR A 296 -7.56 -9.49 2.49
CA TYR A 296 -7.25 -10.26 1.28
C TYR A 296 -7.30 -11.77 1.52
N ASP A 297 -6.98 -12.20 2.76
CA ASP A 297 -7.02 -13.60 3.19
C ASP A 297 -8.49 -14.04 3.39
N LEU A 298 -9.34 -13.10 3.86
CA LEU A 298 -10.77 -13.29 4.16
C LEU A 298 -11.65 -13.22 2.91
N ALA A 299 -11.24 -12.42 1.92
CA ALA A 299 -12.00 -12.26 0.69
C ALA A 299 -11.23 -12.70 -0.53
N LYS A 300 -11.89 -13.49 -1.36
CA LYS A 300 -11.33 -13.98 -2.62
C LYS A 300 -11.90 -13.09 -3.74
N TYR A 301 -11.22 -11.97 -4.01
CA TYR A 301 -11.65 -11.00 -5.01
C TYR A 301 -11.61 -11.54 -6.43
N THR A 302 -12.51 -11.05 -7.29
CA THR A 302 -12.57 -11.46 -8.70
C THR A 302 -11.42 -10.78 -9.50
N PRO A 303 -10.90 -11.43 -10.57
CA PRO A 303 -9.81 -10.80 -11.35
C PRO A 303 -10.11 -9.41 -11.86
N GLU A 304 -11.38 -9.16 -12.29
CA GLU A 304 -11.86 -7.84 -12.75
C GLU A 304 -11.63 -6.80 -11.62
N LYS A 305 -12.02 -7.15 -10.36
CA LYS A 305 -11.86 -6.35 -9.12
C LYS A 305 -10.37 -6.08 -8.84
N MET A 306 -9.52 -7.14 -8.86
CA MET A 306 -8.07 -7.08 -8.65
C MET A 306 -7.38 -6.05 -9.56
N ALA A 307 -7.71 -6.10 -10.85
CA ALA A 307 -7.14 -5.25 -11.91
C ALA A 307 -7.43 -3.77 -11.70
N THR A 308 -8.53 -3.46 -11.00
CA THR A 308 -8.96 -2.08 -10.73
C THR A 308 -8.36 -1.52 -9.42
N MET A 309 -7.79 -2.38 -8.54
CA MET A 309 -7.16 -1.99 -7.26
C MET A 309 -5.81 -1.34 -7.50
N ALA A 310 -5.61 -0.15 -6.92
CA ALA A 310 -4.39 0.67 -7.07
C ALA A 310 -3.14 -0.04 -6.59
N SER A 311 -3.28 -0.80 -5.49
CA SER A 311 -2.20 -1.52 -4.81
C SER A 311 -1.89 -2.90 -5.45
N ALA A 312 -2.56 -3.27 -6.58
CA ALA A 312 -2.24 -4.51 -7.29
C ALA A 312 -0.82 -4.41 -7.93
N PRO A 313 0.03 -5.46 -7.81
CA PRO A 313 1.42 -5.39 -8.31
C PRO A 313 1.64 -4.87 -9.73
N GLU A 314 0.80 -5.28 -10.69
CA GLU A 314 0.87 -4.82 -12.09
C GLU A 314 0.59 -3.31 -12.22
N ASN A 315 -0.27 -2.75 -11.35
CA ASN A 315 -0.60 -1.32 -11.34
C ASN A 315 0.44 -0.52 -10.58
N VAL A 316 0.96 -1.08 -9.47
CA VAL A 316 1.99 -0.45 -8.61
C VAL A 316 3.25 -0.09 -9.44
N ALA A 317 3.68 -1.02 -10.33
CA ALA A 317 4.85 -0.89 -11.19
C ALA A 317 4.93 0.41 -12.04
N VAL A 318 3.78 0.94 -12.52
CA VAL A 318 3.74 2.15 -13.36
C VAL A 318 3.36 3.43 -12.60
N GLN A 319 3.19 3.32 -11.28
CA GLN A 319 2.85 4.43 -10.36
C GLN A 319 4.06 4.83 -9.48
N TYR A 320 3.87 5.91 -8.72
CA TYR A 320 4.80 6.39 -7.71
C TYR A 320 3.91 6.66 -6.48
N SER A 321 4.47 6.49 -5.27
CA SER A 321 3.71 6.73 -4.03
C SER A 321 3.72 8.20 -3.64
N VAL A 322 2.60 8.67 -3.05
CA VAL A 322 2.51 10.06 -2.54
C VAL A 322 3.55 10.15 -1.38
N ASP A 323 4.22 11.27 -1.24
CA ASP A 323 5.19 11.47 -0.15
C ASP A 323 4.63 12.43 0.85
N PRO A 324 4.16 11.92 2.01
CA PRO A 324 3.60 12.83 3.04
C PRO A 324 4.64 13.79 3.66
N ASN A 325 5.96 13.49 3.53
CA ASN A 325 7.08 14.31 4.04
C ASN A 325 7.23 15.59 3.20
N PHE A 326 6.97 15.51 1.87
CA PHE A 326 7.01 16.68 0.99
C PHE A 326 5.85 17.63 1.38
N TRP A 327 4.64 17.08 1.52
CA TRP A 327 3.43 17.83 1.86
C TRP A 327 3.48 18.39 3.29
N ALA A 328 4.26 17.75 4.19
CA ALA A 328 4.50 18.23 5.56
C ALA A 328 5.23 19.57 5.50
N LYS A 329 6.11 19.76 4.52
CA LYS A 329 6.93 20.95 4.36
C LYS A 329 6.33 22.00 3.45
N HIS A 330 5.77 21.62 2.29
CA HIS A 330 5.37 22.62 1.32
C HIS A 330 3.88 22.71 0.97
N ALA A 331 3.00 22.13 1.78
CA ALA A 331 1.56 22.20 1.54
C ALA A 331 1.00 23.63 1.46
N LYS A 332 1.47 24.54 2.33
CA LYS A 332 1.03 25.95 2.39
C LYS A 332 1.42 26.69 1.11
N TRP A 333 2.70 26.56 0.67
CA TRP A 333 3.19 27.15 -0.57
C TRP A 333 2.36 26.60 -1.77
N ALA A 334 2.14 25.27 -1.81
CA ALA A 334 1.43 24.60 -2.89
C ALA A 334 -0.01 25.05 -3.02
N SER A 335 -0.72 25.12 -1.91
CA SER A 335 -2.10 25.57 -1.86
C SER A 335 -2.22 27.01 -2.38
N GLU A 336 -1.29 27.91 -1.99
CA GLU A 336 -1.27 29.31 -2.41
C GLU A 336 -0.94 29.43 -3.91
N ALA A 337 0.17 28.79 -4.36
CA ALA A 337 0.61 28.82 -5.75
C ALA A 337 -0.44 28.18 -6.71
N TYR A 338 -1.07 27.06 -6.30
CA TYR A 338 -2.09 26.40 -7.10
C TYR A 338 -3.36 27.24 -7.21
N ASP A 339 -3.76 27.95 -6.13
CA ASP A 339 -4.90 28.88 -6.12
C ASP A 339 -4.70 29.94 -7.19
N ASN A 340 -3.48 30.46 -7.33
CA ASN A 340 -3.10 31.46 -8.33
C ASN A 340 -3.21 30.93 -9.77
N VAL A 341 -2.78 29.66 -10.02
CA VAL A 341 -2.93 29.04 -11.33
C VAL A 341 -4.43 29.06 -11.72
N ARG A 342 -5.33 28.61 -10.82
CA ARG A 342 -6.78 28.49 -11.05
C ARG A 342 -7.52 29.79 -11.18
N LEU A 343 -7.18 30.75 -10.32
CA LEU A 343 -7.83 32.06 -10.27
C LEU A 343 -7.35 32.98 -11.38
N SER A 344 -6.26 32.64 -12.08
CA SER A 344 -5.80 33.40 -13.23
C SER A 344 -6.60 33.01 -14.49
N ARG A 345 -7.36 31.88 -14.42
CA ARG A 345 -8.22 31.41 -15.50
C ARG A 345 -9.59 31.01 -14.91
N HIS B 20 -18.30 17.89 -38.97
CA HIS B 20 -18.73 16.50 -39.15
C HIS B 20 -20.04 16.36 -39.97
N MET B 21 -20.47 15.10 -40.15
CA MET B 21 -21.67 14.69 -40.86
C MET B 21 -22.87 14.56 -39.90
N ASP B 22 -22.60 14.08 -38.68
CA ASP B 22 -23.49 13.76 -37.57
C ASP B 22 -24.49 14.86 -37.21
N VAL B 23 -25.74 14.49 -36.92
CA VAL B 23 -26.72 15.43 -36.39
C VAL B 23 -26.29 15.65 -34.91
N VAL B 24 -26.21 16.91 -34.45
CA VAL B 24 -25.83 17.22 -33.07
C VAL B 24 -27.10 17.46 -32.24
N ILE B 25 -27.34 16.60 -31.23
CA ILE B 25 -28.49 16.70 -30.31
C ILE B 25 -28.01 17.08 -28.90
N ALA B 26 -28.65 18.07 -28.28
CA ALA B 26 -28.23 18.51 -26.94
C ALA B 26 -29.37 18.58 -25.93
N SER B 27 -29.16 17.97 -24.76
CA SER B 27 -30.10 18.00 -23.63
C SER B 27 -29.33 18.49 -22.38
N SER B 28 -29.84 18.21 -21.16
CA SER B 28 -29.25 18.72 -19.91
C SER B 28 -28.39 17.70 -19.13
N GLY B 29 -28.05 16.57 -19.76
CA GLY B 29 -27.20 15.54 -19.17
C GLY B 29 -27.89 14.65 -18.15
N GLY B 30 -27.08 13.84 -17.48
CA GLY B 30 -27.49 12.92 -16.41
C GLY B 30 -28.47 11.85 -16.88
N GLY B 31 -29.31 11.36 -15.96
CA GLY B 31 -30.28 10.29 -16.20
C GLY B 31 -31.34 10.64 -17.23
N TRP B 32 -31.70 11.94 -17.30
CA TRP B 32 -32.68 12.41 -18.29
C TRP B 32 -32.09 12.26 -19.72
N GLN B 33 -30.85 12.70 -19.95
CA GLN B 33 -30.19 12.58 -21.26
C GLN B 33 -30.02 11.11 -21.65
N GLU B 34 -29.61 10.28 -20.68
CA GLU B 34 -29.43 8.83 -20.87
C GLU B 34 -30.76 8.17 -21.27
N ALA B 35 -31.88 8.54 -20.63
CA ALA B 35 -33.22 8.02 -20.94
C ALA B 35 -33.61 8.35 -22.39
N GLN B 36 -33.40 9.63 -22.79
CA GLN B 36 -33.66 10.14 -24.14
C GLN B 36 -32.79 9.41 -25.16
N ASP B 37 -31.51 9.26 -24.87
CA ASP B 37 -30.58 8.59 -25.74
C ASP B 37 -30.95 7.13 -25.95
N LYS B 38 -31.27 6.38 -24.86
CA LYS B 38 -31.59 4.97 -24.94
C LYS B 38 -32.94 4.68 -25.57
N ALA B 39 -33.97 5.43 -25.18
CA ALA B 39 -35.33 5.22 -25.68
C ALA B 39 -35.63 5.87 -27.01
N LEU B 40 -35.03 7.04 -27.29
CA LEU B 40 -35.36 7.80 -28.49
C LEU B 40 -34.26 7.95 -29.53
N TRP B 41 -33.11 8.53 -29.16
CA TRP B 41 -32.03 8.88 -30.09
C TRP B 41 -31.39 7.70 -30.76
N ALA B 42 -30.91 6.71 -29.99
CA ALA B 42 -30.25 5.53 -30.55
C ALA B 42 -31.20 4.70 -31.45
N PRO B 43 -32.46 4.35 -31.04
CA PRO B 43 -33.33 3.60 -31.95
C PRO B 43 -33.79 4.37 -33.19
N ALA B 44 -34.11 5.66 -33.06
CA ALA B 44 -34.55 6.48 -34.19
C ALA B 44 -33.45 6.69 -35.22
N ALA B 45 -32.19 6.86 -34.76
CA ALA B 45 -31.04 7.04 -35.64
C ALA B 45 -30.79 5.77 -36.46
N LYS B 46 -30.91 4.60 -35.80
CA LYS B 46 -30.74 3.25 -36.35
C LYS B 46 -31.77 3.02 -37.47
N ALA B 47 -33.04 3.39 -37.20
CA ALA B 47 -34.16 3.26 -38.16
C ALA B 47 -33.98 4.17 -39.38
N LEU B 48 -33.32 5.32 -39.21
CA LEU B 48 -33.09 6.27 -40.31
C LEU B 48 -31.73 6.15 -40.98
N ASN B 49 -30.83 5.31 -40.42
CA ASN B 49 -29.44 5.12 -40.88
C ASN B 49 -28.65 6.44 -40.76
N ILE B 50 -28.88 7.16 -39.67
CA ILE B 50 -28.19 8.42 -39.42
C ILE B 50 -27.25 8.28 -38.22
N THR B 51 -26.21 9.11 -38.17
CA THR B 51 -25.29 9.16 -37.06
C THR B 51 -25.53 10.46 -36.28
N TYR B 52 -25.36 10.40 -34.97
CA TYR B 52 -25.58 11.58 -34.14
C TYR B 52 -24.53 11.74 -33.08
N THR B 53 -24.36 13.00 -32.64
CA THR B 53 -23.44 13.42 -31.58
C THR B 53 -24.27 14.10 -30.49
N GLN B 54 -23.91 13.87 -29.24
CA GLN B 54 -24.59 14.44 -28.09
C GLN B 54 -23.77 15.58 -27.51
N ASP B 55 -24.47 16.55 -26.94
CA ASP B 55 -23.90 17.65 -26.19
C ASP B 55 -24.83 17.91 -25.02
N THR B 56 -24.35 18.69 -24.03
CA THR B 56 -25.11 19.04 -22.83
C THR B 56 -25.05 20.56 -22.61
N PHE B 57 -26.13 21.12 -22.03
CA PHE B 57 -26.27 22.55 -21.73
C PHE B 57 -27.40 22.69 -20.74
N GLN B 58 -27.38 23.76 -19.95
CA GLN B 58 -28.38 23.99 -18.90
C GLN B 58 -29.32 25.17 -19.15
N ASN B 59 -28.81 26.22 -19.83
CA ASN B 59 -29.49 27.49 -20.07
C ASN B 59 -29.66 27.72 -21.56
N TRP B 60 -30.91 28.06 -22.00
CA TRP B 60 -31.25 28.30 -23.42
C TRP B 60 -30.40 29.44 -24.03
N ALA B 61 -29.90 30.39 -23.19
CA ALA B 61 -29.04 31.49 -23.60
C ALA B 61 -27.73 30.97 -24.25
N GLU B 62 -27.37 29.67 -24.02
CA GLU B 62 -26.19 29.05 -24.64
C GLU B 62 -26.48 28.83 -26.13
N ALA B 63 -27.76 28.45 -26.46
CA ALA B 63 -28.24 28.28 -27.83
C ALA B 63 -28.28 29.66 -28.51
N ARG B 64 -28.77 30.71 -27.78
CA ARG B 64 -28.84 32.11 -28.24
C ARG B 64 -27.46 32.64 -28.60
N ALA B 65 -26.43 32.28 -27.80
CA ALA B 65 -25.05 32.67 -28.00
C ALA B 65 -24.51 32.11 -29.32
N GLN B 66 -24.85 30.84 -29.66
CA GLN B 66 -24.41 30.20 -30.91
C GLN B 66 -25.03 30.91 -32.12
N VAL B 67 -26.35 31.23 -32.04
CA VAL B 67 -27.09 31.92 -33.09
C VAL B 67 -26.54 33.33 -33.33
N GLU B 68 -26.40 34.12 -32.23
CA GLU B 68 -25.88 35.49 -32.26
C GLU B 68 -24.43 35.58 -32.73
N SER B 69 -23.61 34.55 -32.46
CA SER B 69 -22.21 34.50 -32.85
C SER B 69 -22.03 34.09 -34.30
N GLY B 70 -23.06 33.47 -34.88
CA GLY B 70 -23.05 32.94 -36.25
C GLY B 70 -22.32 31.61 -36.34
N SER B 71 -22.02 30.99 -35.18
CA SER B 71 -21.31 29.72 -35.04
C SER B 71 -22.21 28.65 -34.40
N VAL B 72 -23.24 28.21 -35.16
CA VAL B 72 -24.19 27.20 -34.70
C VAL B 72 -23.61 25.82 -34.99
N THR B 73 -23.47 25.01 -33.94
CA THR B 73 -22.96 23.64 -34.02
C THR B 73 -24.05 22.64 -33.65
N TRP B 74 -25.05 23.08 -32.86
CA TRP B 74 -26.17 22.22 -32.46
C TRP B 74 -27.26 22.17 -33.55
N ASP B 75 -27.93 21.02 -33.70
CA ASP B 75 -29.06 20.86 -34.61
C ASP B 75 -30.34 20.82 -33.81
N ILE B 76 -30.47 19.83 -32.93
CA ILE B 76 -31.63 19.70 -32.06
C ILE B 76 -31.26 20.08 -30.64
N ILE B 77 -32.11 20.92 -30.00
CA ILE B 77 -31.98 21.27 -28.60
C ILE B 77 -33.18 20.79 -27.83
N GLN B 78 -32.97 20.27 -26.64
CA GLN B 78 -34.10 19.89 -25.78
C GLN B 78 -34.27 21.07 -24.87
N ILE B 79 -35.42 21.73 -24.92
CA ILE B 79 -35.68 22.89 -24.07
C ILE B 79 -37.00 22.71 -23.32
N GLY B 80 -37.22 23.55 -22.32
CA GLY B 80 -38.47 23.58 -21.59
C GLY B 80 -39.47 24.40 -22.36
N ILE B 81 -40.77 24.06 -22.23
CA ILE B 81 -41.86 24.76 -22.92
C ILE B 81 -41.91 26.26 -22.58
N ALA B 82 -41.52 26.65 -21.37
CA ALA B 82 -41.57 28.04 -20.90
C ALA B 82 -40.38 28.89 -21.40
N ASP B 83 -39.39 28.25 -22.01
CA ASP B 83 -38.24 28.95 -22.61
C ASP B 83 -38.47 29.12 -24.11
N GLU B 84 -39.40 28.32 -24.69
CA GLU B 84 -39.78 28.35 -26.09
C GLU B 84 -40.20 29.75 -26.57
N PRO B 85 -41.11 30.50 -25.86
CA PRO B 85 -41.49 31.82 -26.37
C PRO B 85 -40.33 32.82 -26.46
N GLN B 86 -39.46 32.91 -25.43
CA GLN B 86 -38.34 33.85 -25.49
C GLN B 86 -37.25 33.38 -26.48
N ALA B 87 -37.07 32.04 -26.66
CA ALA B 87 -36.10 31.50 -27.64
C ALA B 87 -36.57 31.81 -29.06
N LYS B 88 -37.88 31.67 -29.30
CA LYS B 88 -38.51 31.96 -30.59
C LYS B 88 -38.43 33.47 -30.90
N ALA B 89 -38.73 34.34 -29.90
CA ALA B 89 -38.70 35.80 -30.05
C ALA B 89 -37.30 36.32 -30.38
N ALA B 90 -36.27 35.66 -29.84
CA ALA B 90 -34.88 36.00 -30.03
C ALA B 90 -34.27 35.45 -31.34
N GLY B 91 -35.08 34.75 -32.14
CA GLY B 91 -34.67 34.16 -33.42
C GLY B 91 -33.71 32.99 -33.29
N VAL B 92 -33.85 32.21 -32.21
CA VAL B 92 -32.98 31.09 -31.89
C VAL B 92 -33.52 29.76 -32.48
N LEU B 93 -34.82 29.73 -32.79
CA LEU B 93 -35.47 28.51 -33.27
C LEU B 93 -35.97 28.56 -34.71
N GLU B 94 -35.81 27.42 -35.42
CA GLU B 94 -36.30 27.24 -36.78
C GLU B 94 -37.79 26.95 -36.72
N LYS B 95 -38.53 27.33 -37.75
CA LYS B 95 -39.94 26.99 -37.85
C LYS B 95 -39.97 25.56 -38.34
N LEU B 96 -40.62 24.68 -37.58
CA LEU B 96 -40.74 23.25 -37.88
C LEU B 96 -41.64 22.99 -39.05
N ASP B 97 -41.30 21.96 -39.85
CA ASP B 97 -42.07 21.55 -41.01
C ASP B 97 -43.50 21.19 -40.57
N PRO B 98 -44.53 21.57 -41.35
CA PRO B 98 -45.91 21.22 -40.94
C PRO B 98 -46.07 19.69 -41.03
N ASP B 99 -46.86 19.08 -40.12
CA ASP B 99 -47.13 17.63 -40.06
C ASP B 99 -45.89 16.80 -39.63
N ILE B 100 -44.93 17.42 -38.88
CA ILE B 100 -43.77 16.77 -38.27
C ILE B 100 -44.29 15.76 -37.21
N VAL B 101 -45.46 16.07 -36.63
CA VAL B 101 -46.22 15.27 -35.66
C VAL B 101 -47.71 15.52 -35.87
N ASN B 102 -48.54 14.62 -35.33
CA ASN B 102 -49.98 14.81 -35.34
C ASN B 102 -50.22 15.44 -33.98
N LYS B 103 -50.46 16.77 -33.95
CA LYS B 103 -50.72 17.59 -32.74
C LYS B 103 -51.79 17.01 -31.81
N ALA B 104 -52.74 16.25 -32.36
CA ALA B 104 -53.80 15.60 -31.62
C ALA B 104 -53.28 14.49 -30.70
N ASP B 105 -52.08 13.92 -31.01
CA ASP B 105 -51.43 12.90 -30.18
C ASP B 105 -50.73 13.49 -28.96
N PHE B 106 -50.65 14.82 -28.88
CA PHE B 106 -49.94 15.48 -27.79
C PHE B 106 -50.84 16.34 -26.93
N PRO B 107 -50.49 16.65 -25.65
CA PRO B 107 -51.35 17.56 -24.84
C PRO B 107 -51.56 18.91 -25.52
N PRO B 108 -52.76 19.54 -25.40
CA PRO B 108 -52.99 20.82 -26.12
C PRO B 108 -52.01 21.94 -25.73
N GLY B 109 -51.40 22.55 -26.75
CA GLY B 109 -50.41 23.60 -26.54
C GLY B 109 -48.99 23.10 -26.37
N SER B 110 -48.79 21.78 -26.20
CA SER B 110 -47.47 21.20 -26.03
C SER B 110 -46.68 21.11 -27.35
N VAL B 111 -47.36 21.35 -28.50
CA VAL B 111 -46.75 21.40 -29.83
C VAL B 111 -47.01 22.77 -30.46
N THR B 112 -45.96 23.51 -30.81
CA THR B 112 -46.07 24.82 -31.47
C THR B 112 -45.45 24.71 -32.85
N ASP B 113 -45.34 25.85 -33.57
CA ASP B 113 -44.69 25.90 -34.86
C ASP B 113 -43.15 25.69 -34.74
N SER B 114 -42.59 25.77 -33.53
CA SER B 114 -41.14 25.64 -33.34
C SER B 114 -40.72 24.67 -32.25
N PHE B 115 -41.67 23.90 -31.68
CA PHE B 115 -41.42 23.03 -30.54
C PHE B 115 -42.30 21.80 -30.53
N VAL B 116 -41.68 20.65 -30.23
CA VAL B 116 -42.41 19.39 -30.10
C VAL B 116 -42.08 18.80 -28.75
N ALA B 117 -43.12 18.63 -27.91
CA ALA B 117 -42.99 18.00 -26.60
C ALA B 117 -42.51 16.56 -26.71
N ASN B 118 -41.70 16.12 -25.73
CA ASN B 118 -41.26 14.74 -25.62
C ASN B 118 -41.70 14.14 -24.28
N SER B 119 -41.96 15.00 -23.27
CA SER B 119 -42.33 14.55 -21.92
C SER B 119 -42.97 15.61 -21.02
N ASN B 120 -43.64 15.10 -19.98
CA ASN B 120 -44.18 15.85 -18.87
C ASN B 120 -43.36 15.49 -17.62
N TYR B 121 -43.08 16.49 -16.78
CA TYR B 121 -42.31 16.33 -15.55
C TYR B 121 -42.77 17.29 -14.49
N SER B 122 -42.22 17.14 -13.28
CA SER B 122 -42.57 17.98 -12.15
C SER B 122 -41.38 18.66 -11.55
N THR B 123 -41.58 19.91 -11.13
CA THR B 123 -40.63 20.67 -10.33
C THR B 123 -41.26 20.60 -8.94
N LEU B 124 -40.70 19.75 -8.09
CA LEU B 124 -41.31 19.42 -6.81
C LEU B 124 -40.38 19.55 -5.59
N ILE B 125 -40.99 19.34 -4.41
CA ILE B 125 -40.33 19.37 -3.09
C ILE B 125 -39.81 17.96 -2.74
N ALA B 126 -38.56 17.90 -2.34
CA ALA B 126 -37.94 16.69 -1.85
C ALA B 126 -37.24 17.07 -0.54
N TRP B 127 -37.31 16.20 0.44
CA TRP B 127 -36.64 16.49 1.71
C TRP B 127 -35.85 15.30 2.20
N ASN B 128 -34.83 15.60 3.03
CA ASN B 128 -33.97 14.63 3.65
C ASN B 128 -34.69 13.90 4.80
N LYS B 129 -34.83 12.56 4.68
CA LYS B 129 -35.48 11.74 5.71
C LYS B 129 -34.61 11.61 6.95
N LYS B 130 -33.29 11.76 6.83
CA LYS B 130 -32.42 11.75 8.00
C LYS B 130 -32.71 13.00 8.88
N THR B 131 -32.97 14.15 8.24
CA THR B 131 -33.27 15.41 8.91
C THR B 131 -34.69 15.47 9.45
N TYR B 132 -35.72 15.16 8.64
CA TYR B 132 -37.12 15.34 9.05
C TYR B 132 -37.97 14.08 9.12
N GLY B 133 -37.43 12.94 8.69
CA GLY B 133 -38.17 11.68 8.67
C GLY B 133 -39.35 11.79 7.74
N ASP B 134 -40.50 11.28 8.15
CA ASP B 134 -41.71 11.38 7.34
C ASP B 134 -42.35 12.78 7.47
N ASN B 135 -41.98 13.55 8.52
CA ASN B 135 -42.50 14.89 8.85
C ASN B 135 -41.69 16.00 8.19
N GLY B 136 -41.54 15.91 6.87
CA GLY B 136 -40.83 16.91 6.10
C GLY B 136 -41.78 17.96 5.56
N PRO B 137 -41.25 18.99 4.83
CA PRO B 137 -42.13 20.01 4.25
C PRO B 137 -43.03 19.45 3.13
N LYS B 138 -44.34 19.65 3.24
CA LYS B 138 -45.29 19.08 2.28
C LYS B 138 -46.06 20.13 1.44
N SER B 139 -45.60 21.38 1.50
CA SER B 139 -46.17 22.49 0.76
C SER B 139 -45.10 23.56 0.60
N MET B 140 -45.32 24.55 -0.28
CA MET B 140 -44.35 25.61 -0.47
C MET B 140 -44.20 26.48 0.76
N ALA B 141 -45.32 26.73 1.48
CA ALA B 141 -45.31 27.45 2.76
C ALA B 141 -44.35 26.79 3.75
N ASP B 142 -44.39 25.43 3.84
CA ASP B 142 -43.52 24.62 4.70
C ASP B 142 -42.06 24.73 4.25
N PHE B 143 -41.81 24.64 2.93
CA PHE B 143 -40.45 24.74 2.36
C PHE B 143 -39.79 26.07 2.73
N PHE B 144 -40.54 27.15 2.67
CA PHE B 144 -40.07 28.49 2.98
C PHE B 144 -40.09 28.81 4.51
N ASP B 145 -40.65 27.91 5.36
CA ASP B 145 -40.74 28.07 6.83
C ASP B 145 -39.49 27.53 7.54
N VAL B 146 -38.52 28.41 7.78
CA VAL B 146 -37.24 28.09 8.44
C VAL B 146 -37.40 27.84 9.96
N LYS B 147 -38.47 28.33 10.58
CA LYS B 147 -38.75 28.17 11.99
C LYS B 147 -39.29 26.74 12.27
N LYS B 148 -40.32 26.30 11.53
CA LYS B 148 -40.91 24.97 11.65
C LYS B 148 -39.96 23.92 11.09
N PHE B 149 -39.26 24.23 9.97
CA PHE B 149 -38.33 23.30 9.35
C PHE B 149 -36.97 23.94 9.21
N PRO B 150 -36.14 23.94 10.28
CA PRO B 150 -34.79 24.50 10.13
C PRO B 150 -33.93 23.59 9.26
N GLY B 151 -33.09 24.19 8.45
CA GLY B 151 -32.21 23.43 7.59
C GLY B 151 -31.79 24.12 6.31
N LYS B 152 -30.90 23.43 5.60
CA LYS B 152 -30.29 23.86 4.36
C LYS B 152 -31.20 23.58 3.18
N ARG B 153 -31.49 24.62 2.40
CA ARG B 153 -32.33 24.54 1.22
C ARG B 153 -31.47 24.64 0.00
N ALA B 154 -31.93 23.99 -1.10
CA ALA B 154 -31.31 24.10 -2.42
C ALA B 154 -32.39 24.46 -3.45
N LEU B 155 -32.11 25.50 -4.22
CA LEU B 155 -33.00 25.97 -5.29
C LEU B 155 -32.22 26.00 -6.59
N TRP B 156 -32.95 26.05 -7.72
CA TRP B 156 -32.36 26.09 -9.04
C TRP B 156 -31.70 27.45 -9.26
N ASN B 157 -30.60 27.52 -10.03
CA ASN B 157 -29.97 28.84 -10.30
C ASN B 157 -30.72 29.59 -11.45
N GLN B 158 -31.83 29.02 -11.93
CA GLN B 158 -32.73 29.60 -12.95
C GLN B 158 -34.13 29.79 -12.33
N PRO B 159 -34.93 30.79 -12.80
CA PRO B 159 -36.19 31.11 -12.11
C PRO B 159 -37.45 30.29 -12.42
N ILE B 160 -37.53 29.52 -13.51
CA ILE B 160 -38.78 28.75 -13.81
C ILE B 160 -39.03 27.68 -12.72
N GLY B 161 -40.19 27.82 -12.05
CA GLY B 161 -40.60 26.97 -10.95
C GLY B 161 -40.20 27.55 -9.60
N MET B 162 -39.16 28.41 -9.55
CA MET B 162 -38.66 29.00 -8.30
C MET B 162 -39.47 30.25 -7.89
N ILE B 163 -39.79 31.13 -8.86
CA ILE B 163 -40.59 32.35 -8.64
C ILE B 163 -42.00 31.95 -8.21
N GLU B 164 -42.56 30.94 -8.90
CA GLU B 164 -43.92 30.43 -8.64
C GLU B 164 -43.98 29.77 -7.26
N ALA B 165 -42.89 29.10 -6.83
CA ALA B 165 -42.77 28.45 -5.52
C ALA B 165 -42.90 29.51 -4.43
N ALA B 166 -42.28 30.69 -4.64
CA ALA B 166 -42.36 31.80 -3.69
C ALA B 166 -43.79 32.37 -3.63
N ALA B 167 -44.51 32.43 -4.76
CA ALA B 167 -45.91 32.90 -4.81
C ALA B 167 -46.80 31.96 -4.00
N LEU B 168 -46.57 30.63 -4.12
CA LEU B 168 -47.31 29.61 -3.37
C LEU B 168 -47.01 29.70 -1.89
N ALA B 169 -45.73 30.00 -1.55
CA ALA B 169 -45.28 30.17 -0.17
C ALA B 169 -45.97 31.37 0.47
N LEU B 170 -46.29 32.41 -0.31
CA LEU B 170 -47.02 33.61 0.15
C LEU B 170 -48.50 33.32 0.43
N GLY B 171 -48.98 32.14 0.02
CA GLY B 171 -50.34 31.72 0.25
C GLY B 171 -51.27 31.87 -0.92
N THR B 172 -50.69 32.08 -2.12
CA THR B 172 -51.43 32.17 -3.36
C THR B 172 -51.93 30.74 -3.68
N PRO B 173 -53.23 30.55 -3.97
CA PRO B 173 -53.70 29.21 -4.38
C PRO B 173 -53.05 28.81 -5.70
N ARG B 174 -52.92 27.48 -5.93
CA ARG B 174 -52.36 26.90 -7.16
C ARG B 174 -53.00 27.41 -8.45
N ASP B 175 -54.32 27.54 -8.45
CA ASP B 175 -55.07 28.02 -9.62
C ASP B 175 -54.90 29.52 -9.88
N LYS B 176 -54.23 30.27 -8.96
CA LYS B 176 -54.04 31.71 -9.07
C LYS B 176 -52.56 32.17 -9.13
N VAL B 177 -51.61 31.23 -9.21
CA VAL B 177 -50.17 31.47 -9.28
C VAL B 177 -49.78 32.56 -10.28
N TYR B 178 -50.25 32.40 -11.53
CA TYR B 178 -49.88 33.33 -12.59
C TYR B 178 -50.76 34.53 -12.64
N GLU B 179 -51.97 34.45 -12.06
CA GLU B 179 -52.83 35.62 -11.95
C GLU B 179 -52.09 36.59 -11.02
N PHE B 180 -51.56 36.07 -9.87
CA PHE B 180 -50.78 36.79 -8.86
C PHE B 180 -49.49 37.34 -9.46
N LEU B 181 -48.73 36.47 -10.13
CA LEU B 181 -47.46 36.84 -10.75
C LEU B 181 -47.59 37.78 -11.97
N SER B 182 -48.77 37.84 -12.60
CA SER B 182 -48.99 38.70 -13.76
C SER B 182 -49.17 40.18 -13.36
N THR B 183 -49.40 40.43 -12.05
CA THR B 183 -49.46 41.76 -11.45
C THR B 183 -48.03 42.11 -10.95
N GLU B 184 -47.63 43.37 -11.09
CA GLU B 184 -46.34 43.91 -10.67
C GLU B 184 -46.08 43.68 -9.17
N GLU B 185 -47.10 43.95 -8.32
CA GLU B 185 -47.10 43.77 -6.86
C GLU B 185 -46.79 42.32 -6.48
N GLY B 186 -47.38 41.38 -7.23
CA GLY B 186 -47.17 39.95 -7.05
C GLY B 186 -45.76 39.51 -7.37
N ARG B 187 -45.18 40.11 -8.43
CA ARG B 187 -43.83 39.86 -8.90
C ARG B 187 -42.81 40.30 -7.88
N LYS B 188 -43.01 41.52 -7.32
CA LYS B 188 -42.15 42.10 -6.29
C LYS B 188 -42.20 41.27 -5.00
N ALA B 189 -43.42 40.90 -4.59
CA ALA B 189 -43.69 40.12 -3.38
C ALA B 189 -43.00 38.75 -3.42
N ALA B 190 -43.01 38.09 -4.59
CA ALA B 190 -42.37 36.79 -4.84
C ALA B 190 -40.84 36.91 -4.74
N ILE B 191 -40.26 37.99 -5.27
CA ILE B 191 -38.81 38.22 -5.22
C ILE B 191 -38.40 38.50 -3.78
N ALA B 192 -39.21 39.30 -3.09
CA ALA B 192 -39.05 39.64 -1.69
C ALA B 192 -39.04 38.35 -0.83
N LYS B 193 -39.94 37.40 -1.13
CA LYS B 193 -40.05 36.13 -0.42
C LYS B 193 -38.81 35.22 -0.67
N LEU B 194 -38.24 35.25 -1.89
CA LEU B 194 -37.03 34.49 -2.20
C LEU B 194 -35.82 35.07 -1.48
N THR B 195 -35.78 36.39 -1.34
CA THR B 195 -34.73 37.13 -0.63
C THR B 195 -34.73 36.76 0.86
N GLU B 196 -35.93 36.61 1.43
CA GLU B 196 -36.15 36.22 2.81
C GLU B 196 -35.61 34.79 3.09
N LEU B 197 -35.76 33.89 2.13
CA LEU B 197 -35.27 32.51 2.26
C LEU B 197 -33.78 32.35 1.92
N ALA B 198 -33.24 33.21 1.02
CA ALA B 198 -31.87 33.15 0.51
C ALA B 198 -30.79 32.85 1.59
N PRO B 199 -30.83 33.41 2.84
CA PRO B 199 -29.81 33.03 3.86
C PRO B 199 -29.79 31.52 4.23
N SER B 200 -30.94 30.82 4.05
CA SER B 200 -31.03 29.38 4.34
C SER B 200 -30.75 28.51 3.10
N VAL B 201 -30.45 29.14 1.95
CA VAL B 201 -30.12 28.44 0.71
C VAL B 201 -28.60 28.18 0.70
N SER B 202 -28.20 26.91 0.93
CA SER B 202 -26.78 26.52 0.97
C SER B 202 -26.19 26.36 -0.42
N VAL B 203 -27.04 26.01 -1.42
CA VAL B 203 -26.59 25.81 -2.80
C VAL B 203 -27.70 26.12 -3.81
N TRP B 204 -27.34 26.86 -4.88
CA TRP B 204 -28.16 27.17 -6.02
C TRP B 204 -27.69 26.15 -7.06
N TRP B 205 -28.39 24.99 -7.14
CA TRP B 205 -28.01 23.92 -8.06
C TRP B 205 -28.16 24.34 -9.53
N GLU B 206 -27.28 23.82 -10.39
CA GLU B 206 -27.20 24.19 -11.80
C GLU B 206 -27.71 23.13 -12.76
N SER B 207 -27.54 21.85 -12.45
CA SER B 207 -27.97 20.76 -13.29
C SER B 207 -28.73 19.74 -12.43
N GLY B 208 -29.59 18.93 -13.06
CA GLY B 208 -30.37 17.91 -12.39
C GLY B 208 -29.52 16.82 -11.80
N ALA B 209 -28.35 16.54 -12.41
CA ALA B 209 -27.39 15.55 -11.93
C ALA B 209 -26.69 16.07 -10.66
N GLN B 210 -26.48 17.40 -10.58
CA GLN B 210 -25.87 18.00 -9.40
C GLN B 210 -26.91 17.96 -8.26
N ALA B 211 -28.17 18.23 -8.56
CA ALA B 211 -29.27 18.17 -7.59
C ALA B 211 -29.42 16.74 -7.07
N ALA B 212 -29.31 15.71 -7.97
CA ALA B 212 -29.39 14.29 -7.62
C ALA B 212 -28.22 13.92 -6.69
N GLN B 213 -27.03 14.47 -6.97
CA GLN B 213 -25.83 14.26 -6.14
C GLN B 213 -25.98 14.84 -4.73
N LEU B 214 -26.57 16.04 -4.61
CA LEU B 214 -26.82 16.69 -3.32
C LEU B 214 -27.75 15.82 -2.48
N ILE B 215 -28.74 15.19 -3.13
CA ILE B 215 -29.71 14.31 -2.53
C ILE B 215 -29.04 13.00 -2.06
N LYS B 216 -28.20 12.38 -2.92
CA LYS B 216 -27.50 11.14 -2.59
C LYS B 216 -26.57 11.35 -1.40
N ASP B 217 -25.91 12.51 -1.33
CA ASP B 217 -24.96 12.84 -0.26
C ASP B 217 -25.58 13.39 1.00
N GLY B 218 -26.87 13.75 0.95
CA GLY B 218 -27.55 14.36 2.08
C GLY B 218 -26.93 15.70 2.44
N GLU B 219 -26.39 16.44 1.45
CA GLU B 219 -25.76 17.74 1.65
C GLU B 219 -26.75 18.86 1.91
N VAL B 220 -28.02 18.63 1.55
CA VAL B 220 -29.12 19.55 1.79
C VAL B 220 -30.22 18.85 2.64
N ASP B 221 -31.04 19.65 3.28
CA ASP B 221 -32.13 19.14 4.09
C ASP B 221 -33.45 19.14 3.27
N MET B 222 -33.54 20.03 2.29
CA MET B 222 -34.70 20.15 1.39
C MET B 222 -34.31 20.83 0.06
N ILE B 223 -34.96 20.39 -1.02
CA ILE B 223 -34.66 20.86 -2.36
C ILE B 223 -35.91 20.94 -3.25
N ILE B 224 -35.91 21.93 -4.15
CA ILE B 224 -36.90 22.08 -5.20
C ILE B 224 -36.12 21.68 -6.47
N THR B 225 -36.52 20.54 -7.06
CA THR B 225 -35.90 20.02 -8.27
C THR B 225 -36.89 19.12 -9.03
N TRP B 226 -36.40 18.49 -10.10
CA TRP B 226 -37.18 17.67 -11.01
C TRP B 226 -37.37 16.25 -10.50
N GLY B 227 -38.60 15.75 -10.59
CA GLY B 227 -39.04 14.45 -10.08
C GLY B 227 -38.24 13.22 -10.49
N GLY B 228 -37.79 13.18 -11.74
CA GLY B 228 -37.00 12.07 -12.29
C GLY B 228 -35.61 12.05 -11.69
N ARG B 229 -35.08 13.24 -11.43
CA ARG B 229 -33.78 13.38 -10.78
C ARG B 229 -33.87 12.88 -9.33
N VAL B 230 -34.96 13.27 -8.62
CA VAL B 230 -35.24 12.88 -7.25
C VAL B 230 -35.38 11.35 -7.17
N GLN B 231 -36.29 10.77 -7.99
CA GLN B 231 -36.55 9.35 -8.00
C GLN B 231 -35.30 8.52 -8.34
N GLY B 232 -34.50 9.03 -9.29
CA GLY B 232 -33.26 8.40 -9.70
C GLY B 232 -32.28 8.37 -8.56
N ALA B 233 -32.21 9.45 -7.74
CA ALA B 233 -31.30 9.51 -6.59
C ALA B 233 -31.78 8.55 -5.48
N ILE B 234 -33.11 8.49 -5.26
CA ILE B 234 -33.71 7.57 -4.31
C ILE B 234 -33.41 6.12 -4.74
N ASN B 235 -33.54 5.81 -6.05
CA ASN B 235 -33.21 4.47 -6.59
C ASN B 235 -31.72 4.15 -6.38
N ASP B 236 -30.88 5.18 -6.37
CA ASP B 236 -29.44 5.06 -6.11
C ASP B 236 -29.11 4.96 -4.60
N GLY B 237 -30.14 5.01 -3.75
CA GLY B 237 -30.00 4.84 -2.31
C GLY B 237 -30.13 6.06 -1.43
N ALA B 238 -30.51 7.21 -1.99
CA ALA B 238 -30.69 8.45 -1.24
C ALA B 238 -31.83 8.33 -0.24
N ASN B 239 -31.59 8.79 0.98
CA ASN B 239 -32.58 8.75 2.06
C ASN B 239 -33.44 10.03 2.05
N PHE B 240 -34.22 10.17 0.99
CA PHE B 240 -35.08 11.33 0.73
C PHE B 240 -36.49 10.90 0.40
N ALA B 241 -37.43 11.81 0.56
CA ALA B 241 -38.84 11.63 0.23
C ALA B 241 -39.25 12.85 -0.56
N TYR B 242 -40.38 12.76 -1.28
CA TYR B 242 -40.90 13.86 -2.07
C TYR B 242 -42.40 13.82 -2.15
N THR B 243 -42.98 14.92 -2.63
CA THR B 243 -44.42 15.07 -2.79
C THR B 243 -44.70 15.78 -4.10
N PHE B 244 -45.86 15.48 -4.70
CA PHE B 244 -46.36 16.16 -5.88
C PHE B 244 -47.16 17.41 -5.45
N ASN B 245 -47.51 17.53 -4.14
CA ASN B 245 -48.23 18.69 -3.64
C ASN B 245 -47.46 19.98 -3.84
N ASP B 246 -48.12 20.97 -4.49
CA ASP B 246 -47.55 22.28 -4.87
C ASP B 246 -46.51 22.20 -5.99
N ALA B 247 -46.41 21.03 -6.66
CA ALA B 247 -45.44 20.87 -7.75
C ALA B 247 -45.92 21.56 -9.02
N GLN B 248 -44.96 21.99 -9.83
CA GLN B 248 -45.24 22.58 -11.12
C GLN B 248 -45.19 21.49 -12.18
N LEU B 249 -46.28 21.32 -12.96
CA LEU B 249 -46.32 20.35 -14.06
C LEU B 249 -45.72 21.04 -15.33
N GLY B 250 -44.56 20.55 -15.76
CA GLY B 250 -43.82 21.08 -16.89
C GLY B 250 -43.82 20.21 -18.12
N THR B 251 -43.36 20.81 -19.25
CA THR B 251 -43.28 20.12 -20.53
C THR B 251 -41.90 20.36 -21.14
N ASP B 252 -41.19 19.27 -21.41
CA ASP B 252 -39.91 19.30 -22.07
C ASP B 252 -40.12 18.95 -23.52
N GLY B 253 -39.28 19.47 -24.39
CA GLY B 253 -39.41 19.16 -25.79
C GLY B 253 -38.25 19.57 -26.66
N TYR B 254 -38.41 19.34 -27.95
CA TYR B 254 -37.36 19.60 -28.93
C TYR B 254 -37.67 20.75 -29.83
N ALA B 255 -36.61 21.42 -30.21
CA ALA B 255 -36.64 22.53 -31.15
C ALA B 255 -35.39 22.38 -32.05
N ILE B 256 -35.43 22.99 -33.25
CA ILE B 256 -34.29 22.98 -34.16
C ILE B 256 -33.69 24.37 -34.14
N VAL B 257 -32.38 24.45 -33.94
CA VAL B 257 -31.66 25.72 -33.82
C VAL B 257 -31.66 26.45 -35.17
N LYS B 258 -31.98 27.77 -35.18
CA LYS B 258 -31.97 28.59 -36.40
C LYS B 258 -30.55 28.59 -36.96
N GLY B 259 -30.41 28.07 -38.18
CA GLY B 259 -29.13 27.96 -38.86
C GLY B 259 -28.40 26.67 -38.53
N ALA B 260 -29.12 25.64 -38.02
CA ALA B 260 -28.59 24.31 -37.71
C ALA B 260 -27.85 23.76 -38.95
N PRO B 261 -26.59 23.28 -38.80
CA PRO B 261 -25.85 22.76 -39.99
C PRO B 261 -26.51 21.61 -40.74
N HIS B 262 -27.27 20.75 -40.04
CA HIS B 262 -27.96 19.59 -40.60
C HIS B 262 -29.49 19.74 -40.41
N ARG B 263 -30.01 20.94 -40.69
CA ARG B 263 -31.41 21.36 -40.55
C ARG B 263 -32.45 20.31 -41.00
N ASP B 264 -32.35 19.89 -42.25
CA ASP B 264 -33.28 18.95 -42.89
C ASP B 264 -33.20 17.52 -42.33
N ALA B 265 -31.97 17.03 -42.05
CA ALA B 265 -31.75 15.70 -41.47
C ALA B 265 -32.25 15.70 -40.00
N ALA B 266 -32.03 16.82 -39.25
CA ALA B 266 -32.50 17.01 -37.87
C ALA B 266 -34.03 16.91 -37.82
N MET B 267 -34.72 17.51 -38.81
CA MET B 267 -36.18 17.52 -39.00
C MET B 267 -36.71 16.10 -39.12
N ARG B 268 -36.01 15.25 -39.89
CA ARG B 268 -36.37 13.85 -40.13
C ARG B 268 -36.15 13.01 -38.88
N PHE B 269 -35.04 13.31 -38.13
CA PHE B 269 -34.66 12.66 -36.88
C PHE B 269 -35.71 12.98 -35.79
N LEU B 270 -36.12 14.25 -35.72
CA LEU B 270 -37.15 14.75 -34.81
C LEU B 270 -38.50 14.09 -35.10
N LYS B 271 -38.88 13.97 -36.37
CA LYS B 271 -40.13 13.32 -36.78
C LYS B 271 -40.13 11.86 -36.27
N GLU B 272 -39.01 11.12 -36.50
CA GLU B 272 -38.87 9.73 -36.07
C GLU B 272 -38.92 9.51 -34.54
N MET B 273 -38.08 10.24 -33.75
CA MET B 273 -38.01 10.05 -32.30
C MET B 273 -39.29 10.40 -31.57
N SER B 274 -40.13 11.25 -32.19
CA SER B 274 -41.40 11.69 -31.62
C SER B 274 -42.51 10.64 -31.73
N LYS B 275 -42.31 9.57 -32.54
CA LYS B 275 -43.27 8.47 -32.76
C LYS B 275 -43.50 7.68 -31.45
N ALA B 276 -44.73 7.16 -31.27
CA ALA B 276 -45.14 6.43 -30.07
C ALA B 276 -44.31 5.17 -29.76
N GLU B 277 -43.73 4.52 -30.80
CA GLU B 277 -42.90 3.31 -30.64
C GLU B 277 -41.57 3.59 -29.88
N TYR B 278 -41.10 4.84 -29.87
CA TYR B 278 -39.88 5.22 -29.13
C TYR B 278 -40.27 5.88 -27.80
N GLN B 279 -41.31 6.74 -27.83
CA GLN B 279 -41.86 7.44 -26.66
C GLN B 279 -42.29 6.46 -25.53
N LYS B 280 -42.82 5.28 -25.92
CA LYS B 280 -43.25 4.22 -24.99
C LYS B 280 -42.11 3.72 -24.05
N ASP B 281 -40.85 3.80 -24.50
CA ASP B 281 -39.67 3.35 -23.74
C ASP B 281 -39.02 4.42 -22.86
N LEU B 282 -39.47 5.67 -23.00
CA LEU B 282 -38.94 6.81 -22.26
C LEU B 282 -39.03 6.60 -20.70
N PRO B 283 -40.09 6.00 -20.09
CA PRO B 283 -40.06 5.81 -18.64
C PRO B 283 -39.44 4.51 -18.15
N ASN B 284 -38.74 3.75 -19.02
CA ASN B 284 -38.14 2.48 -18.62
C ASN B 284 -37.03 2.64 -17.58
N SER B 285 -36.15 3.63 -17.75
CA SER B 285 -34.98 3.81 -16.88
C SER B 285 -34.97 5.15 -16.12
N PHE B 286 -36.05 5.94 -16.25
CA PHE B 286 -36.13 7.26 -15.64
C PHE B 286 -37.60 7.63 -15.43
N ALA B 287 -37.94 8.12 -14.23
CA ALA B 287 -39.29 8.52 -13.89
C ALA B 287 -39.66 9.84 -14.62
N THR B 288 -40.27 9.68 -15.80
CA THR B 288 -40.77 10.73 -16.69
C THR B 288 -42.10 10.25 -17.30
N ALA B 289 -42.89 11.17 -17.88
CA ALA B 289 -44.16 10.80 -18.52
C ALA B 289 -44.06 11.14 -20.02
N PRO B 290 -44.14 10.15 -20.94
CA PRO B 290 -44.07 10.48 -22.38
C PRO B 290 -45.19 11.43 -22.79
N ALA B 291 -44.91 12.39 -23.71
CA ALA B 291 -45.87 13.39 -24.15
C ALA B 291 -46.85 12.87 -25.21
N ASN B 292 -46.39 11.89 -26.04
CA ASN B 292 -47.25 11.32 -27.07
C ASN B 292 -48.23 10.34 -26.40
N MET B 293 -49.52 10.71 -26.40
CA MET B 293 -50.63 9.97 -25.79
C MET B 293 -50.78 8.54 -26.36
N LYS B 294 -50.31 8.29 -27.60
CA LYS B 294 -50.36 6.97 -28.25
C LYS B 294 -49.36 5.98 -27.62
N ALA B 295 -48.31 6.51 -26.93
CA ALA B 295 -47.28 5.73 -26.24
C ALA B 295 -47.89 4.89 -25.11
N TYR B 296 -48.98 5.40 -24.48
CA TYR B 296 -49.71 4.77 -23.38
C TYR B 296 -50.49 3.55 -23.85
N ASP B 297 -50.97 3.57 -25.11
CA ASP B 297 -51.73 2.48 -25.75
C ASP B 297 -50.80 1.33 -26.09
N LEU B 298 -49.54 1.66 -26.47
CA LEU B 298 -48.48 0.72 -26.86
C LEU B 298 -47.76 0.02 -25.70
N ALA B 299 -47.63 0.72 -24.56
CA ALA B 299 -46.90 0.26 -23.39
C ALA B 299 -47.76 -0.46 -22.35
N LYS B 300 -49.01 0.02 -22.13
CA LYS B 300 -49.99 -0.48 -21.17
C LYS B 300 -49.34 -0.49 -19.79
N TYR B 301 -48.92 0.70 -19.31
CA TYR B 301 -48.25 0.89 -18.03
C TYR B 301 -49.16 0.48 -16.88
N THR B 302 -48.56 -0.03 -15.81
CA THR B 302 -49.28 -0.46 -14.60
C THR B 302 -49.65 0.79 -13.77
N PRO B 303 -50.76 0.75 -12.97
CA PRO B 303 -51.11 1.92 -12.13
C PRO B 303 -49.95 2.39 -11.25
N GLU B 304 -49.01 1.48 -10.95
CA GLU B 304 -47.78 1.77 -10.21
C GLU B 304 -46.83 2.64 -10.99
N LYS B 305 -46.58 2.26 -12.28
CA LYS B 305 -45.69 3.01 -13.18
C LYS B 305 -46.30 4.39 -13.42
N MET B 306 -47.64 4.47 -13.47
CA MET B 306 -48.41 5.69 -13.68
C MET B 306 -48.21 6.68 -12.53
N ALA B 307 -48.23 6.19 -11.28
CA ALA B 307 -48.07 7.04 -10.09
C ALA B 307 -46.72 7.77 -9.96
N THR B 308 -45.68 7.38 -10.72
CA THR B 308 -44.39 8.11 -10.69
C THR B 308 -44.44 9.29 -11.66
N MET B 309 -45.45 9.27 -12.57
CA MET B 309 -45.67 10.22 -13.67
C MET B 309 -46.36 11.48 -13.25
N ALA B 310 -45.76 12.63 -13.61
CA ALA B 310 -46.31 13.95 -13.29
C ALA B 310 -47.71 14.16 -13.89
N SER B 311 -47.93 13.66 -15.10
CA SER B 311 -49.18 13.79 -15.84
C SER B 311 -50.31 12.82 -15.43
N ALA B 312 -50.06 11.95 -14.43
CA ALA B 312 -51.08 11.01 -13.92
C ALA B 312 -52.18 11.81 -13.18
N PRO B 313 -53.49 11.51 -13.45
CA PRO B 313 -54.59 12.29 -12.84
C PRO B 313 -54.51 12.53 -11.32
N GLU B 314 -54.09 11.53 -10.51
CA GLU B 314 -53.93 11.68 -9.05
C GLU B 314 -52.82 12.71 -8.69
N ASN B 315 -51.75 12.81 -9.52
CA ASN B 315 -50.65 13.75 -9.31
C ASN B 315 -51.00 15.12 -9.84
N VAL B 316 -51.73 15.19 -10.98
CA VAL B 316 -52.15 16.44 -11.63
C VAL B 316 -53.03 17.28 -10.68
N ALA B 317 -53.91 16.62 -9.90
CA ALA B 317 -54.83 17.25 -8.94
C ALA B 317 -54.17 18.19 -7.91
N VAL B 318 -52.92 17.86 -7.47
CA VAL B 318 -52.20 18.65 -6.45
C VAL B 318 -51.13 19.58 -7.07
N GLN B 319 -51.09 19.63 -8.40
CA GLN B 319 -50.13 20.45 -9.15
C GLN B 319 -50.80 21.62 -9.86
N TYR B 320 -49.98 22.42 -10.54
CA TYR B 320 -50.45 23.51 -11.41
C TYR B 320 -49.50 23.41 -12.62
N SER B 321 -49.99 23.72 -13.83
CA SER B 321 -49.20 23.69 -15.06
C SER B 321 -48.39 24.96 -15.23
N VAL B 322 -47.19 24.85 -15.78
CA VAL B 322 -46.32 26.01 -16.07
C VAL B 322 -47.04 26.85 -17.13
N ASP B 323 -46.96 28.18 -17.01
CA ASP B 323 -47.61 29.06 -17.96
C ASP B 323 -46.60 29.70 -18.93
N PRO B 324 -46.50 29.23 -20.20
CA PRO B 324 -45.53 29.82 -21.14
C PRO B 324 -45.83 31.28 -21.46
N ASN B 325 -47.13 31.69 -21.37
CA ASN B 325 -47.60 33.05 -21.63
C ASN B 325 -47.02 34.04 -20.66
N PHE B 326 -46.88 33.64 -19.37
CA PHE B 326 -46.26 34.44 -18.33
C PHE B 326 -44.77 34.64 -18.67
N TRP B 327 -44.04 33.52 -18.96
CA TRP B 327 -42.63 33.54 -19.26
C TRP B 327 -42.32 34.24 -20.58
N ALA B 328 -43.30 34.30 -21.51
CA ALA B 328 -43.17 35.03 -22.78
C ALA B 328 -43.01 36.53 -22.47
N LYS B 329 -43.72 37.03 -21.44
CA LYS B 329 -43.67 38.43 -21.07
C LYS B 329 -42.62 38.78 -20.05
N HIS B 330 -42.41 37.95 -19.01
CA HIS B 330 -41.55 38.39 -17.92
C HIS B 330 -40.28 37.60 -17.68
N ALA B 331 -39.86 36.75 -18.61
CA ALA B 331 -38.62 35.97 -18.45
C ALA B 331 -37.36 36.82 -18.21
N LYS B 332 -37.21 37.95 -18.94
CA LYS B 332 -36.06 38.85 -18.82
C LYS B 332 -35.99 39.46 -17.42
N TRP B 333 -37.13 40.02 -16.94
CA TRP B 333 -37.23 40.62 -15.61
C TRP B 333 -36.91 39.54 -14.56
N ALA B 334 -37.54 38.35 -14.70
CA ALA B 334 -37.40 37.19 -13.80
C ALA B 334 -35.95 36.78 -13.63
N SER B 335 -35.24 36.55 -14.77
CA SER B 335 -33.84 36.14 -14.82
C SER B 335 -32.93 37.17 -14.10
N GLU B 336 -33.17 38.47 -14.34
CA GLU B 336 -32.38 39.55 -13.73
C GLU B 336 -32.64 39.63 -12.22
N ALA B 337 -33.94 39.68 -11.81
CA ALA B 337 -34.34 39.73 -10.40
C ALA B 337 -33.84 38.53 -9.60
N TYR B 338 -33.91 37.31 -10.18
CA TYR B 338 -33.46 36.06 -9.53
C TYR B 338 -31.95 36.05 -9.33
N ASP B 339 -31.19 36.56 -10.33
CA ASP B 339 -29.74 36.66 -10.28
C ASP B 339 -29.32 37.52 -9.10
N ASN B 340 -30.07 38.62 -8.84
CA ASN B 340 -29.82 39.55 -7.73
C ASN B 340 -30.09 38.90 -6.37
N VAL B 341 -31.11 38.02 -6.30
CA VAL B 341 -31.44 37.29 -5.07
C VAL B 341 -30.25 36.37 -4.68
N ARG B 342 -29.62 35.68 -5.66
CA ARG B 342 -28.56 34.67 -5.47
C ARG B 342 -27.14 35.20 -5.17
N LEU B 343 -26.97 36.46 -4.77
CA LEU B 343 -25.62 36.91 -4.42
C LEU B 343 -25.58 37.59 -3.03
N SER B 344 -25.08 36.94 -1.93
CA SER B 344 -24.47 35.60 -1.74
C SER B 344 -23.11 35.38 -2.42
N ASP C 22 23.22 -5.17 -18.37
CA ASP C 22 23.92 -6.29 -17.76
C ASP C 22 22.95 -7.33 -17.13
N VAL C 23 23.28 -8.62 -17.31
CA VAL C 23 22.49 -9.78 -16.89
C VAL C 23 22.36 -9.88 -15.37
N VAL C 24 21.12 -10.05 -14.87
CA VAL C 24 20.83 -10.18 -13.43
C VAL C 24 20.67 -11.66 -13.07
N ILE C 25 21.57 -12.18 -12.22
CA ILE C 25 21.56 -13.59 -11.76
C ILE C 25 21.21 -13.66 -10.27
N ALA C 26 20.28 -14.55 -9.91
CA ALA C 26 19.88 -14.68 -8.50
C ALA C 26 19.89 -16.10 -7.98
N SER C 27 20.55 -16.31 -6.83
CA SER C 27 20.57 -17.57 -6.09
C SER C 27 20.07 -17.35 -4.64
N SER C 28 20.39 -18.25 -3.68
CA SER C 28 19.89 -18.17 -2.31
C SER C 28 20.90 -17.60 -1.27
N GLY C 29 21.97 -16.98 -1.74
CA GLY C 29 22.96 -16.34 -0.87
C GLY C 29 23.91 -17.27 -0.16
N GLY C 30 24.70 -16.69 0.75
CA GLY C 30 25.68 -17.40 1.57
C GLY C 30 26.79 -18.07 0.79
N GLY C 31 27.35 -19.14 1.36
CA GLY C 31 28.43 -19.91 0.77
C GLY C 31 28.12 -20.53 -0.58
N TRP C 32 26.85 -20.97 -0.77
CA TRP C 32 26.40 -21.51 -2.06
C TRP C 32 26.47 -20.47 -3.18
N GLN C 33 25.97 -19.25 -2.92
CA GLN C 33 26.02 -18.17 -3.93
C GLN C 33 27.47 -17.80 -4.26
N GLU C 34 28.31 -17.72 -3.21
CA GLU C 34 29.73 -17.39 -3.33
C GLU C 34 30.46 -18.43 -4.20
N ALA C 35 30.16 -19.73 -4.01
CA ALA C 35 30.74 -20.83 -4.79
C ALA C 35 30.41 -20.69 -6.27
N GLN C 36 29.10 -20.43 -6.61
CA GLN C 36 28.65 -20.24 -8.00
C GLN C 36 29.29 -18.99 -8.60
N ASP C 37 29.32 -17.90 -7.84
CA ASP C 37 29.90 -16.68 -8.32
C ASP C 37 31.37 -16.86 -8.68
N LYS C 38 32.15 -17.49 -7.79
CA LYS C 38 33.59 -17.67 -7.98
C LYS C 38 33.92 -18.69 -9.09
N ALA C 39 33.17 -19.81 -9.13
CA ALA C 39 33.42 -20.90 -10.07
C ALA C 39 32.76 -20.77 -11.45
N LEU C 40 31.60 -20.15 -11.50
CA LEU C 40 30.83 -20.09 -12.74
C LEU C 40 30.62 -18.70 -13.27
N TRP C 41 29.96 -17.83 -12.48
CA TRP C 41 29.53 -16.51 -12.94
C TRP C 41 30.68 -15.59 -13.35
N ALA C 42 31.67 -15.37 -12.46
CA ALA C 42 32.79 -14.49 -12.76
C ALA C 42 33.64 -15.01 -13.95
N PRO C 43 34.06 -16.30 -14.03
CA PRO C 43 34.85 -16.75 -15.18
C PRO C 43 34.06 -16.79 -16.50
N ALA C 44 32.78 -17.24 -16.46
CA ALA C 44 31.96 -17.32 -17.68
C ALA C 44 31.65 -15.95 -18.26
N ALA C 45 31.37 -14.94 -17.40
CA ALA C 45 31.10 -13.59 -17.87
C ALA C 45 32.36 -12.96 -18.53
N LYS C 46 33.54 -13.23 -17.96
CA LYS C 46 34.86 -12.77 -18.43
C LYS C 46 35.10 -13.32 -19.85
N ALA C 47 34.83 -14.64 -20.03
CA ALA C 47 35.00 -15.34 -21.31
C ALA C 47 34.04 -14.81 -22.40
N LEU C 48 32.83 -14.34 -21.98
CA LEU C 48 31.83 -13.81 -22.92
C LEU C 48 31.85 -12.29 -23.08
N ASN C 49 32.67 -11.59 -22.26
CA ASN C 49 32.75 -10.12 -22.21
C ASN C 49 31.40 -9.51 -21.80
N ILE C 50 30.74 -10.16 -20.82
CA ILE C 50 29.45 -9.69 -20.30
C ILE C 50 29.60 -9.25 -18.84
N THR C 51 28.76 -8.32 -18.40
CA THR C 51 28.75 -7.86 -17.02
C THR C 51 27.48 -8.38 -16.37
N TYR C 52 27.54 -8.69 -15.09
CA TYR C 52 26.39 -9.24 -14.38
C TYR C 52 26.19 -8.63 -13.02
N THR C 53 24.94 -8.72 -12.55
CA THR C 53 24.52 -8.24 -11.24
C THR C 53 23.93 -9.42 -10.49
N GLN C 54 24.19 -9.51 -9.19
CA GLN C 54 23.68 -10.59 -8.35
C GLN C 54 22.50 -10.10 -7.50
N ASP C 55 21.61 -11.04 -7.18
CA ASP C 55 20.51 -10.85 -6.27
C ASP C 55 20.34 -12.15 -5.50
N THR C 56 19.53 -12.13 -4.44
CA THR C 56 19.30 -13.29 -3.56
C THR C 56 17.81 -13.43 -3.33
N PHE C 57 17.33 -14.67 -3.22
CA PHE C 57 15.91 -14.96 -2.95
C PHE C 57 15.86 -16.37 -2.37
N GLN C 58 14.84 -16.66 -1.57
CA GLN C 58 14.66 -17.99 -0.96
C GLN C 58 13.52 -18.81 -1.57
N ASN C 59 12.47 -18.14 -2.05
CA ASN C 59 11.26 -18.79 -2.56
C ASN C 59 11.01 -18.42 -4.03
N TRP C 60 10.72 -19.44 -4.90
CA TRP C 60 10.42 -19.27 -6.33
C TRP C 60 9.21 -18.31 -6.59
N ALA C 61 8.29 -18.20 -5.61
CA ALA C 61 7.14 -17.31 -5.66
C ALA C 61 7.57 -15.82 -5.79
N GLU C 62 8.85 -15.50 -5.44
CA GLU C 62 9.37 -14.14 -5.58
C GLU C 62 9.57 -13.81 -7.08
N ALA C 63 9.94 -14.85 -7.89
CA ALA C 63 10.11 -14.72 -9.35
C ALA C 63 8.72 -14.65 -9.97
N ARG C 64 7.76 -15.43 -9.42
CA ARG C 64 6.36 -15.42 -9.87
C ARG C 64 5.76 -14.00 -9.69
N ALA C 65 6.13 -13.32 -8.60
CA ALA C 65 5.69 -11.96 -8.29
C ALA C 65 6.19 -10.93 -9.32
N GLN C 66 7.44 -11.08 -9.79
CA GLN C 66 8.04 -10.22 -10.84
C GLN C 66 7.30 -10.39 -12.17
N VAL C 67 7.01 -11.67 -12.54
CA VAL C 67 6.31 -12.02 -13.78
C VAL C 67 4.86 -11.47 -13.74
N GLU C 68 4.12 -11.72 -12.64
CA GLU C 68 2.74 -11.28 -12.43
C GLU C 68 2.59 -9.76 -12.34
N SER C 69 3.63 -9.05 -11.85
CA SER C 69 3.63 -7.59 -11.76
C SER C 69 3.93 -6.91 -13.11
N GLY C 70 4.49 -7.67 -14.05
CA GLY C 70 4.92 -7.18 -15.36
C GLY C 70 6.24 -6.44 -15.31
N SER C 71 6.94 -6.49 -14.15
CA SER C 71 8.21 -5.81 -13.88
C SER C 71 9.32 -6.84 -13.57
N VAL C 72 9.78 -7.56 -14.61
CA VAL C 72 10.83 -8.57 -14.45
C VAL C 72 12.19 -7.90 -14.47
N THR C 73 12.95 -8.06 -13.37
CA THR C 73 14.30 -7.49 -13.26
C THR C 73 15.34 -8.61 -13.30
N TRP C 74 14.97 -9.84 -12.91
CA TRP C 74 15.87 -10.97 -12.95
C TRP C 74 15.94 -11.61 -14.33
N ASP C 75 17.13 -12.08 -14.69
CA ASP C 75 17.31 -12.80 -15.93
C ASP C 75 17.40 -14.29 -15.60
N ILE C 76 18.49 -14.69 -14.89
CA ILE C 76 18.70 -16.09 -14.48
C ILE C 76 18.34 -16.28 -13.02
N ILE C 77 17.66 -17.39 -12.73
CA ILE C 77 17.28 -17.82 -11.37
C ILE C 77 17.74 -19.23 -11.12
N GLN C 78 18.46 -19.39 -10.00
CA GLN C 78 18.89 -20.69 -9.55
C GLN C 78 17.69 -21.18 -8.72
N ILE C 79 17.09 -22.29 -9.11
CA ILE C 79 15.96 -22.90 -8.41
C ILE C 79 16.21 -24.38 -8.24
N GLY C 80 15.47 -25.02 -7.34
CA GLY C 80 15.52 -26.46 -7.10
C GLY C 80 14.71 -27.16 -8.18
N ILE C 81 15.13 -28.38 -8.56
CA ILE C 81 14.48 -29.17 -9.62
C ILE C 81 12.98 -29.43 -9.32
N ALA C 82 12.61 -29.55 -8.04
CA ALA C 82 11.22 -29.84 -7.69
C ALA C 82 10.29 -28.59 -7.74
N ASP C 83 10.88 -27.40 -7.83
CA ASP C 83 10.11 -26.16 -7.99
C ASP C 83 9.90 -25.84 -9.47
N GLU C 84 10.74 -26.46 -10.35
CA GLU C 84 10.70 -26.27 -11.79
C GLU C 84 9.32 -26.59 -12.41
N PRO C 85 8.63 -27.71 -12.07
CA PRO C 85 7.32 -27.97 -12.70
C PRO C 85 6.26 -26.91 -12.36
N GLN C 86 6.16 -26.48 -11.09
CA GLN C 86 5.16 -25.47 -10.71
C GLN C 86 5.51 -24.07 -11.23
N ALA C 87 6.82 -23.73 -11.32
CA ALA C 87 7.25 -22.44 -11.88
C ALA C 87 6.90 -22.38 -13.37
N LYS C 88 7.16 -23.49 -14.10
CA LYS C 88 6.89 -23.66 -15.52
C LYS C 88 5.37 -23.56 -15.79
N ALA C 89 4.54 -24.23 -14.95
CA ALA C 89 3.09 -24.25 -15.08
C ALA C 89 2.48 -22.86 -14.87
N ALA C 90 3.11 -22.06 -14.00
CA ALA C 90 2.68 -20.70 -13.67
C ALA C 90 3.16 -19.63 -14.67
N GLY C 91 3.86 -20.05 -15.73
CA GLY C 91 4.38 -19.16 -16.77
C GLY C 91 5.47 -18.23 -16.30
N VAL C 92 6.31 -18.70 -15.36
CA VAL C 92 7.40 -17.96 -14.76
C VAL C 92 8.73 -18.21 -15.51
N LEU C 93 8.88 -19.37 -16.20
CA LEU C 93 10.14 -19.67 -16.90
C LEU C 93 10.02 -19.62 -18.42
N GLU C 94 11.12 -19.23 -19.08
CA GLU C 94 11.31 -19.20 -20.53
C GLU C 94 11.68 -20.61 -20.98
N LYS C 95 11.31 -20.96 -22.22
CA LYS C 95 11.71 -22.24 -22.79
C LYS C 95 13.14 -21.99 -23.30
N LEU C 96 14.08 -22.82 -22.82
CA LEU C 96 15.49 -22.74 -23.17
C LEU C 96 15.76 -23.13 -24.60
N ASP C 97 16.76 -22.46 -25.22
CA ASP C 97 17.18 -22.74 -26.59
C ASP C 97 17.59 -24.21 -26.71
N PRO C 98 17.21 -24.90 -27.82
CA PRO C 98 17.63 -26.29 -27.99
C PRO C 98 19.15 -26.34 -28.12
N ASP C 99 19.75 -27.40 -27.60
CA ASP C 99 21.20 -27.67 -27.62
C ASP C 99 22.04 -26.67 -26.76
N ILE C 100 21.43 -26.06 -25.70
CA ILE C 100 22.08 -25.19 -24.70
C ILE C 100 23.16 -25.98 -23.93
N VAL C 101 22.93 -27.29 -23.72
CA VAL C 101 23.84 -28.26 -23.10
C VAL C 101 23.68 -29.60 -23.81
N ASN C 102 24.64 -30.51 -23.63
CA ASN C 102 24.53 -31.88 -24.12
C ASN C 102 23.96 -32.61 -22.91
N LYS C 103 22.65 -32.94 -22.96
CA LYS C 103 21.91 -33.61 -21.86
C LYS C 103 22.58 -34.91 -21.37
N ALA C 104 23.37 -35.56 -22.24
CA ALA C 104 24.11 -36.78 -21.93
C ALA C 104 25.22 -36.52 -20.90
N ASP C 105 25.70 -35.26 -20.78
CA ASP C 105 26.73 -34.88 -19.80
C ASP C 105 26.14 -34.69 -18.40
N PHE C 106 24.80 -34.70 -18.27
CA PHE C 106 24.13 -34.44 -17.01
C PHE C 106 23.35 -35.64 -16.46
N PRO C 107 23.08 -35.70 -15.13
CA PRO C 107 22.29 -36.81 -14.57
C PRO C 107 20.90 -36.91 -15.19
N PRO C 108 20.34 -38.15 -15.29
CA PRO C 108 18.99 -38.33 -15.87
C PRO C 108 17.88 -37.43 -15.30
N GLY C 109 17.22 -36.68 -16.18
CA GLY C 109 16.12 -35.77 -15.85
C GLY C 109 16.55 -34.45 -15.25
N SER C 110 17.85 -34.24 -15.04
CA SER C 110 18.37 -33.00 -14.44
C SER C 110 18.35 -31.82 -15.43
N VAL C 111 18.08 -32.07 -16.71
CA VAL C 111 17.95 -31.04 -17.75
C VAL C 111 16.57 -31.17 -18.40
N THR C 112 15.78 -30.09 -18.38
CA THR C 112 14.45 -30.06 -19.00
C THR C 112 14.50 -28.99 -20.09
N ASP C 113 13.33 -28.71 -20.71
CA ASP C 113 13.20 -27.66 -21.71
C ASP C 113 13.32 -26.23 -21.07
N SER C 114 13.27 -26.13 -19.72
CA SER C 114 13.31 -24.83 -19.04
C SER C 114 14.31 -24.75 -17.87
N PHE C 115 15.14 -25.78 -17.70
CA PHE C 115 16.04 -25.89 -16.56
C PHE C 115 17.31 -26.65 -16.86
N VAL C 116 18.43 -26.12 -16.37
CA VAL C 116 19.72 -26.78 -16.51
C VAL C 116 20.35 -26.92 -15.14
N ALA C 117 20.60 -28.16 -14.72
CA ALA C 117 21.27 -28.48 -13.48
C ALA C 117 22.66 -27.91 -13.41
N ASN C 118 23.09 -27.50 -12.21
CA ASN C 118 24.44 -27.04 -11.94
C ASN C 118 25.07 -27.87 -10.83
N SER C 119 24.24 -28.55 -10.00
CA SER C 119 24.72 -29.35 -8.88
C SER C 119 23.73 -30.33 -8.26
N ASN C 120 24.29 -31.29 -7.51
CA ASN C 120 23.59 -32.25 -6.69
C ASN C 120 23.93 -31.95 -5.24
N TYR C 121 22.91 -32.04 -4.37
CA TYR C 121 23.07 -31.76 -2.93
C TYR C 121 22.12 -32.66 -2.11
N SER C 122 22.30 -32.62 -0.78
CA SER C 122 21.49 -33.40 0.14
C SER C 122 20.77 -32.59 1.19
N THR C 123 19.53 -32.96 1.45
CA THR C 123 18.71 -32.42 2.53
C THR C 123 18.84 -33.50 3.58
N LEU C 124 19.67 -33.24 4.59
CA LEU C 124 20.04 -34.24 5.56
C LEU C 124 19.89 -33.83 7.02
N ILE C 125 20.11 -34.80 7.92
CA ILE C 125 20.07 -34.65 9.39
C ILE C 125 21.48 -34.27 9.89
N ALA C 126 21.56 -33.21 10.70
CA ALA C 126 22.76 -32.77 11.40
C ALA C 126 22.37 -32.63 12.89
N TRP C 127 23.28 -32.96 13.80
CA TRP C 127 23.00 -32.82 15.22
C TRP C 127 24.14 -32.18 15.94
N ASN C 128 23.83 -31.56 17.07
CA ASN C 128 24.75 -30.90 17.98
C ASN C 128 25.53 -31.94 18.82
N LYS C 129 26.86 -31.99 18.64
CA LYS C 129 27.71 -32.91 19.41
C LYS C 129 27.82 -32.49 20.88
N LYS C 130 27.60 -31.19 21.20
CA LYS C 130 27.60 -30.75 22.59
C LYS C 130 26.38 -31.36 23.31
N THR C 131 25.25 -31.48 22.62
CA THR C 131 24.02 -32.05 23.17
C THR C 131 24.03 -33.56 23.23
N TYR C 132 24.39 -34.24 22.12
CA TYR C 132 24.27 -35.71 22.04
C TYR C 132 25.57 -36.48 21.84
N GLY C 133 26.66 -35.78 21.62
CA GLY C 133 27.95 -36.41 21.35
C GLY C 133 27.88 -37.20 20.07
N ASP C 134 28.44 -38.40 20.06
CA ASP C 134 28.36 -39.28 18.88
C ASP C 134 27.00 -39.95 18.76
N ASN C 135 26.23 -40.01 19.87
CA ASN C 135 24.93 -40.67 19.98
C ASN C 135 23.78 -39.72 19.60
N GLY C 136 23.87 -39.14 18.41
CA GLY C 136 22.83 -38.26 17.90
C GLY C 136 21.85 -39.03 17.04
N PRO C 137 20.79 -38.36 16.54
CA PRO C 137 19.83 -39.06 15.67
C PRO C 137 20.45 -39.44 14.31
N LYS C 138 20.30 -40.70 13.89
CA LYS C 138 20.90 -41.17 12.64
C LYS C 138 19.88 -41.64 11.56
N SER C 139 18.60 -41.31 11.76
CA SER C 139 17.51 -41.65 10.84
C SER C 139 16.38 -40.68 11.09
N MET C 140 15.38 -40.64 10.19
CA MET C 140 14.23 -39.76 10.34
C MET C 140 13.39 -40.14 11.55
N ALA C 141 13.26 -41.45 11.81
CA ALA C 141 12.54 -41.96 13.00
C ALA C 141 13.17 -41.39 14.28
N ASP C 142 14.53 -41.34 14.35
CA ASP C 142 15.31 -40.78 15.48
C ASP C 142 15.07 -39.27 15.60
N PHE C 143 15.13 -38.54 14.45
CA PHE C 143 14.94 -37.09 14.40
C PHE C 143 13.57 -36.71 14.99
N PHE C 144 12.54 -37.47 14.65
CA PHE C 144 11.18 -37.22 15.09
C PHE C 144 10.87 -37.82 16.49
N ASP C 145 11.84 -38.58 17.09
CA ASP C 145 11.71 -39.22 18.42
C ASP C 145 12.20 -38.28 19.55
N VAL C 146 11.28 -37.45 20.08
CA VAL C 146 11.54 -36.47 21.14
C VAL C 146 11.81 -37.14 22.49
N LYS C 147 11.38 -38.42 22.66
CA LYS C 147 11.58 -39.16 23.90
C LYS C 147 13.00 -39.69 23.97
N LYS C 148 13.47 -40.34 22.89
CA LYS C 148 14.83 -40.88 22.80
C LYS C 148 15.85 -39.73 22.66
N PHE C 149 15.51 -38.69 21.88
CA PHE C 149 16.39 -37.53 21.67
C PHE C 149 15.67 -36.25 22.02
N PRO C 150 15.60 -35.88 23.31
CA PRO C 150 14.96 -34.59 23.65
C PRO C 150 15.83 -33.42 23.18
N GLY C 151 15.18 -32.36 22.71
CA GLY C 151 15.90 -31.20 22.25
C GLY C 151 15.19 -30.37 21.21
N LYS C 152 15.82 -29.25 20.86
CA LYS C 152 15.34 -28.28 19.90
C LYS C 152 15.62 -28.67 18.48
N ARG C 153 14.53 -28.78 17.69
CA ARG C 153 14.63 -29.08 16.28
C ARG C 153 14.53 -27.79 15.47
N ALA C 154 15.12 -27.80 14.29
CA ALA C 154 15.00 -26.74 13.30
C ALA C 154 14.72 -27.40 11.94
N LEU C 155 13.60 -26.96 11.32
CA LEU C 155 13.14 -27.43 10.00
C LEU C 155 13.05 -26.25 9.04
N TRP C 156 13.04 -26.54 7.73
CA TRP C 156 12.89 -25.47 6.73
C TRP C 156 11.49 -24.81 6.85
N ASN C 157 11.37 -23.55 6.41
CA ASN C 157 10.05 -22.91 6.40
C ASN C 157 9.30 -23.24 5.06
N GLN C 158 9.90 -24.08 4.19
CA GLN C 158 9.32 -24.58 2.94
C GLN C 158 9.22 -26.13 2.99
N PRO C 159 8.27 -26.78 2.25
CA PRO C 159 8.02 -28.22 2.46
C PRO C 159 8.89 -29.26 1.75
N ILE C 160 9.69 -28.90 0.74
CA ILE C 160 10.48 -29.89 0.01
C ILE C 160 11.56 -30.50 0.92
N GLY C 161 11.50 -31.82 1.03
CA GLY C 161 12.40 -32.57 1.90
C GLY C 161 11.79 -32.72 3.27
N MET C 162 10.79 -31.86 3.66
CA MET C 162 10.17 -31.94 4.99
C MET C 162 9.02 -32.91 5.03
N ILE C 163 8.09 -32.83 4.05
CA ILE C 163 6.93 -33.74 3.98
C ILE C 163 7.49 -35.17 3.86
N GLU C 164 8.51 -35.39 3.00
CA GLU C 164 9.15 -36.70 2.80
C GLU C 164 9.86 -37.22 4.05
N ALA C 165 10.52 -36.29 4.81
CA ALA C 165 11.21 -36.59 6.07
C ALA C 165 10.21 -37.27 7.04
N ALA C 166 9.00 -36.68 7.16
CA ALA C 166 7.92 -37.17 8.01
C ALA C 166 7.43 -38.55 7.55
N ALA C 167 7.40 -38.81 6.23
CA ALA C 167 6.99 -40.11 5.68
C ALA C 167 7.98 -41.20 6.10
N LEU C 168 9.28 -40.87 6.08
CA LEU C 168 10.36 -41.78 6.50
C LEU C 168 10.28 -42.04 7.99
N ALA C 169 9.92 -40.99 8.79
CA ALA C 169 9.76 -41.09 10.24
C ALA C 169 8.62 -42.04 10.59
N LEU C 170 7.58 -42.12 9.72
CA LEU C 170 6.44 -43.03 9.89
C LEU C 170 6.80 -44.50 9.54
N GLY C 171 8.00 -44.72 9.00
CA GLY C 171 8.49 -46.05 8.69
C GLY C 171 8.35 -46.48 7.25
N THR C 172 8.11 -45.51 6.36
CA THR C 172 8.01 -45.74 4.92
C THR C 172 9.42 -46.03 4.43
N PRO C 173 9.65 -47.12 3.65
CA PRO C 173 11.00 -47.36 3.10
C PRO C 173 11.37 -46.25 2.12
N ARG C 174 12.67 -45.95 1.99
CA ARG C 174 13.21 -44.89 1.11
C ARG C 174 12.73 -45.01 -0.33
N ASP C 175 12.68 -46.24 -0.88
CA ASP C 175 12.24 -46.51 -2.24
C ASP C 175 10.72 -46.33 -2.44
N LYS C 176 9.95 -46.13 -1.35
CA LYS C 176 8.48 -46.00 -1.40
C LYS C 176 7.93 -44.66 -0.88
N VAL C 177 8.82 -43.68 -0.64
CA VAL C 177 8.50 -42.34 -0.13
C VAL C 177 7.33 -41.71 -0.89
N TYR C 178 7.42 -41.62 -2.24
CA TYR C 178 6.42 -40.95 -3.07
C TYR C 178 5.25 -41.86 -3.39
N GLU C 179 5.43 -43.17 -3.31
CA GLU C 179 4.32 -44.10 -3.46
C GLU C 179 3.37 -43.85 -2.27
N PHE C 180 3.94 -43.70 -1.05
CA PHE C 180 3.24 -43.38 0.21
C PHE C 180 2.59 -41.99 0.13
N LEU C 181 3.33 -41.01 -0.36
CA LEU C 181 2.84 -39.64 -0.49
C LEU C 181 1.84 -39.44 -1.65
N SER C 182 1.73 -40.39 -2.59
CA SER C 182 0.77 -40.29 -3.68
C SER C 182 -0.65 -40.57 -3.20
N THR C 183 -0.79 -41.10 -1.97
CA THR C 183 -2.09 -41.39 -1.33
C THR C 183 -2.49 -40.21 -0.45
N GLU C 184 -3.81 -39.90 -0.40
CA GLU C 184 -4.35 -38.84 0.46
C GLU C 184 -4.07 -39.17 1.94
N GLU C 185 -4.22 -40.48 2.30
CA GLU C 185 -3.96 -41.05 3.60
C GLU C 185 -2.49 -40.81 4.01
N GLY C 186 -1.57 -41.06 3.07
CA GLY C 186 -0.13 -40.88 3.28
C GLY C 186 0.22 -39.43 3.49
N ARG C 187 -0.39 -38.53 2.68
CA ARG C 187 -0.20 -37.07 2.72
C ARG C 187 -0.68 -36.50 4.04
N LYS C 188 -1.87 -36.94 4.50
CA LYS C 188 -2.44 -36.53 5.78
C LYS C 188 -1.57 -37.00 6.95
N ALA C 189 -1.11 -38.26 6.90
CA ALA C 189 -0.29 -38.91 7.91
C ALA C 189 1.03 -38.19 8.11
N ALA C 190 1.65 -37.74 6.99
CA ALA C 190 2.92 -36.98 6.96
C ALA C 190 2.75 -35.61 7.61
N ILE C 191 1.64 -34.93 7.30
CA ILE C 191 1.33 -33.61 7.86
C ILE C 191 1.06 -33.74 9.36
N ALA C 192 0.29 -34.79 9.76
CA ALA C 192 0.00 -35.08 11.17
C ALA C 192 1.31 -35.38 11.94
N LYS C 193 2.30 -36.03 11.28
CA LYS C 193 3.57 -36.34 11.89
C LYS C 193 4.41 -35.05 12.11
N LEU C 194 4.35 -34.09 11.18
CA LEU C 194 5.04 -32.81 11.30
C LEU C 194 4.40 -31.95 12.40
N THR C 195 3.07 -32.02 12.51
CA THR C 195 2.27 -31.33 13.52
C THR C 195 2.63 -31.82 14.92
N GLU C 196 2.82 -33.14 15.06
CA GLU C 196 3.20 -33.81 16.30
C GLU C 196 4.61 -33.35 16.77
N LEU C 197 5.51 -33.08 15.83
CA LEU C 197 6.88 -32.65 16.14
C LEU C 197 6.98 -31.14 16.36
N ALA C 198 6.10 -30.35 15.71
CA ALA C 198 6.09 -28.88 15.76
C ALA C 198 6.33 -28.27 17.18
N PRO C 199 5.76 -28.78 18.33
CA PRO C 199 6.10 -28.18 19.64
C PRO C 199 7.58 -28.23 20.03
N SER C 200 8.36 -29.19 19.46
CA SER C 200 9.80 -29.30 19.72
C SER C 200 10.65 -28.56 18.70
N VAL C 201 9.99 -27.91 17.72
CA VAL C 201 10.68 -27.11 16.68
C VAL C 201 10.84 -25.69 17.19
N SER C 202 12.07 -25.31 17.53
CA SER C 202 12.39 -23.97 18.06
C SER C 202 12.50 -22.94 16.95
N VAL C 203 12.90 -23.35 15.73
CA VAL C 203 13.06 -22.41 14.61
C VAL C 203 12.76 -23.09 13.27
N TRP C 204 12.00 -22.39 12.43
CA TRP C 204 11.69 -22.72 11.04
C TRP C 204 12.67 -21.85 10.24
N TRP C 205 13.86 -22.41 9.91
CA TRP C 205 14.92 -21.66 9.21
C TRP C 205 14.47 -21.30 7.80
N GLU C 206 14.95 -20.15 7.32
CA GLU C 206 14.56 -19.60 6.02
C GLU C 206 15.61 -19.66 4.95
N SER C 207 16.88 -19.53 5.32
CA SER C 207 17.98 -19.55 4.37
C SER C 207 19.05 -20.51 4.88
N GLY C 208 19.90 -21.00 3.96
CA GLY C 208 20.97 -21.92 4.29
C GLY C 208 22.03 -21.30 5.16
N ALA C 209 22.26 -19.98 4.97
CA ALA C 209 23.22 -19.22 5.80
C ALA C 209 22.68 -19.06 7.23
N GLN C 210 21.35 -18.93 7.40
CA GLN C 210 20.73 -18.85 8.73
C GLN C 210 20.85 -20.21 9.41
N ALA C 211 20.62 -21.30 8.67
CA ALA C 211 20.76 -22.68 9.16
C ALA C 211 22.22 -22.94 9.59
N ALA C 212 23.20 -22.45 8.81
CA ALA C 212 24.64 -22.59 9.08
C ALA C 212 24.99 -21.82 10.36
N GLN C 213 24.40 -20.63 10.54
CA GLN C 213 24.61 -19.80 11.72
C GLN C 213 24.03 -20.47 13.01
N LEU C 214 22.85 -21.09 12.90
CA LEU C 214 22.23 -21.82 14.02
C LEU C 214 23.18 -22.96 14.47
N ILE C 215 23.85 -23.60 13.50
CA ILE C 215 24.78 -24.71 13.72
C ILE C 215 26.08 -24.19 14.39
N LYS C 216 26.66 -23.11 13.88
CA LYS C 216 27.87 -22.52 14.43
C LYS C 216 27.64 -22.07 15.88
N ASP C 217 26.45 -21.51 16.18
CA ASP C 217 26.08 -21.02 17.51
C ASP C 217 25.56 -22.07 18.46
N GLY C 218 25.25 -23.26 17.94
CA GLY C 218 24.69 -24.34 18.75
C GLY C 218 23.33 -23.96 19.33
N GLU C 219 22.55 -23.15 18.60
CA GLU C 219 21.22 -22.69 19.03
C GLU C 219 20.14 -23.78 18.89
N VAL C 220 20.44 -24.82 18.13
CA VAL C 220 19.57 -25.99 17.94
C VAL C 220 20.31 -27.27 18.31
N ASP C 221 19.56 -28.31 18.64
CA ASP C 221 20.14 -29.60 19.00
C ASP C 221 20.20 -30.54 17.78
N MET C 222 19.29 -30.35 16.83
CA MET C 222 19.23 -31.10 15.58
C MET C 222 18.50 -30.31 14.47
N ILE C 223 18.94 -30.49 13.24
CA ILE C 223 18.41 -29.74 12.10
C ILE C 223 18.36 -30.59 10.84
N ILE C 224 17.34 -30.34 10.01
CA ILE C 224 17.22 -30.88 8.66
C ILE C 224 17.55 -29.69 7.76
N THR C 225 18.67 -29.76 7.07
CA THR C 225 19.15 -28.71 6.16
C THR C 225 20.07 -29.30 5.09
N TRP C 226 20.63 -28.43 4.26
CA TRP C 226 21.49 -28.78 3.13
C TRP C 226 22.93 -29.06 3.57
N GLY C 227 23.46 -30.18 3.08
CA GLY C 227 24.81 -30.70 3.36
C GLY C 227 25.98 -29.73 3.28
N GLY C 228 26.02 -28.92 2.23
CA GLY C 228 27.07 -27.95 2.02
C GLY C 228 27.07 -26.88 3.09
N ARG C 229 25.85 -26.45 3.49
CA ARG C 229 25.64 -25.47 4.57
C ARG C 229 26.19 -26.04 5.88
N VAL C 230 25.83 -27.32 6.19
CA VAL C 230 26.29 -28.05 7.37
C VAL C 230 27.82 -28.15 7.36
N GLN C 231 28.40 -28.67 6.26
CA GLN C 231 29.84 -28.84 6.14
C GLN C 231 30.61 -27.52 6.26
N GLY C 232 30.04 -26.47 5.72
CA GLY C 232 30.63 -25.13 5.80
C GLY C 232 30.67 -24.65 7.23
N ALA C 233 29.55 -24.89 7.98
CA ALA C 233 29.50 -24.51 9.40
C ALA C 233 30.55 -25.31 10.20
N ILE C 234 30.65 -26.64 9.94
CA ILE C 234 31.63 -27.54 10.58
C ILE C 234 33.05 -27.08 10.28
N ASN C 235 33.34 -26.71 9.01
CA ASN C 235 34.66 -26.17 8.63
C ASN C 235 34.95 -24.88 9.39
N ASP C 236 33.92 -24.10 9.70
CA ASP C 236 34.03 -22.85 10.47
C ASP C 236 34.17 -23.09 11.99
N GLY C 237 34.14 -24.35 12.41
CA GLY C 237 34.32 -24.75 13.81
C GLY C 237 33.08 -25.19 14.58
N ALA C 238 31.94 -25.38 13.90
CA ALA C 238 30.71 -25.84 14.56
C ALA C 238 30.91 -27.26 15.09
N ASN C 239 30.44 -27.50 16.33
CA ASN C 239 30.52 -28.79 16.99
C ASN C 239 29.29 -29.66 16.68
N PHE C 240 29.15 -29.98 15.41
CA PHE C 240 28.04 -30.75 14.86
C PHE C 240 28.54 -31.93 14.06
N ALA C 241 27.67 -32.91 13.87
CA ALA C 241 27.93 -34.08 13.05
C ALA C 241 26.70 -34.25 12.17
N TYR C 242 26.82 -35.00 11.09
CA TYR C 242 25.70 -35.25 10.17
C TYR C 242 25.81 -36.62 9.55
N THR C 243 24.74 -37.03 8.89
CA THR C 243 24.66 -38.31 8.23
C THR C 243 23.94 -38.16 6.90
N PHE C 244 24.29 -39.01 5.91
CA PHE C 244 23.58 -39.05 4.63
C PHE C 244 22.39 -40.03 4.72
N ASN C 245 22.32 -40.83 5.83
CA ASN C 245 21.23 -41.77 6.01
C ASN C 245 19.88 -41.06 6.10
N ASP C 246 18.93 -41.50 5.25
CA ASP C 246 17.57 -40.95 5.07
C ASP C 246 17.58 -39.57 4.39
N ALA C 247 18.72 -39.16 3.80
CA ALA C 247 18.79 -37.85 3.16
C ALA C 247 18.12 -37.87 1.80
N GLN C 248 17.63 -36.71 1.38
CA GLN C 248 17.02 -36.54 0.07
C GLN C 248 18.08 -36.03 -0.88
N LEU C 249 18.26 -36.73 -2.00
CA LEU C 249 19.22 -36.32 -3.03
C LEU C 249 18.49 -35.34 -3.96
N GLY C 250 18.98 -34.09 -3.97
CA GLY C 250 18.38 -33.01 -4.73
C GLY C 250 19.22 -32.48 -5.88
N THR C 251 18.58 -31.69 -6.75
CA THR C 251 19.24 -31.10 -7.91
C THR C 251 18.92 -29.61 -7.97
N ASP C 252 19.96 -28.82 -8.03
CA ASP C 252 19.84 -27.39 -8.21
C ASP C 252 20.26 -27.06 -9.64
N GLY C 253 19.65 -26.02 -10.18
CA GLY C 253 19.96 -25.57 -11.52
C GLY C 253 19.46 -24.18 -11.83
N TYR C 254 19.63 -23.81 -13.08
CA TYR C 254 19.25 -22.50 -13.58
C TYR C 254 18.09 -22.54 -14.52
N ALA C 255 17.30 -21.47 -14.48
CA ALA C 255 16.17 -21.23 -15.38
C ALA C 255 16.21 -19.75 -15.76
N ILE C 256 15.59 -19.40 -16.89
CA ILE C 256 15.50 -18.02 -17.35
C ILE C 256 14.07 -17.55 -17.12
N VAL C 257 13.92 -16.39 -16.48
CA VAL C 257 12.62 -15.83 -16.13
C VAL C 257 11.87 -15.39 -17.40
N LYS C 258 10.56 -15.75 -17.52
CA LYS C 258 9.74 -15.34 -18.65
C LYS C 258 9.64 -13.81 -18.70
N GLY C 259 10.13 -13.25 -19.79
CA GLY C 259 10.19 -11.82 -20.00
C GLY C 259 11.43 -11.18 -19.41
N ALA C 260 12.51 -11.99 -19.22
CA ALA C 260 13.81 -11.53 -18.73
C ALA C 260 14.30 -10.40 -19.64
N PRO C 261 14.73 -9.25 -19.05
CA PRO C 261 15.18 -8.12 -19.90
C PRO C 261 16.35 -8.43 -20.84
N HIS C 262 17.26 -9.31 -20.41
CA HIS C 262 18.47 -9.74 -21.15
C HIS C 262 18.41 -11.24 -21.48
N ARG C 263 17.24 -11.70 -21.95
CA ARG C 263 16.90 -13.07 -22.33
C ARG C 263 18.01 -13.79 -23.13
N ASP C 264 18.40 -13.22 -24.27
CA ASP C 264 19.37 -13.78 -25.20
C ASP C 264 20.81 -13.81 -24.65
N ALA C 265 21.24 -12.74 -23.94
CA ALA C 265 22.55 -12.67 -23.28
C ALA C 265 22.60 -13.69 -22.12
N ALA C 266 21.49 -13.82 -21.34
CA ALA C 266 21.34 -14.79 -20.25
C ALA C 266 21.50 -16.23 -20.77
N MET C 267 20.93 -16.53 -21.95
CA MET C 267 20.98 -17.81 -22.65
C MET C 267 22.42 -18.21 -22.98
N ARG C 268 23.24 -17.25 -23.47
CA ARG C 268 24.65 -17.43 -23.81
C ARG C 268 25.46 -17.64 -22.53
N PHE C 269 25.13 -16.88 -21.46
CA PHE C 269 25.77 -16.93 -20.14
C PHE C 269 25.54 -18.31 -19.50
N LEU C 270 24.30 -18.79 -19.60
CA LEU C 270 23.89 -20.11 -19.10
C LEU C 270 24.60 -21.23 -19.87
N LYS C 271 24.70 -21.11 -21.22
CA LYS C 271 25.39 -22.09 -22.05
C LYS C 271 26.88 -22.21 -21.58
N GLU C 272 27.53 -21.04 -21.39
CA GLU C 272 28.93 -20.96 -20.93
C GLU C 272 29.19 -21.53 -19.52
N MET C 273 28.44 -21.08 -18.46
CA MET C 273 28.68 -21.53 -17.08
C MET C 273 28.43 -23.03 -16.86
N SER C 274 27.60 -23.66 -17.73
CA SER C 274 27.26 -25.08 -17.69
C SER C 274 28.41 -25.99 -18.19
N LYS C 275 29.44 -25.38 -18.86
CA LYS C 275 30.60 -26.12 -19.38
C LYS C 275 31.43 -26.71 -18.23
N ALA C 276 32.04 -27.89 -18.47
CA ALA C 276 32.84 -28.64 -17.51
C ALA C 276 34.06 -27.89 -16.95
N GLU C 277 34.64 -26.96 -17.73
CA GLU C 277 35.79 -26.15 -17.30
C GLU C 277 35.47 -25.20 -16.13
N TYR C 278 34.19 -24.83 -15.95
CA TYR C 278 33.74 -23.96 -14.86
C TYR C 278 33.21 -24.81 -13.73
N GLN C 279 32.35 -25.80 -14.07
CA GLN C 279 31.71 -26.78 -13.19
C GLN C 279 32.74 -27.51 -12.28
N LYS C 280 33.95 -27.80 -12.82
CA LYS C 280 35.04 -28.45 -12.09
C LYS C 280 35.49 -27.68 -10.83
N ASP C 281 35.30 -26.34 -10.81
CA ASP C 281 35.70 -25.45 -9.72
C ASP C 281 34.62 -25.21 -8.65
N LEU C 282 33.37 -25.62 -8.91
CA LEU C 282 32.25 -25.44 -7.98
C LEU C 282 32.53 -26.04 -6.56
N PRO C 283 33.12 -27.26 -6.42
CA PRO C 283 33.41 -27.78 -5.07
C PRO C 283 34.62 -27.17 -4.35
N ASN C 284 35.41 -26.27 -4.98
CA ASN C 284 36.61 -25.65 -4.40
C ASN C 284 36.40 -24.99 -3.05
N SER C 285 35.33 -24.19 -2.89
CA SER C 285 35.07 -23.51 -1.64
C SER C 285 33.76 -23.93 -0.92
N PHE C 286 33.03 -24.94 -1.45
CA PHE C 286 31.76 -25.37 -0.89
C PHE C 286 31.46 -26.86 -1.15
N ALA C 287 30.98 -27.57 -0.12
CA ALA C 287 30.66 -28.98 -0.28
C ALA C 287 29.37 -29.14 -1.13
N THR C 288 29.57 -29.28 -2.43
CA THR C 288 28.54 -29.49 -3.45
C THR C 288 29.09 -30.49 -4.49
N ALA C 289 28.22 -31.09 -5.30
CA ALA C 289 28.65 -32.02 -6.34
C ALA C 289 28.27 -31.43 -7.69
N PRO C 290 29.26 -31.13 -8.60
CA PRO C 290 28.88 -30.56 -9.90
C PRO C 290 28.00 -31.52 -10.69
N ALA C 291 27.01 -30.98 -11.42
CA ALA C 291 26.07 -31.76 -12.23
C ALA C 291 26.66 -32.22 -13.57
N ASN C 292 27.54 -31.43 -14.21
CA ASN C 292 28.16 -31.84 -15.48
C ASN C 292 29.23 -32.94 -15.19
N MET C 293 28.93 -34.19 -15.59
CA MET C 293 29.75 -35.40 -15.40
C MET C 293 31.16 -35.27 -15.97
N LYS C 294 31.35 -34.42 -17.00
CA LYS C 294 32.66 -34.18 -17.62
C LYS C 294 33.62 -33.41 -16.71
N ALA C 295 33.09 -32.68 -15.68
CA ALA C 295 33.88 -31.92 -14.70
C ALA C 295 34.74 -32.83 -13.84
N TYR C 296 34.26 -34.06 -13.59
CA TYR C 296 34.95 -35.09 -12.80
C TYR C 296 36.19 -35.61 -13.51
N ASP C 297 36.16 -35.62 -14.87
CA ASP C 297 37.28 -36.05 -15.72
C ASP C 297 38.37 -34.98 -15.72
N LEU C 298 37.95 -33.69 -15.61
CA LEU C 298 38.80 -32.50 -15.60
C LEU C 298 39.43 -32.19 -14.23
N ALA C 299 38.70 -32.45 -13.13
CA ALA C 299 39.18 -32.16 -11.79
C ALA C 299 39.51 -33.39 -10.97
N LYS C 300 40.65 -33.33 -10.29
CA LYS C 300 41.13 -34.39 -9.41
C LYS C 300 40.77 -33.99 -7.96
N TYR C 301 39.53 -34.26 -7.57
CA TYR C 301 39.02 -33.95 -6.22
C TYR C 301 39.72 -34.76 -5.13
N THR C 302 39.87 -34.15 -3.93
CA THR C 302 40.49 -34.82 -2.79
C THR C 302 39.50 -35.83 -2.17
N PRO C 303 40.00 -36.95 -1.56
CA PRO C 303 39.07 -37.93 -0.96
C PRO C 303 38.19 -37.33 0.12
N GLU C 304 38.79 -36.38 0.89
CA GLU C 304 38.21 -35.56 1.96
C GLU C 304 36.96 -34.83 1.42
N LYS C 305 37.09 -34.21 0.23
CA LYS C 305 36.04 -33.49 -0.52
C LYS C 305 35.00 -34.43 -1.19
N MET C 306 35.46 -35.53 -1.85
CA MET C 306 34.54 -36.47 -2.53
C MET C 306 33.54 -37.17 -1.59
N ALA C 307 33.95 -37.46 -0.36
CA ALA C 307 33.11 -38.07 0.69
C ALA C 307 31.96 -37.14 1.12
N THR C 308 32.14 -35.81 0.92
CA THR C 308 31.15 -34.79 1.26
C THR C 308 30.13 -34.55 0.15
N MET C 309 30.35 -35.16 -1.04
CA MET C 309 29.48 -35.00 -2.22
C MET C 309 28.26 -35.89 -2.13
N ALA C 310 27.08 -35.29 -2.35
CA ALA C 310 25.78 -35.97 -2.27
C ALA C 310 25.63 -37.10 -3.28
N SER C 311 26.16 -36.90 -4.49
CA SER C 311 26.08 -37.82 -5.61
C SER C 311 27.15 -38.94 -5.60
N ALA C 312 28.02 -38.98 -4.57
CA ALA C 312 29.03 -40.05 -4.42
C ALA C 312 28.31 -41.41 -4.16
N PRO C 313 28.73 -42.51 -4.85
CA PRO C 313 28.03 -43.81 -4.70
C PRO C 313 27.74 -44.30 -3.28
N GLU C 314 28.70 -44.13 -2.35
CA GLU C 314 28.55 -44.53 -0.94
C GLU C 314 27.44 -43.73 -0.23
N ASN C 315 27.28 -42.44 -0.61
CA ASN C 315 26.25 -41.56 -0.05
C ASN C 315 24.91 -41.78 -0.71
N VAL C 316 24.89 -42.02 -2.02
CA VAL C 316 23.69 -42.28 -2.83
C VAL C 316 22.89 -43.48 -2.29
N ALA C 317 23.60 -44.54 -1.87
CA ALA C 317 23.03 -45.79 -1.35
C ALA C 317 22.08 -45.63 -0.15
N VAL C 318 22.30 -44.62 0.71
CA VAL C 318 21.48 -44.43 1.91
C VAL C 318 20.46 -43.29 1.76
N GLN C 319 20.35 -42.76 0.51
CA GLN C 319 19.46 -41.67 0.16
C GLN C 319 18.35 -42.11 -0.81
N TYR C 320 17.45 -41.18 -1.09
CA TYR C 320 16.38 -41.35 -2.08
C TYR C 320 16.39 -40.03 -2.89
N SER C 321 16.05 -40.11 -4.17
CA SER C 321 16.00 -38.93 -5.04
C SER C 321 14.67 -38.18 -4.90
N VAL C 322 14.74 -36.83 -4.98
CA VAL C 322 13.55 -35.98 -4.97
C VAL C 322 12.71 -36.32 -6.24
N ASP C 323 11.38 -36.36 -6.11
CA ASP C 323 10.51 -36.65 -7.26
C ASP C 323 9.74 -35.42 -7.66
N PRO C 324 10.18 -34.76 -8.75
CA PRO C 324 9.51 -33.55 -9.21
C PRO C 324 8.08 -33.80 -9.69
N ASN C 325 7.79 -35.02 -10.18
CA ASN C 325 6.43 -35.38 -10.62
C ASN C 325 5.45 -35.28 -9.47
N PHE C 326 5.91 -35.57 -8.23
CA PHE C 326 5.09 -35.45 -7.03
C PHE C 326 4.79 -33.97 -6.78
N TRP C 327 5.85 -33.14 -6.79
CA TRP C 327 5.77 -31.71 -6.54
C TRP C 327 5.02 -30.98 -7.65
N ALA C 328 4.96 -31.53 -8.87
CA ALA C 328 4.20 -30.99 -10.00
C ALA C 328 2.71 -31.05 -9.66
N LYS C 329 2.27 -32.11 -8.95
CA LYS C 329 0.89 -32.30 -8.57
C LYS C 329 0.50 -31.70 -7.21
N HIS C 330 1.35 -31.89 -6.19
CA HIS C 330 0.89 -31.52 -4.86
C HIS C 330 1.64 -30.37 -4.17
N ALA C 331 2.41 -29.57 -4.91
CA ALA C 331 3.13 -28.43 -4.32
C ALA C 331 2.21 -27.41 -3.62
N LYS C 332 1.06 -27.08 -4.23
CA LYS C 332 0.10 -26.11 -3.70
C LYS C 332 -0.51 -26.61 -2.39
N TRP C 333 -0.99 -27.88 -2.35
CA TRP C 333 -1.53 -28.49 -1.14
C TRP C 333 -0.43 -28.51 -0.04
N ALA C 334 0.81 -28.90 -0.40
CA ALA C 334 1.94 -29.02 0.53
C ALA C 334 2.32 -27.70 1.15
N SER C 335 2.43 -26.65 0.34
CA SER C 335 2.77 -25.31 0.80
C SER C 335 1.70 -24.79 1.79
N GLU C 336 0.41 -25.04 1.50
CA GLU C 336 -0.68 -24.61 2.35
C GLU C 336 -0.70 -25.41 3.66
N ALA C 337 -0.70 -26.77 3.56
CA ALA C 337 -0.70 -27.66 4.73
C ALA C 337 0.53 -27.44 5.62
N TYR C 338 1.72 -27.20 5.03
CA TYR C 338 2.96 -26.97 5.80
C TYR C 338 2.94 -25.61 6.50
N ASP C 339 2.33 -24.59 5.88
CA ASP C 339 2.16 -23.26 6.49
C ASP C 339 1.35 -23.40 7.78
N ASN C 340 0.30 -24.26 7.76
CA ASN C 340 -0.58 -24.52 8.90
C ASN C 340 0.13 -25.26 10.02
N VAL C 341 1.10 -26.13 9.68
CA VAL C 341 1.94 -26.88 10.64
C VAL C 341 2.77 -25.85 11.41
N ARG C 342 3.40 -24.94 10.66
CA ARG C 342 4.27 -23.90 11.21
C ARG C 342 3.53 -22.93 12.12
N LEU C 343 2.24 -22.65 11.82
CA LEU C 343 1.35 -21.78 12.59
C LEU C 343 0.66 -22.52 13.77
N SER C 344 1.04 -23.80 14.04
CA SER C 344 0.54 -24.70 15.10
C SER C 344 0.30 -24.05 16.45
N ARG C 345 1.24 -23.24 16.95
CA ARG C 345 1.10 -22.51 18.22
C ARG C 345 0.44 -21.14 17.89
N HIS C 346 -0.89 -21.05 18.08
CA HIS C 346 -1.63 -19.83 17.75
C HIS C 346 -2.74 -19.47 18.77
N HIS C 347 -2.88 -20.27 19.85
CA HIS C 347 -3.87 -20.04 20.90
C HIS C 347 -3.37 -20.56 22.24
N MET D 21 28.46 -29.22 36.60
CA MET D 21 29.67 -28.65 37.20
C MET D 21 30.29 -27.51 36.36
N ASP D 22 30.06 -27.49 35.01
CA ASP D 22 30.55 -26.47 34.07
C ASP D 22 30.01 -25.09 34.38
N VAL D 23 30.86 -24.05 34.21
CA VAL D 23 30.42 -22.67 34.36
C VAL D 23 29.74 -22.35 33.03
N VAL D 24 28.53 -21.76 33.08
CA VAL D 24 27.80 -21.43 31.87
C VAL D 24 28.02 -19.96 31.50
N ILE D 25 28.66 -19.72 30.34
CA ILE D 25 28.93 -18.36 29.84
C ILE D 25 28.09 -18.08 28.58
N ALA D 26 27.43 -16.93 28.53
CA ALA D 26 26.59 -16.57 27.37
C ALA D 26 26.87 -15.21 26.79
N SER D 27 27.06 -15.14 25.46
CA SER D 27 27.23 -13.91 24.70
C SER D 27 26.18 -13.88 23.53
N SER D 28 26.40 -13.08 22.46
CA SER D 28 25.43 -12.91 21.37
C SER D 28 25.73 -13.70 20.08
N GLY D 29 26.66 -14.64 20.15
CA GLY D 29 27.00 -15.52 19.04
C GLY D 29 27.87 -14.88 17.97
N GLY D 30 28.03 -15.62 16.86
CA GLY D 30 28.79 -15.17 15.70
C GLY D 30 30.26 -14.96 15.97
N GLY D 31 30.89 -14.06 15.21
CA GLY D 31 32.31 -13.74 15.29
C GLY D 31 32.73 -13.14 16.62
N TRP D 32 31.83 -12.38 17.25
CA TRP D 32 32.09 -11.79 18.55
C TRP D 32 32.24 -12.89 19.62
N GLN D 33 31.31 -13.87 19.64
CA GLN D 33 31.38 -14.96 20.62
C GLN D 33 32.64 -15.82 20.39
N GLU D 34 32.94 -16.09 19.12
CA GLU D 34 34.12 -16.88 18.72
C GLU D 34 35.42 -16.19 19.17
N ALA D 35 35.50 -14.84 19.04
CA ALA D 35 36.66 -14.03 19.47
C ALA D 35 36.87 -14.17 20.96
N GLN D 36 35.80 -13.97 21.76
CA GLN D 36 35.82 -14.13 23.22
C GLN D 36 36.21 -15.56 23.62
N ASP D 37 35.59 -16.55 22.99
CA ASP D 37 35.89 -17.93 23.32
C ASP D 37 37.37 -18.29 23.08
N LYS D 38 37.92 -17.85 21.92
CA LYS D 38 39.28 -18.14 21.54
C LYS D 38 40.34 -17.40 22.36
N ALA D 39 40.15 -16.10 22.62
CA ALA D 39 41.10 -15.28 23.37
C ALA D 39 40.95 -15.36 24.88
N LEU D 40 39.71 -15.43 25.32
CA LEU D 40 39.43 -15.33 26.75
C LEU D 40 39.00 -16.58 27.45
N TRP D 41 37.87 -17.17 27.03
CA TRP D 41 37.24 -18.29 27.71
C TRP D 41 38.09 -19.56 27.72
N ALA D 42 38.55 -20.03 26.55
CA ALA D 42 39.35 -21.25 26.46
C ALA D 42 40.70 -21.13 27.21
N PRO D 43 41.50 -20.05 27.04
CA PRO D 43 42.76 -19.96 27.80
C PRO D 43 42.60 -19.76 29.31
N ALA D 44 41.60 -18.95 29.74
CA ALA D 44 41.37 -18.70 31.17
C ALA D 44 40.87 -19.93 31.89
N ALA D 45 39.97 -20.72 31.24
CA ALA D 45 39.46 -21.99 31.81
C ALA D 45 40.59 -23.03 32.00
N LYS D 46 41.53 -23.09 31.05
CA LYS D 46 42.70 -23.97 31.01
C LYS D 46 43.62 -23.63 32.19
N ALA D 47 43.88 -22.30 32.40
CA ALA D 47 44.72 -21.78 33.48
C ALA D 47 44.12 -22.03 34.87
N LEU D 48 42.78 -22.09 34.96
CA LEU D 48 42.10 -22.32 36.24
C LEU D 48 41.69 -23.78 36.48
N ASN D 49 41.84 -24.64 35.45
CA ASN D 49 41.41 -26.05 35.46
C ASN D 49 39.89 -26.16 35.64
N ILE D 50 39.15 -25.25 34.97
CA ILE D 50 37.69 -25.23 35.02
C ILE D 50 37.11 -25.59 33.64
N THR D 51 35.90 -26.14 33.65
CA THR D 51 35.20 -26.49 32.42
C THR D 51 34.05 -25.51 32.23
N TYR D 52 33.75 -25.17 30.99
CA TYR D 52 32.68 -24.22 30.72
C TYR D 52 31.80 -24.64 29.56
N THR D 53 30.58 -24.13 29.58
CA THR D 53 29.55 -24.33 28.56
C THR D 53 29.15 -22.96 28.03
N GLN D 54 28.92 -22.88 26.71
CA GLN D 54 28.51 -21.66 26.05
C GLN D 54 27.03 -21.67 25.74
N ASP D 55 26.45 -20.48 25.74
CA ASP D 55 25.08 -20.23 25.31
C ASP D 55 25.05 -18.90 24.59
N THR D 56 23.96 -18.63 23.88
CA THR D 56 23.79 -17.40 23.10
C THR D 56 22.44 -16.78 23.42
N PHE D 57 22.38 -15.45 23.42
CA PHE D 57 21.17 -14.67 23.67
C PHE D 57 21.35 -13.31 23.07
N GLN D 58 20.27 -12.63 22.69
CA GLN D 58 20.34 -11.28 22.11
C GLN D 58 19.85 -10.16 23.04
N ASN D 59 18.89 -10.50 23.92
CA ASN D 59 18.20 -9.54 24.79
C ASN D 59 18.39 -9.90 26.27
N TRP D 60 18.78 -8.91 27.12
CA TRP D 60 19.01 -9.08 28.57
C TRP D 60 17.75 -9.60 29.30
N ALA D 61 16.54 -9.34 28.75
CA ALA D 61 15.26 -9.81 29.28
C ALA D 61 15.21 -11.37 29.33
N GLU D 62 16.08 -12.06 28.57
CA GLU D 62 16.17 -13.51 28.59
C GLU D 62 16.78 -13.97 29.92
N ALA D 63 17.74 -13.19 30.46
CA ALA D 63 18.37 -13.45 31.77
C ALA D 63 17.38 -13.10 32.85
N ARG D 64 16.58 -12.01 32.66
CA ARG D 64 15.54 -11.58 33.59
C ARG D 64 14.50 -12.70 33.74
N ALA D 65 14.18 -13.40 32.64
CA ALA D 65 13.23 -14.51 32.60
C ALA D 65 13.72 -15.70 33.46
N GLN D 66 15.03 -16.01 33.39
CA GLN D 66 15.66 -17.08 34.20
C GLN D 66 15.57 -16.75 35.70
N VAL D 67 15.89 -15.48 36.07
CA VAL D 67 15.85 -15.00 37.46
C VAL D 67 14.42 -15.03 38.00
N GLU D 68 13.46 -14.47 37.25
CA GLU D 68 12.04 -14.40 37.62
C GLU D 68 11.36 -15.77 37.69
N SER D 69 11.83 -16.74 36.90
CA SER D 69 11.30 -18.11 36.91
C SER D 69 11.85 -18.95 38.07
N GLY D 70 12.96 -18.50 38.65
CA GLY D 70 13.67 -19.19 39.73
C GLY D 70 14.53 -20.33 39.22
N SER D 71 14.70 -20.41 37.89
CA SER D 71 15.47 -21.46 37.20
C SER D 71 16.64 -20.85 36.43
N VAL D 72 17.66 -20.38 37.18
CA VAL D 72 18.86 -19.76 36.61
C VAL D 72 19.83 -20.84 36.18
N THR D 73 20.21 -20.84 34.88
CA THR D 73 21.16 -21.79 34.31
C THR D 73 22.45 -21.10 33.88
N TRP D 74 22.38 -19.80 33.56
CA TRP D 74 23.56 -19.03 33.18
C TRP D 74 24.34 -18.56 34.40
N ASP D 75 25.67 -18.52 34.27
CA ASP D 75 26.53 -17.99 35.33
C ASP D 75 26.98 -16.60 34.90
N ILE D 76 27.77 -16.51 33.82
CA ILE D 76 28.27 -15.25 33.27
C ILE D 76 27.46 -14.86 32.02
N ILE D 77 27.05 -13.58 31.96
CA ILE D 77 26.34 -13.03 30.82
C ILE D 77 27.13 -11.83 30.29
N GLN D 78 27.33 -11.80 28.96
CA GLN D 78 28.00 -10.70 28.29
C GLN D 78 26.84 -9.75 27.92
N ILE D 79 26.85 -8.54 28.44
CA ILE D 79 25.80 -7.55 28.23
C ILE D 79 26.44 -6.20 27.92
N GLY D 80 25.67 -5.32 27.31
CA GLY D 80 26.10 -3.96 27.03
C GLY D 80 26.02 -3.13 28.29
N ILE D 81 26.92 -2.14 28.43
CA ILE D 81 26.98 -1.24 29.60
C ILE D 81 25.64 -0.50 29.82
N ALA D 82 24.90 -0.19 28.76
CA ALA D 82 23.64 0.55 28.92
C ALA D 82 22.48 -0.34 29.39
N ASP D 83 22.64 -1.67 29.34
CA ASP D 83 21.62 -2.61 29.83
C ASP D 83 21.87 -2.93 31.29
N GLU D 84 23.12 -2.66 31.78
CA GLU D 84 23.56 -2.89 33.15
C GLU D 84 22.66 -2.18 34.19
N PRO D 85 22.31 -0.87 34.05
CA PRO D 85 21.44 -0.26 35.06
C PRO D 85 20.06 -0.90 35.20
N GLN D 86 19.37 -1.19 34.08
CA GLN D 86 18.04 -1.81 34.15
C GLN D 86 18.11 -3.27 34.59
N ALA D 87 19.19 -4.01 34.25
CA ALA D 87 19.40 -5.40 34.70
C ALA D 87 19.64 -5.44 36.20
N LYS D 88 20.45 -4.49 36.72
CA LYS D 88 20.77 -4.32 38.13
C LYS D 88 19.50 -3.95 38.93
N ALA D 89 18.69 -3.01 38.42
CA ALA D 89 17.45 -2.55 39.06
C ALA D 89 16.42 -3.66 39.16
N ALA D 90 16.39 -4.57 38.18
CA ALA D 90 15.46 -5.69 38.10
C ALA D 90 15.92 -6.91 38.93
N GLY D 91 17.06 -6.81 39.62
CA GLY D 91 17.61 -7.86 40.46
C GLY D 91 18.11 -9.06 39.68
N VAL D 92 18.64 -8.82 38.48
CA VAL D 92 19.12 -9.85 37.57
C VAL D 92 20.63 -10.09 37.78
N LEU D 93 21.34 -9.12 38.38
CA LEU D 93 22.79 -9.20 38.54
C LEU D 93 23.30 -9.31 39.95
N GLU D 94 24.36 -10.13 40.13
CA GLU D 94 25.06 -10.32 41.39
C GLU D 94 26.00 -9.15 41.60
N LYS D 95 26.27 -8.79 42.86
CA LYS D 95 27.24 -7.76 43.19
C LYS D 95 28.59 -8.47 43.13
N LEU D 96 29.50 -7.96 42.30
CA LEU D 96 30.82 -8.53 42.09
C LEU D 96 31.73 -8.34 43.27
N ASP D 97 32.62 -9.34 43.51
CA ASP D 97 33.61 -9.32 44.58
C ASP D 97 34.50 -8.08 44.43
N PRO D 98 34.84 -7.39 45.55
CA PRO D 98 35.56 -6.11 45.45
C PRO D 98 36.85 -6.09 44.64
N ASP D 99 37.78 -7.06 44.81
CA ASP D 99 39.06 -7.03 44.11
C ASP D 99 39.08 -7.96 42.88
N ILE D 100 38.07 -7.81 42.01
CA ILE D 100 37.90 -8.66 40.83
C ILE D 100 38.83 -8.19 39.68
N VAL D 101 38.98 -6.87 39.53
CA VAL D 101 39.85 -6.22 38.55
C VAL D 101 40.47 -5.00 39.21
N ASN D 102 41.56 -4.47 38.62
CA ASN D 102 42.14 -3.23 39.07
C ASN D 102 41.45 -2.22 38.16
N LYS D 103 40.46 -1.47 38.71
CA LYS D 103 39.64 -0.49 37.98
C LYS D 103 40.49 0.54 37.21
N ALA D 104 41.72 0.80 37.66
CA ALA D 104 42.67 1.72 37.02
C ALA D 104 43.13 1.20 35.63
N ASP D 105 43.06 -0.12 35.40
CA ASP D 105 43.41 -0.73 34.11
C ASP D 105 42.30 -0.56 33.06
N PHE D 106 41.11 -0.12 33.48
CA PHE D 106 39.96 0.00 32.58
C PHE D 106 39.50 1.43 32.36
N PRO D 107 38.78 1.75 31.23
CA PRO D 107 38.30 3.13 31.04
C PRO D 107 37.38 3.57 32.19
N PRO D 108 37.41 4.86 32.58
CA PRO D 108 36.57 5.30 33.71
C PRO D 108 35.07 5.06 33.52
N GLY D 109 34.45 4.42 34.51
CA GLY D 109 33.04 4.07 34.49
C GLY D 109 32.72 2.76 33.79
N SER D 110 33.71 2.14 33.13
CA SER D 110 33.50 0.87 32.42
C SER D 110 33.43 -0.34 33.40
N VAL D 111 33.78 -0.12 34.67
CA VAL D 111 33.70 -1.13 35.74
C VAL D 111 32.77 -0.59 36.84
N THR D 112 31.69 -1.33 37.15
CA THR D 112 30.75 -0.97 38.22
C THR D 112 30.82 -2.04 39.28
N ASP D 113 29.90 -1.98 40.27
CA ASP D 113 29.83 -3.03 41.29
C ASP D 113 29.25 -4.36 40.75
N SER D 114 28.60 -4.34 39.56
CA SER D 114 27.92 -5.50 38.94
C SER D 114 28.40 -5.83 37.49
N PHE D 115 29.42 -5.12 37.00
CA PHE D 115 29.83 -5.23 35.61
C PHE D 115 31.31 -4.95 35.38
N VAL D 116 31.94 -5.79 34.55
CA VAL D 116 33.33 -5.61 34.16
C VAL D 116 33.40 -5.58 32.64
N ALA D 117 33.88 -4.46 32.08
CA ALA D 117 34.11 -4.28 30.67
C ALA D 117 35.09 -5.30 30.11
N ASN D 118 34.86 -5.74 28.87
CA ASN D 118 35.80 -6.62 28.16
C ASN D 118 36.23 -5.95 26.85
N SER D 119 35.42 -4.99 26.34
CA SER D 119 35.68 -4.31 25.07
C SER D 119 34.91 -3.02 24.81
N ASN D 120 35.43 -2.27 23.84
CA ASN D 120 34.81 -1.07 23.29
C ASN D 120 34.47 -1.38 21.84
N TYR D 121 33.31 -0.92 21.39
CA TYR D 121 32.82 -1.12 20.01
C TYR D 121 31.97 0.09 19.55
N SER D 122 31.64 0.15 18.27
CA SER D 122 30.80 1.20 17.73
C SER D 122 29.55 0.63 17.12
N THR D 123 28.46 1.40 17.25
CA THR D 123 27.18 1.21 16.57
C THR D 123 27.28 2.27 15.49
N LEU D 124 27.61 1.85 14.26
CA LEU D 124 27.89 2.76 13.16
C LEU D 124 27.08 2.54 11.87
N ILE D 125 27.28 3.46 10.89
CA ILE D 125 26.67 3.42 9.55
C ILE D 125 27.59 2.65 8.61
N ALA D 126 27.02 1.66 7.89
CA ALA D 126 27.67 0.90 6.82
C ALA D 126 26.75 0.99 5.61
N TRP D 127 27.33 1.09 4.41
CA TRP D 127 26.51 1.15 3.22
C TRP D 127 27.03 0.23 2.15
N ASN D 128 26.12 -0.16 1.24
CA ASN D 128 26.39 -0.98 0.09
C ASN D 128 27.12 -0.16 -1.00
N LYS D 129 28.34 -0.57 -1.37
CA LYS D 129 29.12 0.08 -2.41
C LYS D 129 28.54 -0.16 -3.79
N LYS D 130 27.79 -1.26 -4.00
CA LYS D 130 27.15 -1.49 -5.27
C LYS D 130 26.04 -0.41 -5.49
N THR D 131 25.33 -0.06 -4.41
CA THR D 131 24.27 0.93 -4.45
C THR D 131 24.77 2.38 -4.52
N TYR D 132 25.74 2.77 -3.67
CA TYR D 132 26.17 4.17 -3.58
C TYR D 132 27.63 4.45 -3.89
N GLY D 133 28.43 3.39 -4.11
CA GLY D 133 29.86 3.53 -4.40
C GLY D 133 30.52 4.16 -3.21
N ASP D 134 31.45 5.09 -3.47
CA ASP D 134 32.13 5.80 -2.37
C ASP D 134 31.24 6.89 -1.76
N ASN D 135 30.18 7.31 -2.49
CA ASN D 135 29.25 8.39 -2.12
C ASN D 135 28.06 7.86 -1.32
N GLY D 136 28.35 7.18 -0.25
CA GLY D 136 27.31 6.63 0.62
C GLY D 136 26.98 7.58 1.75
N PRO D 137 26.04 7.18 2.65
CA PRO D 137 25.69 8.07 3.80
C PRO D 137 26.86 8.21 4.78
N LYS D 138 27.26 9.46 5.07
CA LYS D 138 28.37 9.64 5.99
C LYS D 138 27.98 10.31 7.33
N SER D 139 26.68 10.42 7.60
CA SER D 139 26.15 11.01 8.85
C SER D 139 24.77 10.46 9.08
N MET D 140 24.20 10.67 10.29
CA MET D 140 22.86 10.20 10.60
C MET D 140 21.83 10.91 9.76
N ALA D 141 22.01 12.21 9.48
CA ALA D 141 21.14 13.01 8.60
C ALA D 141 21.05 12.34 7.21
N ASP D 142 22.21 11.88 6.67
CA ASP D 142 22.32 11.18 5.39
C ASP D 142 21.61 9.83 5.44
N PHE D 143 21.81 9.06 6.53
CA PHE D 143 21.18 7.74 6.75
C PHE D 143 19.64 7.87 6.69
N PHE D 144 19.10 8.95 7.30
CA PHE D 144 17.68 9.22 7.37
C PHE D 144 17.17 10.02 6.13
N ASP D 145 18.07 10.37 5.16
CA ASP D 145 17.75 11.09 3.90
C ASP D 145 17.41 10.13 2.74
N VAL D 146 16.16 9.72 2.65
CA VAL D 146 15.69 8.81 1.62
C VAL D 146 15.68 9.44 0.21
N LYS D 147 15.67 10.78 0.13
CA LYS D 147 15.66 11.49 -1.14
C LYS D 147 17.05 11.54 -1.75
N LYS D 148 18.07 11.93 -0.97
CA LYS D 148 19.46 11.98 -1.41
C LYS D 148 20.02 10.55 -1.54
N PHE D 149 19.64 9.63 -0.64
CA PHE D 149 20.10 8.26 -0.67
C PHE D 149 18.91 7.30 -0.68
N PRO D 150 18.27 7.06 -1.84
CA PRO D 150 17.16 6.09 -1.87
C PRO D 150 17.67 4.68 -1.64
N GLY D 151 16.88 3.87 -0.94
CA GLY D 151 17.27 2.49 -0.72
C GLY D 151 16.74 1.87 0.56
N LYS D 152 17.03 0.58 0.72
CA LYS D 152 16.63 -0.27 1.83
C LYS D 152 17.54 -0.08 3.02
N ARG D 153 16.91 0.20 4.16
CA ARG D 153 17.61 0.37 5.41
C ARG D 153 17.37 -0.83 6.33
N ALA D 154 18.37 -1.08 7.18
CA ALA D 154 18.27 -2.09 8.23
C ALA D 154 18.69 -1.45 9.56
N LEU D 155 17.84 -1.61 10.55
CA LEU D 155 18.07 -1.12 11.90
C LEU D 155 17.94 -2.27 12.88
N TRP D 156 18.55 -2.12 14.06
CA TRP D 156 18.43 -3.13 15.11
C TRP D 156 17.00 -3.25 15.65
N ASN D 157 16.56 -4.43 16.08
CA ASN D 157 15.22 -4.58 16.66
C ASN D 157 15.16 -4.19 18.16
N GLN D 158 16.28 -3.68 18.73
CA GLN D 158 16.43 -3.16 20.09
C GLN D 158 16.83 -1.65 19.98
N PRO D 159 16.39 -0.79 20.93
CA PRO D 159 16.57 0.67 20.75
C PRO D 159 17.92 1.31 21.05
N ILE D 160 18.84 0.65 21.79
CA ILE D 160 20.14 1.29 22.12
C ILE D 160 20.95 1.59 20.82
N GLY D 161 21.24 2.88 20.60
CA GLY D 161 21.94 3.38 19.42
C GLY D 161 20.98 3.82 18.34
N MET D 162 19.71 3.34 18.37
CA MET D 162 18.71 3.67 17.33
C MET D 162 18.02 4.99 17.61
N ILE D 163 17.49 5.18 18.85
CA ILE D 163 16.83 6.40 19.31
C ILE D 163 17.81 7.57 19.18
N GLU D 164 19.08 7.37 19.59
CA GLU D 164 20.11 8.39 19.53
C GLU D 164 20.45 8.76 18.08
N ALA D 165 20.41 7.76 17.16
CA ALA D 165 20.68 7.94 15.72
C ALA D 165 19.60 8.90 15.15
N ALA D 166 18.35 8.75 15.61
CA ALA D 166 17.27 9.61 15.15
C ALA D 166 17.46 11.06 15.68
N ALA D 167 18.00 11.21 16.92
CA ALA D 167 18.26 12.53 17.50
C ALA D 167 19.35 13.26 16.68
N LEU D 168 20.40 12.53 16.27
CA LEU D 168 21.48 13.05 15.44
C LEU D 168 20.96 13.42 14.05
N ALA D 169 20.04 12.59 13.50
CA ALA D 169 19.40 12.85 12.21
C ALA D 169 18.59 14.15 12.24
N LEU D 170 18.01 14.50 13.41
CA LEU D 170 17.24 15.74 13.60
C LEU D 170 18.15 16.97 13.70
N GLY D 171 19.46 16.76 13.78
CA GLY D 171 20.44 17.84 13.81
C GLY D 171 20.99 18.19 15.17
N THR D 172 20.74 17.31 16.14
CA THR D 172 21.25 17.47 17.50
C THR D 172 22.77 17.24 17.44
N PRO D 173 23.59 18.14 18.00
CA PRO D 173 25.04 17.89 18.05
C PRO D 173 25.36 16.65 18.89
N ARG D 174 26.48 15.96 18.56
CA ARG D 174 26.92 14.74 19.25
C ARG D 174 27.04 14.89 20.77
N ASP D 175 27.54 16.05 21.24
CA ASP D 175 27.71 16.34 22.66
C ASP D 175 26.37 16.66 23.38
N LYS D 176 25.25 16.78 22.63
CA LYS D 176 23.94 17.13 23.20
C LYS D 176 22.84 16.06 23.00
N VAL D 177 23.22 14.88 22.47
CA VAL D 177 22.34 13.74 22.19
C VAL D 177 21.38 13.46 23.38
N TYR D 178 21.97 13.32 24.57
CA TYR D 178 21.26 12.93 25.79
C TYR D 178 20.61 14.07 26.52
N GLU D 179 21.05 15.32 26.22
CA GLU D 179 20.43 16.54 26.74
C GLU D 179 19.09 16.67 25.99
N PHE D 180 19.11 16.48 24.65
CA PHE D 180 17.95 16.50 23.76
C PHE D 180 16.94 15.39 24.15
N LEU D 181 17.45 14.17 24.39
CA LEU D 181 16.62 13.03 24.73
C LEU D 181 16.11 13.05 26.21
N SER D 182 16.66 13.94 27.05
CA SER D 182 16.18 14.08 28.44
C SER D 182 14.84 14.82 28.54
N THR D 183 14.38 15.51 27.46
CA THR D 183 13.07 16.19 27.39
C THR D 183 12.02 15.32 26.65
N GLU D 184 10.72 15.50 26.95
CA GLU D 184 9.62 14.79 26.30
C GLU D 184 9.53 15.15 24.81
N GLU D 185 9.81 16.43 24.46
CA GLU D 185 9.77 16.97 23.10
C GLU D 185 10.81 16.25 22.29
N GLY D 186 12.04 16.21 22.80
CA GLY D 186 13.15 15.50 22.19
C GLY D 186 12.87 14.03 21.95
N ARG D 187 12.33 13.30 22.97
CA ARG D 187 12.02 11.86 22.93
C ARG D 187 10.95 11.56 21.90
N LYS D 188 9.89 12.38 21.88
CA LYS D 188 8.79 12.26 20.92
C LYS D 188 9.28 12.51 19.49
N ALA D 189 10.11 13.55 19.30
CA ALA D 189 10.68 13.95 18.01
C ALA D 189 11.53 12.85 17.40
N ALA D 190 12.33 12.16 18.24
CA ALA D 190 13.20 11.04 17.85
C ALA D 190 12.36 9.83 17.39
N ILE D 191 11.26 9.55 18.10
CA ILE D 191 10.36 8.44 17.74
C ILE D 191 9.63 8.77 16.43
N ALA D 192 9.21 10.04 16.26
CA ALA D 192 8.54 10.53 15.04
C ALA D 192 9.51 10.44 13.83
N LYS D 193 10.82 10.68 14.08
CA LYS D 193 11.85 10.57 13.04
C LYS D 193 12.07 9.09 12.62
N LEU D 194 11.98 8.15 13.56
CA LEU D 194 12.10 6.71 13.26
C LEU D 194 10.87 6.22 12.50
N THR D 195 9.72 6.76 12.83
CA THR D 195 8.42 6.44 12.18
C THR D 195 8.44 6.91 10.72
N GLU D 196 9.04 8.08 10.47
CA GLU D 196 9.17 8.67 9.16
C GLU D 196 10.07 7.79 8.25
N LEU D 197 11.13 7.19 8.81
CA LEU D 197 12.04 6.31 8.09
C LEU D 197 11.52 4.87 7.95
N ALA D 198 10.69 4.39 8.91
CA ALA D 198 10.17 3.02 8.96
C ALA D 198 9.72 2.45 7.58
N PRO D 199 9.00 3.20 6.68
CA PRO D 199 8.65 2.62 5.36
C PRO D 199 9.83 2.23 4.46
N SER D 200 11.03 2.79 4.71
CA SER D 200 12.24 2.45 3.94
C SER D 200 13.08 1.39 4.65
N VAL D 201 12.57 0.89 5.80
CA VAL D 201 13.26 -0.15 6.58
C VAL D 201 12.79 -1.50 6.07
N SER D 202 13.70 -2.24 5.41
CA SER D 202 13.35 -3.55 4.87
C SER D 202 13.48 -4.63 5.92
N VAL D 203 14.41 -4.48 6.88
CA VAL D 203 14.60 -5.49 7.92
C VAL D 203 15.08 -4.85 9.24
N TRP D 204 14.49 -5.32 10.34
CA TRP D 204 14.88 -4.94 11.68
C TRP D 204 15.72 -6.12 12.14
N TRP D 205 17.05 -6.02 11.99
CA TRP D 205 17.96 -7.13 12.32
C TRP D 205 18.02 -7.45 13.82
N GLU D 206 18.19 -8.75 14.15
CA GLU D 206 18.14 -9.26 15.51
C GLU D 206 19.47 -9.67 16.14
N SER D 207 20.41 -10.15 15.34
CA SER D 207 21.74 -10.54 15.80
C SER D 207 22.77 -9.96 14.86
N GLY D 208 24.00 -9.80 15.37
CA GLY D 208 25.12 -9.26 14.63
C GLY D 208 25.52 -10.16 13.47
N ALA D 209 25.33 -11.48 13.61
CA ALA D 209 25.63 -12.45 12.56
C ALA D 209 24.58 -12.34 11.44
N GLN D 210 23.31 -12.02 11.78
CA GLN D 210 22.26 -11.79 10.78
C GLN D 210 22.59 -10.48 10.02
N ALA D 211 23.02 -9.42 10.75
CA ALA D 211 23.41 -8.13 10.15
C ALA D 211 24.61 -8.33 9.20
N ALA D 212 25.61 -9.17 9.60
CA ALA D 212 26.79 -9.52 8.80
C ALA D 212 26.38 -10.26 7.53
N GLN D 213 25.41 -11.16 7.66
CA GLN D 213 24.87 -11.91 6.54
C GLN D 213 24.13 -11.01 5.52
N LEU D 214 23.33 -10.02 6.01
CA LEU D 214 22.64 -9.07 5.14
C LEU D 214 23.66 -8.27 4.31
N ILE D 215 24.81 -7.94 4.93
CA ILE D 215 25.89 -7.19 4.31
C ILE D 215 26.59 -8.07 3.26
N LYS D 216 26.93 -9.32 3.59
CA LYS D 216 27.59 -10.26 2.67
C LYS D 216 26.72 -10.51 1.44
N ASP D 217 25.39 -10.61 1.65
CA ASP D 217 24.45 -10.86 0.56
C ASP D 217 24.04 -9.62 -0.22
N GLY D 218 24.37 -8.42 0.26
CA GLY D 218 23.95 -7.15 -0.33
C GLY D 218 22.43 -7.00 -0.33
N GLU D 219 21.74 -7.57 0.69
CA GLU D 219 20.28 -7.52 0.81
C GLU D 219 19.73 -6.17 1.25
N VAL D 220 20.61 -5.33 1.82
CA VAL D 220 20.29 -3.96 2.25
C VAL D 220 21.20 -2.95 1.55
N ASP D 221 20.79 -1.68 1.52
CA ASP D 221 21.59 -0.62 0.90
C ASP D 221 22.39 0.13 1.95
N MET D 222 21.88 0.16 3.19
CA MET D 222 22.52 0.79 4.35
C MET D 222 22.02 0.20 5.65
N ILE D 223 22.92 0.14 6.64
CA ILE D 223 22.65 -0.47 7.93
C ILE D 223 23.34 0.24 9.08
N ILE D 224 22.67 0.26 10.23
CA ILE D 224 23.23 0.73 11.49
C ILE D 224 23.45 -0.57 12.27
N THR D 225 24.74 -0.92 12.48
CA THR D 225 25.13 -2.13 13.18
C THR D 225 26.51 -1.96 13.83
N TRP D 226 27.01 -3.04 14.43
CA TRP D 226 28.27 -3.07 15.14
C TRP D 226 29.46 -3.23 14.20
N GLY D 227 30.47 -2.40 14.40
CA GLY D 227 31.69 -2.34 13.59
C GLY D 227 32.45 -3.63 13.32
N GLY D 228 32.53 -4.50 14.30
CA GLY D 228 33.22 -5.79 14.16
C GLY D 228 32.48 -6.71 13.22
N ARG D 229 31.15 -6.66 13.30
CA ARG D 229 30.25 -7.42 12.44
C ARG D 229 30.44 -6.94 10.98
N VAL D 230 30.49 -5.61 10.79
CA VAL D 230 30.69 -4.98 9.48
C VAL D 230 32.03 -5.40 8.91
N GLN D 231 33.12 -5.19 9.67
CA GLN D 231 34.47 -5.51 9.23
C GLN D 231 34.64 -7.00 8.90
N GLY D 232 33.99 -7.85 9.69
CA GLY D 232 34.00 -9.30 9.48
C GLY D 232 33.34 -9.66 8.17
N ALA D 233 32.19 -9.01 7.85
CA ALA D 233 31.49 -9.22 6.58
C ALA D 233 32.36 -8.74 5.40
N ILE D 234 33.03 -7.57 5.54
CA ILE D 234 33.92 -7.01 4.52
C ILE D 234 35.10 -7.94 4.30
N ASN D 235 35.69 -8.49 5.40
CA ASN D 235 36.79 -9.47 5.31
C ASN D 235 36.31 -10.72 4.56
N ASP D 236 35.01 -11.06 4.70
CA ASP D 236 34.43 -12.22 4.01
C ASP D 236 34.06 -11.92 2.53
N GLY D 237 34.34 -10.69 2.08
CA GLY D 237 34.12 -10.29 0.70
C GLY D 237 32.95 -9.38 0.39
N ALA D 238 32.23 -8.90 1.43
CA ALA D 238 31.09 -7.99 1.26
C ALA D 238 31.55 -6.66 0.64
N ASN D 239 30.79 -6.18 -0.35
CA ASN D 239 31.07 -4.95 -1.07
C ASN D 239 30.37 -3.76 -0.36
N PHE D 240 30.85 -3.50 0.86
CA PHE D 240 30.32 -2.46 1.75
C PHE D 240 31.44 -1.57 2.27
N ALA D 241 31.08 -0.38 2.73
CA ALA D 241 32.01 0.56 3.35
C ALA D 241 31.32 1.04 4.60
N TYR D 242 32.07 1.66 5.53
CA TYR D 242 31.53 2.19 6.78
C TYR D 242 32.31 3.39 7.24
N THR D 243 31.74 4.11 8.21
CA THR D 243 32.30 5.31 8.78
C THR D 243 32.06 5.29 10.28
N PHE D 244 32.98 5.90 11.03
CA PHE D 244 32.83 6.09 12.47
C PHE D 244 32.06 7.40 12.76
N ASN D 245 31.89 8.25 11.73
CA ASN D 245 31.17 9.51 11.90
C ASN D 245 29.72 9.30 12.36
N ASP D 246 29.35 9.97 13.48
CA ASP D 246 28.07 9.87 14.17
C ASP D 246 27.86 8.51 14.85
N ALA D 247 28.92 7.68 14.98
CA ALA D 247 28.78 6.38 15.63
C ALA D 247 28.69 6.52 17.14
N GLN D 248 28.02 5.58 17.76
CA GLN D 248 27.91 5.52 19.20
C GLN D 248 29.03 4.61 19.73
N LEU D 249 29.89 5.14 20.60
CA LEU D 249 30.95 4.41 21.29
C LEU D 249 30.31 3.59 22.47
N GLY D 250 30.30 2.27 22.32
CA GLY D 250 29.73 1.37 23.32
C GLY D 250 30.75 0.58 24.11
N THR D 251 30.28 0.01 25.24
CA THR D 251 31.10 -0.82 26.10
C THR D 251 30.36 -2.11 26.36
N ASP D 252 31.04 -3.22 26.07
CA ASP D 252 30.58 -4.55 26.36
C ASP D 252 31.37 -5.05 27.55
N GLY D 253 30.72 -5.88 28.34
CA GLY D 253 31.30 -6.48 29.52
C GLY D 253 30.53 -7.65 30.07
N TYR D 254 31.01 -8.14 31.20
CA TYR D 254 30.49 -9.31 31.89
C TYR D 254 29.86 -8.96 33.18
N ALA D 255 28.84 -9.74 33.51
CA ALA D 255 28.06 -9.64 34.73
C ALA D 255 27.75 -11.08 35.16
N ILE D 256 27.49 -11.28 36.44
CA ILE D 256 27.15 -12.59 36.98
C ILE D 256 25.66 -12.56 37.32
N VAL D 257 24.92 -13.56 36.85
CA VAL D 257 23.47 -13.64 37.04
C VAL D 257 23.15 -13.90 38.51
N LYS D 258 22.17 -13.15 39.08
CA LYS D 258 21.73 -13.32 40.48
C LYS D 258 21.19 -14.73 40.65
N GLY D 259 21.85 -15.49 41.52
CA GLY D 259 21.49 -16.87 41.80
C GLY D 259 22.17 -17.86 40.86
N ALA D 260 23.26 -17.42 40.19
CA ALA D 260 24.07 -18.24 39.26
C ALA D 260 24.45 -19.53 39.98
N PRO D 261 24.24 -20.72 39.37
CA PRO D 261 24.57 -21.99 40.06
C PRO D 261 26.03 -22.16 40.49
N HIS D 262 26.96 -21.60 39.71
CA HIS D 262 28.41 -21.65 39.96
C HIS D 262 28.97 -20.24 40.19
N ARG D 263 28.26 -19.43 41.01
CA ARG D 263 28.55 -18.05 41.37
C ARG D 263 30.03 -17.78 41.68
N ASP D 264 30.60 -18.52 42.64
CA ASP D 264 31.96 -18.36 43.14
C ASP D 264 33.03 -18.75 42.12
N ALA D 265 32.81 -19.88 41.39
CA ALA D 265 33.72 -20.32 40.32
C ALA D 265 33.67 -19.32 39.11
N ALA D 266 32.48 -18.74 38.82
CA ALA D 266 32.29 -17.77 37.73
C ALA D 266 33.03 -16.48 38.03
N MET D 267 33.07 -16.10 39.31
CA MET D 267 33.77 -14.94 39.84
C MET D 267 35.28 -15.08 39.60
N ARG D 268 35.83 -16.29 39.83
CA ARG D 268 37.24 -16.60 39.60
C ARG D 268 37.55 -16.56 38.10
N PHE D 269 36.65 -17.17 37.27
CA PHE D 269 36.75 -17.23 35.83
C PHE D 269 36.76 -15.82 35.22
N LEU D 270 35.87 -14.94 35.71
CA LEU D 270 35.77 -13.55 35.32
C LEU D 270 37.05 -12.79 35.69
N LYS D 271 37.58 -13.01 36.91
CA LYS D 271 38.83 -12.39 37.34
C LYS D 271 39.98 -12.73 36.35
N GLU D 272 40.10 -14.03 35.98
CA GLU D 272 41.13 -14.53 35.08
C GLU D 272 41.02 -13.99 33.64
N MET D 273 39.84 -14.12 32.99
CA MET D 273 39.65 -13.67 31.61
C MET D 273 39.81 -12.15 31.39
N SER D 274 39.65 -11.35 32.47
CA SER D 274 39.79 -9.88 32.42
C SER D 274 41.28 -9.43 32.41
N LYS D 275 42.23 -10.36 32.68
CA LYS D 275 43.67 -10.07 32.69
C LYS D 275 44.19 -9.68 31.29
N ALA D 276 45.20 -8.79 31.25
CA ALA D 276 45.77 -8.25 30.00
C ALA D 276 46.37 -9.32 29.05
N GLU D 277 46.86 -10.45 29.59
CA GLU D 277 47.44 -11.55 28.82
C GLU D 277 46.42 -12.26 27.91
N TYR D 278 45.11 -12.17 28.25
CA TYR D 278 44.02 -12.75 27.47
C TYR D 278 43.43 -11.71 26.55
N GLN D 279 43.13 -10.50 27.11
CA GLN D 279 42.55 -9.33 26.42
C GLN D 279 43.36 -8.89 25.19
N LYS D 280 44.70 -9.05 25.26
CA LYS D 280 45.59 -8.71 24.14
C LYS D 280 45.26 -9.47 22.84
N ASP D 281 44.66 -10.68 22.97
CA ASP D 281 44.30 -11.56 21.84
C ASP D 281 42.88 -11.36 21.30
N LEU D 282 42.01 -10.61 22.02
CA LEU D 282 40.63 -10.37 21.60
C LEU D 282 40.52 -9.79 20.13
N PRO D 283 41.31 -8.78 19.69
CA PRO D 283 41.20 -8.34 18.27
C PRO D 283 41.75 -9.29 17.17
N ASN D 284 42.47 -10.38 17.54
CA ASN D 284 43.12 -11.27 16.58
C ASN D 284 42.23 -11.72 15.42
N SER D 285 41.00 -12.15 15.71
CA SER D 285 40.09 -12.65 14.67
C SER D 285 38.81 -11.80 14.50
N PHE D 286 38.72 -10.69 15.22
CA PHE D 286 37.54 -9.84 15.21
C PHE D 286 37.90 -8.37 15.52
N ALA D 287 37.37 -7.44 14.73
CA ALA D 287 37.59 -6.01 14.91
C ALA D 287 36.82 -5.50 16.15
N THR D 288 37.52 -5.48 17.30
CA THR D 288 37.06 -5.01 18.59
C THR D 288 38.25 -4.33 19.30
N ALA D 289 37.98 -3.53 20.34
CA ALA D 289 39.03 -2.87 21.11
C ALA D 289 39.01 -3.41 22.55
N PRO D 290 40.10 -4.07 23.03
CA PRO D 290 40.08 -4.59 24.40
C PRO D 290 39.90 -3.44 25.41
N ALA D 291 39.14 -3.71 26.50
CA ALA D 291 38.89 -2.71 27.53
C ALA D 291 40.08 -2.53 28.52
N ASN D 292 40.90 -3.60 28.72
CA ASN D 292 42.09 -3.55 29.60
C ASN D 292 43.20 -2.78 28.88
N MET D 293 43.48 -1.58 29.37
CA MET D 293 44.50 -0.68 28.84
C MET D 293 45.92 -1.30 28.83
N LYS D 294 46.18 -2.27 29.73
CA LYS D 294 47.48 -2.96 29.81
C LYS D 294 47.70 -3.93 28.65
N ALA D 295 46.61 -4.35 27.94
CA ALA D 295 46.68 -5.27 26.79
C ALA D 295 47.36 -4.61 25.59
N TYR D 296 47.27 -3.27 25.52
CA TYR D 296 47.89 -2.47 24.47
C TYR D 296 49.41 -2.45 24.60
N ASP D 297 49.92 -2.53 25.85
CA ASP D 297 51.35 -2.54 26.17
C ASP D 297 51.95 -3.90 25.78
N LEU D 298 51.16 -4.97 25.98
CA LEU D 298 51.51 -6.37 25.72
C LEU D 298 51.43 -6.79 24.25
N ALA D 299 50.44 -6.23 23.51
CA ALA D 299 50.15 -6.60 22.12
C ALA D 299 50.80 -5.73 21.05
N LYS D 300 51.04 -4.42 21.34
CA LYS D 300 51.59 -3.44 20.39
C LYS D 300 50.97 -3.61 19.00
N TYR D 301 49.69 -3.22 18.88
CA TYR D 301 48.96 -3.34 17.61
C TYR D 301 49.48 -2.35 16.57
N THR D 302 49.36 -2.73 15.29
CA THR D 302 49.81 -1.88 14.19
C THR D 302 48.76 -0.79 13.92
N PRO D 303 49.16 0.41 13.39
CA PRO D 303 48.15 1.45 13.11
C PRO D 303 46.98 0.95 12.25
N GLU D 304 47.19 -0.07 11.38
CA GLU D 304 46.15 -0.72 10.58
C GLU D 304 45.08 -1.36 11.49
N LYS D 305 45.52 -2.12 12.51
CA LYS D 305 44.66 -2.82 13.48
C LYS D 305 43.90 -1.79 14.31
N MET D 306 44.62 -0.75 14.77
CA MET D 306 44.10 0.36 15.57
C MET D 306 42.95 1.07 14.89
N ALA D 307 43.07 1.26 13.54
CA ALA D 307 42.12 1.98 12.69
C ALA D 307 40.72 1.41 12.73
N THR D 308 40.60 0.10 12.99
CA THR D 308 39.28 -0.57 13.07
C THR D 308 38.68 -0.55 14.49
N MET D 309 39.44 -0.10 15.49
CA MET D 309 39.01 -0.06 16.90
C MET D 309 38.26 1.20 17.25
N ALA D 310 37.12 1.02 17.89
CA ALA D 310 36.22 2.11 18.26
C ALA D 310 36.84 3.15 19.19
N SER D 311 37.71 2.69 20.11
CA SER D 311 38.38 3.49 21.13
C SER D 311 39.65 4.19 20.65
N ALA D 312 40.04 4.01 19.36
CA ALA D 312 41.20 4.71 18.78
C ALA D 312 40.92 6.23 18.71
N PRO D 313 41.89 7.08 19.13
CA PRO D 313 41.65 8.54 19.16
C PRO D 313 41.05 9.19 17.90
N GLU D 314 41.50 8.76 16.70
CA GLU D 314 40.96 9.29 15.43
C GLU D 314 39.47 8.93 15.22
N ASN D 315 39.05 7.74 15.72
CA ASN D 315 37.66 7.29 15.66
C ASN D 315 36.80 7.89 16.75
N VAL D 316 37.36 8.05 17.96
CA VAL D 316 36.69 8.65 19.14
C VAL D 316 36.21 10.07 18.84
N ALA D 317 37.03 10.87 18.12
CA ALA D 317 36.76 12.26 17.75
C ALA D 317 35.42 12.50 17.04
N VAL D 318 34.97 11.53 16.20
CA VAL D 318 33.73 11.68 15.42
C VAL D 318 32.54 10.91 16.02
N GLN D 319 32.73 10.33 17.20
CA GLN D 319 31.71 9.55 17.91
C GLN D 319 31.20 10.29 19.14
N TYR D 320 30.26 9.65 19.85
CA TYR D 320 29.74 10.11 21.13
C TYR D 320 29.61 8.82 21.96
N SER D 321 29.81 8.92 23.26
CA SER D 321 29.71 7.80 24.19
C SER D 321 28.27 7.52 24.56
N VAL D 322 27.91 6.22 24.63
CA VAL D 322 26.60 5.81 25.11
C VAL D 322 26.50 6.32 26.57
N ASP D 323 25.28 6.71 26.99
CA ASP D 323 25.03 7.17 28.34
C ASP D 323 24.15 6.18 29.10
N PRO D 324 24.78 5.35 29.97
CA PRO D 324 24.00 4.37 30.74
C PRO D 324 22.96 5.03 31.63
N ASN D 325 23.23 6.27 32.11
CA ASN D 325 22.28 7.02 32.94
C ASN D 325 20.97 7.26 32.18
N PHE D 326 21.05 7.64 30.89
CA PHE D 326 19.88 7.85 30.06
C PHE D 326 19.02 6.55 30.03
N TRP D 327 19.67 5.42 29.76
CA TRP D 327 19.02 4.12 29.66
C TRP D 327 18.52 3.62 31.02
N ALA D 328 19.12 4.08 32.12
CA ALA D 328 18.69 3.78 33.49
C ALA D 328 17.31 4.43 33.71
N LYS D 329 17.05 5.58 33.11
CA LYS D 329 15.78 6.30 33.26
C LYS D 329 14.74 5.94 32.20
N HIS D 330 15.14 5.81 30.91
CA HIS D 330 14.11 5.69 29.88
C HIS D 330 14.10 4.40 29.06
N ALA D 331 14.78 3.33 29.52
CA ALA D 331 14.83 2.07 28.75
C ALA D 331 13.44 1.44 28.48
N LYS D 332 12.54 1.46 29.48
CA LYS D 332 11.20 0.88 29.37
C LYS D 332 10.34 1.66 28.36
N TRP D 333 10.36 3.01 28.44
CA TRP D 333 9.66 3.87 27.47
C TRP D 333 10.23 3.62 26.04
N ALA D 334 11.55 3.59 25.90
CA ALA D 334 12.21 3.38 24.60
C ALA D 334 11.90 2.04 23.95
N SER D 335 11.91 0.95 24.76
CA SER D 335 11.62 -0.40 24.30
C SER D 335 10.17 -0.47 23.77
N GLU D 336 9.18 0.11 24.47
CA GLU D 336 7.78 0.11 24.02
C GLU D 336 7.54 1.02 22.82
N ALA D 337 8.08 2.27 22.87
CA ALA D 337 7.93 3.20 21.75
C ALA D 337 8.61 2.65 20.47
N TYR D 338 9.83 2.06 20.61
CA TYR D 338 10.54 1.45 19.45
C TYR D 338 9.83 0.22 18.89
N ASP D 339 9.23 -0.61 19.76
CA ASP D 339 8.46 -1.80 19.33
C ASP D 339 7.28 -1.35 18.46
N ASN D 340 6.67 -0.20 18.80
CA ASN D 340 5.55 0.35 18.03
C ASN D 340 6.02 0.85 16.62
N VAL D 341 7.21 1.42 16.54
CA VAL D 341 7.81 1.90 15.28
C VAL D 341 8.00 0.70 14.31
N ARG D 342 8.53 -0.42 14.81
CA ARG D 342 8.83 -1.63 14.03
C ARG D 342 7.62 -2.50 13.66
N LEU D 343 6.41 -2.15 14.13
CA LEU D 343 5.22 -2.92 13.83
C LEU D 343 4.48 -2.31 12.65
OAB N72 E . -7.62 15.02 3.20
CAF N72 E . -8.97 15.47 2.85
CAG N72 E . -9.36 15.11 1.43
OAC N72 E . -8.65 15.93 0.47
CAH N72 E . -9.21 13.62 1.08
OAM N72 E . -10.03 12.82 1.95
CAI N72 E . -9.47 13.34 -0.39
OAD N72 E . -10.83 13.38 -0.75
CAJ N72 E . -8.79 12.06 -0.87
OAE N72 E . -7.75 11.74 -0.37
CAK N72 E . -9.27 11.23 -2.10
N N72 E . -10.22 10.19 -1.87
CA N72 E . -10.50 9.52 -3.11
C N72 E . -11.98 9.71 -3.54
O N72 E . -12.40 9.12 -4.59
CB N72 E . -10.15 8.06 -3.10
CG N72 E . -11.15 7.11 -2.39
CD N72 E . -10.43 5.83 -1.87
OE1 N72 E . -10.61 4.71 -2.43
OE2 N72 E . -9.64 5.91 -0.90
OXT N72 E . -12.77 10.46 -2.91
C1 EDO F . -16.23 -1.86 -8.97
O1 EDO F . -15.19 -2.15 -9.93
C2 EDO F . -17.43 -2.84 -9.16
O2 EDO F . -18.56 -2.53 -8.33
C1 EDO G . -20.45 21.01 3.94
O1 EDO G . -19.33 20.43 3.30
C2 EDO G . -20.78 20.23 5.24
O2 EDO G . -22.03 19.59 5.11
C1 EDO H . -19.12 30.51 10.27
O1 EDO H . -19.66 31.69 9.68
C2 EDO H . -19.49 29.27 9.41
O2 EDO H . -18.82 29.33 8.16
CA CA I . -18.73 8.77 -7.28
CA CA J . 6.85 7.99 -0.47
CA CA K . -14.48 13.85 -3.31
OAB N72 L . -34.80 25.33 -21.70
CAF N72 L . -33.52 24.70 -21.44
CAG N72 L . -33.45 24.10 -20.07
OAC N72 L . -33.51 25.13 -19.09
CAH N72 L . -34.51 23.01 -19.83
OAM N72 L . -34.45 22.03 -20.84
CAI N72 L . -34.48 22.36 -18.46
OAD N72 L . -33.32 21.60 -18.24
CAJ N72 L . -35.73 21.56 -18.19
OAE N72 L . -36.74 21.86 -18.76
CAK N72 L . -35.79 20.46 -17.08
N N72 L . -35.65 19.09 -17.51
CA N72 L . -35.88 18.23 -16.38
C N72 L . -34.59 17.43 -16.03
O N72 L . -34.62 16.58 -15.05
CB N72 L . -37.04 17.31 -16.55
CG N72 L . -36.72 16.06 -17.40
CD N72 L . -38.00 15.49 -18.10
OE1 N72 L . -38.56 14.45 -17.62
OE2 N72 L . -38.45 16.06 -19.14
OXT N72 L . -33.52 17.62 -16.68
C1 EDO M . -57.23 36.87 -7.83
O1 EDO M . -57.66 36.21 -9.02
C2 EDO M . -58.43 37.35 -6.94
O2 EDO M . -58.35 36.89 -5.58
CA CA N . -35.88 8.72 -12.26
OAB N72 O . 13.67 -23.22 -5.87
CAF N72 O . 14.04 -22.04 -5.10
CAG N72 O . 14.70 -22.41 -3.79
OAC N72 O . 13.71 -22.90 -2.87
CAH N72 O . 15.88 -23.36 -3.97
OAM N72 O . 16.82 -22.80 -4.89
CAI N72 O . 16.57 -23.80 -2.71
OAD N72 O . 17.38 -22.77 -2.14
CAJ N72 O . 17.37 -25.10 -2.89
OAE N72 O . 17.05 -25.87 -3.76
CAK N72 O . 18.51 -25.51 -1.90
N N72 O . 19.86 -25.25 -2.30
CA N72 O . 20.80 -25.74 -1.32
C N72 O . 21.54 -24.58 -0.61
O N72 O . 22.53 -24.81 0.17
CB N72 O . 21.82 -26.68 -1.91
CG N72 O . 22.93 -25.95 -2.71
CD N72 O . 23.77 -26.87 -3.64
OE1 N72 O . 23.25 -27.26 -4.71
OE2 N72 O . 24.97 -27.16 -3.30
OXT N72 O . 21.16 -23.41 -0.74
C1 EDO P . 10.99 -16.67 -28.23
O1 EDO P . 10.00 -16.53 -27.20
C2 EDO P . 11.45 -18.15 -28.37
O2 EDO P . 10.48 -18.93 -29.03
C1 EDO Q . 14.28 -43.06 -4.82
O1 EDO Q . 15.28 -42.54 -5.70
C2 EDO Q . 13.01 -42.15 -4.77
O2 EDO Q . 12.01 -42.70 -3.88
C1 PEG R . 16.56 -8.07 -2.78
O1 PEG R . 17.91 -8.24 -2.64
C2 PEG R . 15.87 -9.46 -3.10
O2 PEG R . 16.18 -10.38 -2.02
C3 PEG R . 15.04 -11.01 -1.41
C4 PEG R . 15.52 -11.90 -0.28
O4 PEG R . 14.64 -13.02 -0.12
OAB N72 S . 22.77 -6.70 26.73
CAF N72 S . 22.50 -7.74 25.77
CAG N72 S . 22.80 -7.32 24.34
OAC N72 S . 21.87 -6.33 23.85
CAH N72 S . 24.22 -6.81 24.15
OAM N72 S . 25.22 -7.63 24.75
CAI N72 S . 24.53 -6.60 22.69
OAD N72 S . 24.65 -7.83 22.03
CAJ N72 S . 25.73 -5.70 22.46
OAE N72 S . 26.07 -4.89 23.28
CAK N72 S . 26.48 -5.71 21.10
N N72 S . 27.73 -6.44 21.09
CA N72 S . 28.32 -6.18 19.81
C N72 S . 28.31 -7.42 18.90
O N72 S . 27.68 -8.43 19.27
CB N72 S . 29.69 -5.61 19.93
CG N72 S . 30.80 -6.67 20.06
CD N72 S . 32.12 -6.07 20.67
OE1 N72 S . 33.16 -5.93 19.95
OE2 N72 S . 32.12 -5.70 21.86
OXT N72 S . 28.90 -7.45 17.79
CA CA T . 45.03 -6.27 10.31
#